data_7PLS
#
_entry.id   7PLS
#
_cell.length_a   1.00
_cell.length_b   1.00
_cell.length_c   1.00
_cell.angle_alpha   90.00
_cell.angle_beta   90.00
_cell.angle_gamma   90.00
#
_symmetry.space_group_name_H-M   'P 1'
#
loop_
_entity.id
_entity.type
_entity.pdbx_description
1 polymer 'Tissue alpha-L-fucosidase'
2 non-polymer 2-acetamido-2-deoxy-beta-D-glucopyranose
3 water water
#
_entity_poly.entity_id   1
_entity_poly.type   'polypeptide(L)'
_entity_poly.pdbx_seq_one_letter_code
;GQPPRRYTPDWPSLDSRPLPAWFDEAKFGVFIHWGVFSVPAWGSEWFWWHWQGEGRPQYQRFMRDNYPPGFSYADFGPQF
TARFFHPEEWADLFQAAGAKYVVLTTKHHEGFTNWPSPVSWNWNSKDVGPHRDLVGELGTALRKRNIRYGLYHSLLEWFH
PLYLLDKKNGFKTQHFVSAKTMPELYDLVNSYKPDLIWSDGEWECPDTYWNSTNFLSWLYNDSPVKDEVVVNDRWGQNCS
CHHGGYYNCEDKFKPQSLPDHKWEMCTSIDKFSWGYRRDMALSDVTEESEIISELVQTVSLGGNYLLNIGPTKDGLIVPI
FQERLLAVGKWLSINGEAIYASKPWRVQWEKNTTSVWYTSKGSAVYAIFLHWPENGVLNLESPITTSTTKITMLGIQGDL
KWSTDPDKGLFISLPQLPPSAVPAEFAWTIKLTGVK
;
_entity_poly.pdbx_strand_id   A,B,C,D
#
loop_
_chem_comp.id
_chem_comp.type
_chem_comp.name
_chem_comp.formula
NAG D-saccharide, beta linking 2-acetamido-2-deoxy-beta-D-glucopyranose 'C8 H15 N O6'
#
# COMPACT_ATOMS: atom_id res chain seq x y z
N ARG A 6 7.37 -4.31 55.02
CA ARG A 6 6.12 -4.96 54.69
C ARG A 6 4.99 -3.94 54.59
N TYR A 7 4.16 -4.07 53.57
CA TYR A 7 3.07 -3.15 53.32
C TYR A 7 1.79 -3.92 53.07
N THR A 8 0.68 -3.37 53.52
CA THR A 8 -0.63 -3.98 53.34
C THR A 8 -1.38 -3.30 52.21
N PRO A 9 -2.32 -4.01 51.56
CA PRO A 9 -3.02 -3.41 50.41
C PRO A 9 -4.01 -2.32 50.80
N ASP A 10 -3.53 -1.26 51.47
CA ASP A 10 -4.35 -0.11 51.78
C ASP A 10 -3.52 1.14 51.65
N TRP A 11 -4.18 2.25 51.32
CA TRP A 11 -3.48 3.49 51.04
C TRP A 11 -2.67 4.03 52.23
N PRO A 12 -3.17 4.01 53.48
CA PRO A 12 -2.33 4.53 54.58
C PRO A 12 -1.01 3.80 54.73
N SER A 13 -0.97 2.49 54.48
CA SER A 13 0.29 1.75 54.54
C SER A 13 1.17 2.04 53.34
N LEU A 14 0.57 2.10 52.14
CA LEU A 14 1.37 2.28 50.92
C LEU A 14 1.99 3.67 50.87
N ASP A 15 1.25 4.69 51.33
CA ASP A 15 1.75 6.06 51.29
C ASP A 15 2.86 6.31 52.29
N SER A 16 3.05 5.43 53.27
CA SER A 16 4.12 5.59 54.26
C SER A 16 5.47 5.13 53.76
N ARG A 17 5.54 4.52 52.58
CA ARG A 17 6.82 4.07 52.05
C ARG A 17 7.66 5.26 51.60
N PRO A 18 8.87 5.43 52.12
CA PRO A 18 9.71 6.54 51.66
C PRO A 18 10.19 6.32 50.23
N LEU A 19 10.24 7.41 49.48
CA LEU A 19 10.72 7.33 48.10
C LEU A 19 12.23 7.11 48.08
N PRO A 20 12.73 6.25 47.21
CA PRO A 20 14.18 6.16 47.01
C PRO A 20 14.75 7.49 46.53
N ALA A 21 15.98 7.78 46.97
CA ALA A 21 16.56 9.10 46.76
C ALA A 21 16.91 9.36 45.30
N TRP A 22 17.01 8.33 44.47
CA TRP A 22 17.42 8.53 43.08
C TRP A 22 16.44 9.42 42.34
N PHE A 23 15.15 9.28 42.61
CA PHE A 23 14.15 10.07 41.90
C PHE A 23 14.29 11.56 42.22
N ASP A 24 14.46 11.88 43.51
CA ASP A 24 14.61 13.27 43.90
C ASP A 24 15.94 13.86 43.43
N GLU A 25 16.99 13.03 43.36
CA GLU A 25 18.27 13.52 42.86
C GLU A 25 18.34 13.57 41.34
N ALA A 26 17.39 12.94 40.64
CA ALA A 26 17.45 12.90 39.18
C ALA A 26 17.05 14.25 38.57
N LYS A 27 16.00 14.88 39.11
CA LYS A 27 15.53 16.19 38.69
C LYS A 27 14.96 16.22 37.28
N PHE A 28 15.79 15.94 36.27
CA PHE A 28 15.39 16.09 34.89
C PHE A 28 15.18 14.74 34.23
N GLY A 29 14.05 14.60 33.55
CA GLY A 29 13.74 13.37 32.82
C GLY A 29 13.13 13.68 31.47
N VAL A 30 13.10 12.65 30.63
CA VAL A 30 12.60 12.78 29.27
C VAL A 30 11.43 11.82 29.08
N PHE A 31 10.31 12.34 28.60
CA PHE A 31 9.10 11.58 28.34
C PHE A 31 9.02 11.25 26.84
N ILE A 32 8.64 10.01 26.53
CA ILE A 32 8.51 9.54 25.16
C ILE A 32 7.10 9.02 24.96
N HIS A 33 6.33 9.68 24.10
CA HIS A 33 5.01 9.22 23.68
C HIS A 33 5.15 8.64 22.29
N TRP A 34 5.03 7.31 22.18
CA TRP A 34 5.29 6.61 20.92
C TRP A 34 4.32 5.44 20.81
N GLY A 35 3.70 5.30 19.64
CA GLY A 35 2.72 4.25 19.46
C GLY A 35 2.09 4.31 18.09
N VAL A 36 0.95 3.63 17.96
CA VAL A 36 0.24 3.60 16.69
C VAL A 36 -0.30 4.97 16.32
N PHE A 37 -0.57 5.82 17.31
CA PHE A 37 -1.03 7.18 17.02
C PHE A 37 0.00 7.99 16.26
N SER A 38 1.26 7.54 16.23
CA SER A 38 2.29 8.22 15.46
C SER A 38 2.12 7.99 13.96
N VAL A 39 1.31 7.01 13.55
CA VAL A 39 1.12 6.74 12.14
C VAL A 39 0.27 7.83 11.50
N PRO A 40 -0.93 8.15 12.00
CA PRO A 40 -1.62 9.33 11.47
C PRO A 40 -0.88 10.62 11.72
N ALA A 41 -0.23 10.75 12.87
CA ALA A 41 0.58 11.93 13.23
C ALA A 41 -0.18 13.23 13.00
N TRP A 42 -1.44 13.25 13.45
CA TRP A 42 -2.30 14.39 13.20
C TRP A 42 -3.18 14.62 14.42
N GLY A 43 -3.30 15.89 14.82
CA GLY A 43 -4.15 16.26 15.94
C GLY A 43 -3.49 16.06 17.28
N SER A 44 -3.44 14.81 17.74
CA SER A 44 -2.85 14.45 19.03
C SER A 44 -2.82 12.93 19.12
N GLU A 45 -2.28 12.44 20.23
CA GLU A 45 -2.31 11.01 20.52
C GLU A 45 -3.71 10.52 20.88
N TRP A 46 -4.67 11.43 21.07
CA TRP A 46 -6.06 11.09 21.29
C TRP A 46 -6.83 10.93 19.98
N PHE A 47 -6.13 10.61 18.89
CA PHE A 47 -6.74 10.55 17.56
C PHE A 47 -7.92 9.59 17.53
N TRP A 48 -7.75 8.39 18.08
CA TRP A 48 -8.79 7.37 17.99
C TRP A 48 -10.05 7.81 18.71
N TRP A 49 -9.92 8.38 19.90
CA TRP A 49 -11.09 8.82 20.64
C TRP A 49 -11.76 10.03 19.98
N HIS A 50 -10.97 10.98 19.49
CA HIS A 50 -11.55 12.14 18.83
C HIS A 50 -12.22 11.78 17.52
N TRP A 51 -11.78 10.69 16.88
CA TRP A 51 -12.30 10.29 15.59
C TRP A 51 -13.53 9.40 15.70
N GLN A 52 -13.48 8.37 16.54
CA GLN A 52 -14.58 7.43 16.71
C GLN A 52 -15.36 7.62 17.99
N GLY A 53 -14.70 7.97 19.09
CA GLY A 53 -15.41 8.18 20.34
C GLY A 53 -16.32 9.39 20.32
N GLU A 54 -15.85 10.48 19.72
CA GLU A 54 -16.62 11.71 19.65
C GLU A 54 -17.08 12.07 18.24
N GLY A 55 -16.48 11.50 17.21
CA GLY A 55 -16.86 11.79 15.84
C GLY A 55 -16.66 13.24 15.45
N ARG A 56 -15.51 13.80 15.79
CA ARG A 56 -15.22 15.18 15.44
C ARG A 56 -15.13 15.32 13.93
N PRO A 57 -15.78 16.35 13.35
CA PRO A 57 -15.79 16.45 11.87
C PRO A 57 -14.41 16.61 11.25
N GLN A 58 -13.48 17.27 11.92
CA GLN A 58 -12.16 17.46 11.32
C GLN A 58 -11.40 16.14 11.20
N TYR A 59 -11.52 15.27 12.20
CA TYR A 59 -10.87 13.96 12.12
C TYR A 59 -11.51 13.09 11.04
N GLN A 60 -12.83 13.15 10.91
CA GLN A 60 -13.51 12.41 9.85
C GLN A 60 -13.10 12.93 8.48
N ARG A 61 -12.95 14.25 8.33
CA ARG A 61 -12.49 14.82 7.07
C ARG A 61 -11.06 14.38 6.77
N PHE A 62 -10.19 14.35 7.78
CA PHE A 62 -8.82 13.88 7.58
C PHE A 62 -8.81 12.42 7.14
N MET A 63 -9.63 11.58 7.77
CA MET A 63 -9.72 10.18 7.39
C MET A 63 -10.24 10.03 5.96
N ARG A 64 -11.24 10.83 5.59
CA ARG A 64 -11.79 10.76 4.24
C ARG A 64 -10.75 11.16 3.20
N ASP A 65 -10.03 12.24 3.44
CA ASP A 65 -9.09 12.78 2.46
C ASP A 65 -7.75 12.06 2.42
N ASN A 66 -7.43 11.26 3.44
CA ASN A 66 -6.11 10.62 3.48
C ASN A 66 -6.12 9.11 3.36
N TYR A 67 -7.25 8.44 3.56
CA TYR A 67 -7.29 6.99 3.56
C TYR A 67 -8.56 6.50 2.87
N PRO A 68 -8.56 5.27 2.37
CA PRO A 68 -9.74 4.77 1.67
C PRO A 68 -10.92 4.65 2.63
N PRO A 69 -12.14 4.67 2.11
CA PRO A 69 -13.32 4.56 2.98
C PRO A 69 -13.33 3.22 3.72
N GLY A 70 -13.88 3.25 4.92
CA GLY A 70 -13.92 2.07 5.77
C GLY A 70 -12.64 1.79 6.53
N PHE A 71 -11.60 2.61 6.33
CA PHE A 71 -10.35 2.44 7.05
C PHE A 71 -10.58 2.50 8.56
N SER A 72 -10.03 1.54 9.27
CA SER A 72 -10.17 1.46 10.72
C SER A 72 -8.84 1.77 11.39
N TYR A 73 -8.90 2.02 12.70
CA TYR A 73 -7.70 2.39 13.44
C TYR A 73 -6.71 1.23 13.49
N ALA A 74 -7.20 0.00 13.61
CA ALA A 74 -6.31 -1.15 13.62
C ALA A 74 -5.55 -1.29 12.31
N ASP A 75 -6.10 -0.78 11.20
CA ASP A 75 -5.37 -0.79 9.94
C ASP A 75 -4.12 0.08 9.98
N PHE A 76 -4.03 0.99 10.95
CA PHE A 76 -2.79 1.74 11.17
C PHE A 76 -1.67 0.85 11.67
N GLY A 77 -1.99 -0.31 12.24
CA GLY A 77 -1.01 -1.16 12.87
C GLY A 77 0.15 -1.58 11.98
N PRO A 78 -0.15 -2.13 10.80
CA PRO A 78 0.95 -2.53 9.89
C PRO A 78 1.80 -1.36 9.40
N GLN A 79 1.27 -0.13 9.42
CA GLN A 79 2.01 1.02 8.92
C GLN A 79 2.99 1.59 9.93
N PHE A 80 3.02 1.06 11.15
CA PHE A 80 3.95 1.51 12.19
C PHE A 80 5.28 0.77 12.03
N THR A 81 5.95 1.07 10.92
CA THR A 81 7.11 0.29 10.52
C THR A 81 8.29 0.48 11.47
N ALA A 82 8.57 1.73 11.85
CA ALA A 82 9.66 2.06 12.78
C ALA A 82 10.99 1.48 12.30
N ARG A 83 11.26 1.64 11.00
CA ARG A 83 12.44 1.06 10.39
C ARG A 83 13.71 1.87 10.61
N PHE A 84 13.59 3.11 11.10
CA PHE A 84 14.75 3.93 11.42
C PHE A 84 14.94 4.07 12.92
N PHE A 85 14.42 3.13 13.70
CA PHE A 85 14.57 3.15 15.15
C PHE A 85 15.97 2.69 15.54
N HIS A 86 16.71 3.56 16.22
CA HIS A 86 18.04 3.26 16.71
C HIS A 86 18.10 3.64 18.19
N PRO A 87 17.80 2.71 19.08
CA PRO A 87 17.76 3.04 20.52
C PRO A 87 19.08 3.57 21.05
N GLU A 88 20.22 3.16 20.49
CA GLU A 88 21.50 3.69 20.94
C GLU A 88 21.60 5.18 20.66
N GLU A 89 21.15 5.62 19.49
CA GLU A 89 21.13 7.05 19.18
C GLU A 89 20.21 7.80 20.13
N TRP A 90 19.04 7.24 20.41
CA TRP A 90 18.12 7.86 21.37
C TRP A 90 18.78 8.03 22.73
N ALA A 91 19.44 6.97 23.21
CA ALA A 91 20.05 7.03 24.53
C ALA A 91 21.22 8.00 24.56
N ASP A 92 22.00 8.08 23.48
CA ASP A 92 23.06 9.07 23.40
C ASP A 92 22.50 10.48 23.43
N LEU A 93 21.41 10.72 22.71
CA LEU A 93 20.78 12.04 22.74
C LEU A 93 20.26 12.38 24.13
N PHE A 94 19.66 11.42 24.81
CA PHE A 94 19.13 11.66 26.14
C PHE A 94 20.26 11.92 27.15
N GLN A 95 21.38 11.23 27.00
CA GLN A 95 22.53 11.52 27.84
C GLN A 95 23.09 12.91 27.56
N ALA A 96 23.15 13.30 26.28
CA ALA A 96 23.64 14.63 25.93
C ALA A 96 22.70 15.72 26.43
N ALA A 97 21.41 15.42 26.54
CA ALA A 97 20.43 16.39 27.02
C ALA A 97 20.45 16.56 28.53
N GLY A 98 21.24 15.77 29.25
CA GLY A 98 21.29 15.85 30.69
C GLY A 98 20.22 15.09 31.42
N ALA A 99 19.43 14.28 30.71
CA ALA A 99 18.35 13.54 31.33
C ALA A 99 18.89 12.44 32.22
N LYS A 100 18.34 12.32 33.42
CA LYS A 100 18.73 11.27 34.35
C LYS A 100 17.78 10.08 34.33
N TYR A 101 16.56 10.26 33.84
CA TYR A 101 15.63 9.15 33.66
C TYR A 101 14.82 9.39 32.39
N VAL A 102 14.41 8.28 31.77
CA VAL A 102 13.63 8.30 30.55
C VAL A 102 12.41 7.43 30.75
N VAL A 103 11.23 8.00 30.52
CA VAL A 103 9.96 7.30 30.69
C VAL A 103 9.35 7.11 29.30
N LEU A 104 9.17 5.86 28.91
CA LEU A 104 8.61 5.51 27.61
C LEU A 104 7.20 4.97 27.77
N THR A 105 6.28 5.39 26.89
CA THR A 105 4.93 4.86 26.91
C THR A 105 4.95 3.42 26.40
N THR A 106 4.68 2.45 27.27
CA THR A 106 4.62 1.06 26.86
C THR A 106 3.26 0.74 26.22
N LYS A 107 2.19 1.35 26.71
CA LYS A 107 0.86 1.14 26.15
C LYS A 107 -0.01 2.33 26.51
N HIS A 108 -0.57 2.98 25.50
CA HIS A 108 -1.43 4.14 25.68
C HIS A 108 -2.89 3.70 25.67
N HIS A 109 -3.81 4.67 25.62
CA HIS A 109 -5.24 4.36 25.65
C HIS A 109 -5.70 3.59 24.41
N GLU A 110 -4.90 3.57 23.35
CA GLU A 110 -5.26 2.78 22.17
C GLU A 110 -5.13 1.28 22.42
N GLY A 111 -4.43 0.87 23.47
CA GLY A 111 -4.29 -0.53 23.82
C GLY A 111 -3.14 -1.24 23.14
N PHE A 112 -2.41 -0.57 22.26
CA PHE A 112 -1.30 -1.19 21.54
C PHE A 112 -0.08 -1.23 22.45
N THR A 113 0.33 -2.43 22.84
CA THR A 113 1.51 -2.58 23.70
C THR A 113 2.78 -2.53 22.87
N ASN A 114 3.78 -1.81 23.37
CA ASN A 114 5.06 -1.69 22.71
C ASN A 114 6.03 -2.80 23.08
N TRP A 115 5.52 -3.92 23.59
CA TRP A 115 6.29 -5.10 23.92
C TRP A 115 5.43 -6.32 23.62
N PRO A 116 6.06 -7.50 23.44
CA PRO A 116 5.27 -8.69 23.12
C PRO A 116 4.41 -9.17 24.28
N SER A 117 3.30 -8.47 24.52
CA SER A 117 2.42 -8.82 25.63
C SER A 117 1.63 -10.08 25.29
N PRO A 118 1.64 -11.10 26.16
CA PRO A 118 0.83 -12.30 25.89
C PRO A 118 -0.66 -12.04 25.79
N VAL A 119 -1.17 -11.01 26.46
CA VAL A 119 -2.59 -10.72 26.46
C VAL A 119 -2.94 -9.59 25.49
N SER A 120 -2.06 -9.32 24.53
CA SER A 120 -2.32 -8.33 23.49
C SER A 120 -1.90 -8.90 22.13
N TRP A 121 -2.33 -10.13 21.86
CA TRP A 121 -1.90 -10.83 20.65
C TRP A 121 -2.38 -10.09 19.40
N ASN A 122 -1.45 -9.87 18.47
CA ASN A 122 -1.67 -9.20 17.20
C ASN A 122 -2.06 -7.74 17.36
N TRP A 123 -1.88 -7.18 18.56
CA TRP A 123 -2.02 -5.75 18.83
C TRP A 123 -0.85 -5.27 19.64
N ASN A 124 0.34 -5.76 19.32
CA ASN A 124 1.57 -5.38 19.99
C ASN A 124 2.62 -5.10 18.93
N SER A 125 3.75 -4.56 19.37
CA SER A 125 4.78 -4.13 18.42
C SER A 125 5.52 -5.32 17.81
N LYS A 126 5.51 -6.47 18.49
CA LYS A 126 6.18 -7.65 17.95
C LYS A 126 5.37 -8.29 16.82
N ASP A 127 4.05 -8.40 17.01
CA ASP A 127 3.23 -9.10 16.04
C ASP A 127 2.99 -8.28 14.78
N VAL A 128 2.72 -6.98 14.93
CA VAL A 128 2.46 -6.10 13.80
C VAL A 128 3.32 -4.85 13.96
N GLY A 129 3.53 -4.17 12.83
CA GLY A 129 4.23 -2.91 12.82
C GLY A 129 5.74 -3.05 12.89
N PRO A 130 6.33 -2.61 14.00
CA PRO A 130 7.80 -2.65 14.11
C PRO A 130 8.38 -4.06 14.04
N HIS A 131 7.65 -5.06 14.51
CA HIS A 131 8.15 -6.43 14.65
C HIS A 131 9.36 -6.48 15.57
N ARG A 132 9.39 -5.60 16.58
CA ARG A 132 10.47 -5.53 17.54
C ARG A 132 9.90 -5.42 18.94
N ASP A 133 10.78 -5.58 19.92
CA ASP A 133 10.46 -5.28 21.32
C ASP A 133 11.03 -3.88 21.60
N LEU A 134 10.21 -2.87 21.40
CA LEU A 134 10.68 -1.50 21.57
C LEU A 134 11.05 -1.20 23.01
N VAL A 135 10.24 -1.68 23.96
CA VAL A 135 10.52 -1.46 25.38
C VAL A 135 11.85 -2.09 25.76
N GLY A 136 12.07 -3.33 25.33
CA GLY A 136 13.31 -4.01 25.68
C GLY A 136 14.54 -3.37 25.05
N GLU A 137 14.45 -3.00 23.78
CA GLU A 137 15.60 -2.38 23.10
C GLU A 137 15.94 -1.04 23.74
N LEU A 138 14.93 -0.21 23.99
CA LEU A 138 15.19 1.07 24.64
C LEU A 138 15.75 0.88 26.04
N GLY A 139 15.22 -0.10 26.78
CA GLY A 139 15.74 -0.35 28.11
C GLY A 139 17.18 -0.81 28.11
N THR A 140 17.55 -1.67 27.16
CA THR A 140 18.94 -2.10 27.05
C THR A 140 19.85 -0.90 26.74
N ALA A 141 19.43 -0.07 25.79
CA ALA A 141 20.25 1.09 25.42
C ALA A 141 20.41 2.05 26.59
N LEU A 142 19.33 2.27 27.36
CA LEU A 142 19.39 3.20 28.48
C LEU A 142 20.21 2.62 29.63
N ARG A 143 20.07 1.32 29.89
CA ARG A 143 20.81 0.69 30.98
C ARG A 143 22.31 0.65 30.69
N LYS A 144 22.69 0.51 29.41
CA LYS A 144 24.10 0.58 29.08
C LYS A 144 24.72 1.92 29.45
N ARG A 145 23.91 2.99 29.45
CA ARG A 145 24.38 4.33 29.77
C ARG A 145 24.02 4.77 31.18
N ASN A 146 23.54 3.85 32.02
CA ASN A 146 23.22 4.14 33.42
C ASN A 146 22.15 5.23 33.54
N ILE A 147 21.13 5.15 32.69
CA ILE A 147 19.99 6.05 32.74
C ILE A 147 18.79 5.29 33.30
N ARG A 148 18.09 5.90 34.25
CA ARG A 148 16.95 5.25 34.87
C ARG A 148 15.80 5.09 33.89
N TYR A 149 15.04 4.01 34.05
CA TYR A 149 14.01 3.63 33.11
C TYR A 149 12.63 3.71 33.78
N GLY A 150 11.70 4.35 33.09
CA GLY A 150 10.33 4.44 33.55
C GLY A 150 9.39 3.95 32.47
N LEU A 151 8.36 3.24 32.90
CA LEU A 151 7.37 2.67 32.00
C LEU A 151 6.03 3.37 32.23
N TYR A 152 5.53 4.03 31.19
CA TYR A 152 4.20 4.62 31.23
C TYR A 152 3.18 3.56 30.84
N HIS A 153 2.16 3.37 31.68
CA HIS A 153 1.12 2.41 31.43
C HIS A 153 -0.24 3.08 31.62
N SER A 154 -1.09 2.97 30.61
CA SER A 154 -2.45 3.49 30.70
C SER A 154 -3.37 2.37 31.16
N LEU A 155 -4.09 2.60 32.25
CA LEU A 155 -4.98 1.58 32.78
C LEU A 155 -6.15 1.32 31.83
N LEU A 156 -6.83 2.38 31.40
CA LEU A 156 -8.00 2.20 30.55
C LEU A 156 -7.59 2.06 29.09
N GLU A 157 -8.48 1.43 28.32
CA GLU A 157 -8.41 1.41 26.88
C GLU A 157 -9.76 1.84 26.33
N TRP A 158 -9.74 2.77 25.37
CA TRP A 158 -10.97 3.43 24.93
C TRP A 158 -12.00 2.41 24.45
N PHE A 159 -11.60 1.53 23.53
CA PHE A 159 -12.54 0.70 22.80
C PHE A 159 -12.34 -0.79 23.02
N HIS A 160 -11.58 -1.18 24.03
CA HIS A 160 -11.42 -2.60 24.33
C HIS A 160 -12.76 -3.18 24.76
N PRO A 161 -13.20 -4.29 24.18
CA PRO A 161 -14.55 -4.81 24.51
C PRO A 161 -14.75 -5.13 25.97
N LEU A 162 -13.74 -5.66 26.65
CA LEU A 162 -13.90 -6.01 28.06
C LEU A 162 -14.00 -4.77 28.94
N TYR A 163 -13.24 -3.73 28.63
CA TYR A 163 -13.36 -2.48 29.37
C TYR A 163 -14.73 -1.85 29.15
N LEU A 164 -15.23 -1.89 27.91
CA LEU A 164 -16.57 -1.38 27.64
C LEU A 164 -17.62 -2.19 28.38
N LEU A 165 -17.44 -3.51 28.47
CA LEU A 165 -18.37 -4.35 29.22
C LEU A 165 -18.35 -4.00 30.70
N ASP A 166 -17.18 -3.79 31.26
CA ASP A 166 -17.09 -3.38 32.67
C ASP A 166 -17.74 -2.02 32.89
N LYS A 167 -17.54 -1.09 31.95
CA LYS A 167 -18.17 0.22 32.08
C LYS A 167 -19.68 0.13 32.00
N LYS A 168 -20.20 -0.75 31.13
CA LYS A 168 -21.64 -0.96 31.05
C LYS A 168 -22.19 -1.53 32.36
N ASN A 169 -21.42 -2.42 32.99
CA ASN A 169 -21.82 -3.03 34.25
C ASN A 169 -21.56 -2.15 35.46
N GLY A 170 -21.34 -0.86 35.27
CA GLY A 170 -21.07 0.02 36.39
C GLY A 170 -19.76 -0.22 37.09
N PHE A 171 -18.79 -0.84 36.39
CA PHE A 171 -17.49 -1.18 36.95
C PHE A 171 -17.62 -2.09 38.18
N LYS A 172 -18.68 -2.89 38.22
CA LYS A 172 -18.84 -3.89 39.27
C LYS A 172 -18.09 -5.18 38.93
N THR A 173 -18.05 -5.54 37.65
CA THR A 173 -17.20 -6.64 37.20
C THR A 173 -15.78 -6.13 36.94
N GLN A 174 -14.85 -7.06 36.90
CA GLN A 174 -13.44 -6.75 36.67
C GLN A 174 -12.85 -7.65 35.60
N HIS A 175 -13.60 -7.86 34.51
CA HIS A 175 -13.12 -8.71 33.42
C HIS A 175 -11.89 -8.11 32.76
N PHE A 176 -11.93 -6.80 32.48
CA PHE A 176 -10.80 -6.13 31.84
C PHE A 176 -9.56 -6.14 32.72
N VAL A 177 -9.75 -5.90 34.02
CA VAL A 177 -8.61 -5.82 34.94
C VAL A 177 -7.92 -7.17 35.04
N SER A 178 -8.69 -8.25 35.18
CA SER A 178 -8.08 -9.57 35.33
C SER A 178 -7.57 -10.12 34.01
N ALA A 179 -8.14 -9.69 32.88
CA ALA A 179 -7.72 -10.19 31.59
C ALA A 179 -6.51 -9.45 31.03
N LYS A 180 -6.48 -8.13 31.14
CA LYS A 180 -5.44 -7.33 30.50
C LYS A 180 -4.58 -6.55 31.49
N THR A 181 -5.20 -5.79 32.40
CA THR A 181 -4.48 -4.80 33.18
C THR A 181 -3.43 -5.44 34.09
N MET A 182 -3.87 -6.26 35.04
CA MET A 182 -2.94 -6.86 36.00
C MET A 182 -1.90 -7.75 35.35
N PRO A 183 -2.23 -8.68 34.43
CA PRO A 183 -1.16 -9.46 33.79
C PRO A 183 -0.14 -8.59 33.07
N GLU A 184 -0.58 -7.51 32.43
CA GLU A 184 0.35 -6.65 31.71
C GLU A 184 1.25 -5.89 32.67
N LEU A 185 0.69 -5.40 33.79
CA LEU A 185 1.53 -4.73 34.78
C LEU A 185 2.56 -5.68 35.37
N TYR A 186 2.14 -6.91 35.68
CA TYR A 186 3.09 -7.89 36.23
C TYR A 186 4.16 -8.24 35.22
N ASP A 187 3.79 -8.38 33.94
CA ASP A 187 4.79 -8.66 32.92
C ASP A 187 5.74 -7.49 32.73
N LEU A 188 5.23 -6.26 32.80
CA LEU A 188 6.08 -5.08 32.64
C LEU A 188 7.02 -4.90 33.82
N VAL A 189 6.64 -5.37 35.00
CA VAL A 189 7.53 -5.26 36.16
C VAL A 189 8.54 -6.40 36.21
N ASN A 190 8.07 -7.64 36.00
CA ASN A 190 8.96 -8.79 36.07
C ASN A 190 10.05 -8.74 35.01
N SER A 191 9.69 -8.33 33.80
CA SER A 191 10.66 -8.07 32.74
C SER A 191 10.95 -6.59 32.67
N TYR A 192 12.15 -6.25 32.20
CA TYR A 192 12.61 -4.88 31.98
C TYR A 192 12.92 -4.15 33.28
N LYS A 193 12.55 -4.72 34.43
CA LYS A 193 12.83 -4.22 35.78
C LYS A 193 12.77 -2.69 35.85
N PRO A 194 11.59 -2.09 35.73
CA PRO A 194 11.52 -0.62 35.66
C PRO A 194 11.98 0.04 36.95
N ASP A 195 12.58 1.22 36.78
CA ASP A 195 12.87 2.08 37.92
C ASP A 195 11.70 2.99 38.28
N LEU A 196 10.80 3.24 37.33
CA LEU A 196 9.66 4.12 37.55
C LEU A 196 8.44 3.55 36.86
N ILE A 197 7.27 3.73 37.48
CA ILE A 197 6.00 3.37 36.88
C ILE A 197 5.14 4.63 36.80
N TRP A 198 4.76 5.00 35.58
CA TRP A 198 3.97 6.20 35.31
C TRP A 198 2.58 5.73 34.90
N SER A 199 1.67 5.67 35.86
CA SER A 199 0.32 5.21 35.58
C SER A 199 -0.52 6.33 34.99
N ASP A 200 -1.50 5.95 34.19
CA ASP A 200 -2.41 6.90 33.58
C ASP A 200 -3.72 6.18 33.25
N GLY A 201 -4.66 6.92 32.66
CA GLY A 201 -5.93 6.35 32.27
C GLY A 201 -6.75 5.84 33.43
N GLU A 202 -6.86 6.64 34.48
CA GLU A 202 -7.50 6.22 35.72
C GLU A 202 -8.67 7.10 36.15
N TRP A 203 -9.05 8.09 35.34
CA TRP A 203 -10.04 9.06 35.77
C TRP A 203 -11.47 8.54 35.69
N GLU A 204 -11.68 7.33 35.18
CA GLU A 204 -13.03 6.80 34.99
C GLU A 204 -13.47 5.82 36.07
N CYS A 205 -12.53 5.19 36.78
CA CYS A 205 -12.88 4.12 37.70
C CYS A 205 -12.22 4.35 39.05
N PRO A 206 -12.83 3.86 40.13
CA PRO A 206 -12.18 3.91 41.43
C PRO A 206 -10.98 2.98 41.50
N ASP A 207 -10.11 3.25 42.49
CA ASP A 207 -8.94 2.41 42.68
C ASP A 207 -9.29 0.99 43.07
N THR A 208 -10.48 0.78 43.65
CA THR A 208 -10.90 -0.59 43.97
C THR A 208 -11.08 -1.42 42.72
N TYR A 209 -11.65 -0.84 41.66
CA TYR A 209 -11.82 -1.56 40.41
C TYR A 209 -10.48 -1.90 39.78
N TRP A 210 -9.52 -0.98 39.82
CA TRP A 210 -8.23 -1.17 39.16
C TRP A 210 -7.29 -2.07 39.94
N ASN A 211 -7.66 -2.49 41.15
CA ASN A 211 -6.83 -3.36 41.98
C ASN A 211 -5.49 -2.70 42.31
N SER A 212 -5.48 -1.37 42.38
CA SER A 212 -4.24 -0.62 42.51
C SER A 212 -3.51 -0.95 43.82
N THR A 213 -4.24 -1.04 44.92
CA THR A 213 -3.61 -1.27 46.21
C THR A 213 -2.92 -2.63 46.26
N ASN A 214 -3.56 -3.66 45.72
CA ASN A 214 -2.95 -5.00 45.72
C ASN A 214 -1.69 -5.02 44.85
N PHE A 215 -1.76 -4.44 43.66
CA PHE A 215 -0.58 -4.40 42.80
C PHE A 215 0.55 -3.61 43.43
N LEU A 216 0.21 -2.51 44.10
CA LEU A 216 1.25 -1.70 44.73
C LEU A 216 1.86 -2.41 45.93
N SER A 217 1.06 -3.14 46.70
CA SER A 217 1.60 -3.93 47.79
C SER A 217 2.53 -5.02 47.28
N TRP A 218 2.14 -5.69 46.19
CA TRP A 218 3.03 -6.68 45.59
C TRP A 218 4.31 -6.03 45.08
N LEU A 219 4.21 -4.85 44.46
CA LEU A 219 5.38 -4.17 43.93
C LEU A 219 6.33 -3.77 45.06
N TYR A 220 5.78 -3.30 46.17
CA TYR A 220 6.61 -2.87 47.30
C TYR A 220 7.09 -4.03 48.17
N ASN A 221 6.51 -5.22 48.03
CA ASN A 221 6.84 -6.34 48.90
C ASN A 221 7.63 -7.43 48.18
N ASP A 222 7.12 -7.95 47.06
CA ASP A 222 7.69 -9.15 46.44
C ASP A 222 8.16 -8.92 45.01
N SER A 223 8.28 -7.68 44.59
CA SER A 223 8.67 -7.49 43.20
C SER A 223 10.19 -7.44 43.06
N PRO A 224 10.73 -7.72 41.87
CA PRO A 224 12.18 -7.62 41.68
C PRO A 224 12.73 -6.21 41.84
N VAL A 225 11.89 -5.19 41.74
CA VAL A 225 12.32 -3.80 41.87
C VAL A 225 11.77 -3.17 43.14
N LYS A 226 11.51 -3.97 44.18
CA LYS A 226 10.79 -3.48 45.35
C LYS A 226 11.52 -2.35 46.05
N ASP A 227 12.84 -2.28 45.92
CA ASP A 227 13.60 -1.26 46.65
C ASP A 227 13.61 0.07 45.91
N GLU A 228 14.19 0.11 44.72
CA GLU A 228 14.38 1.36 43.98
C GLU A 228 13.33 1.50 42.88
N VAL A 229 12.08 1.65 43.29
CA VAL A 229 10.98 1.89 42.35
C VAL A 229 10.11 3.01 42.90
N VAL A 230 9.63 3.86 41.99
CA VAL A 230 8.75 4.97 42.34
C VAL A 230 7.55 4.93 41.40
N VAL A 231 6.39 5.35 41.91
CA VAL A 231 5.17 5.41 41.11
C VAL A 231 4.55 6.79 41.28
N ASN A 232 3.70 7.16 40.31
CA ASN A 232 3.00 8.43 40.35
C ASN A 232 1.66 8.24 41.05
N ASP A 233 0.78 9.22 40.93
CA ASP A 233 -0.45 9.29 41.72
C ASP A 233 -1.70 8.91 40.93
N ARG A 234 -1.56 8.38 39.71
CA ARG A 234 -2.72 8.12 38.85
C ARG A 234 -3.09 6.65 38.95
N TRP A 235 -3.71 6.29 40.07
CA TRP A 235 -4.07 4.89 40.33
C TRP A 235 -5.58 4.71 40.55
N GLY A 236 -6.39 5.67 40.16
CA GLY A 236 -7.82 5.55 40.32
C GLY A 236 -8.46 6.91 40.40
N GLN A 237 -9.79 6.90 40.49
CA GLN A 237 -10.53 8.14 40.66
C GLN A 237 -10.22 8.76 42.02
N ASN A 238 -10.05 10.09 42.03
CA ASN A 238 -9.74 10.86 43.23
C ASN A 238 -8.42 10.42 43.87
N CYS A 239 -7.59 9.67 43.14
CA CYS A 239 -6.28 9.27 43.63
C CYS A 239 -5.18 10.22 43.20
N SER A 240 -5.42 11.04 42.19
CA SER A 240 -4.42 11.98 41.71
C SER A 240 -4.12 13.01 42.78
N CYS A 241 -2.82 13.28 43.00
CA CYS A 241 -2.35 14.28 43.95
C CYS A 241 -2.78 13.98 45.38
N HIS A 242 -3.20 12.75 45.66
CA HIS A 242 -3.61 12.34 46.99
C HIS A 242 -2.93 11.06 47.46
N HIS A 243 -2.74 10.12 46.54
CA HIS A 243 -2.19 8.81 46.86
C HIS A 243 -1.09 8.44 45.88
N GLY A 244 -0.01 7.85 46.37
CA GLY A 244 1.06 7.38 45.51
C GLY A 244 2.44 7.78 45.98
N GLY A 245 3.46 7.46 45.17
CA GLY A 245 4.83 7.82 45.49
C GLY A 245 5.06 9.32 45.40
N TYR A 246 5.01 9.85 44.19
CA TYR A 246 5.07 11.28 43.96
C TYR A 246 3.78 11.72 43.26
N TYR A 247 3.57 13.04 43.22
CA TYR A 247 2.31 13.61 42.74
C TYR A 247 2.55 14.31 41.41
N ASN A 248 2.01 13.73 40.33
CA ASN A 248 1.90 14.48 39.09
C ASN A 248 0.74 15.47 39.14
N CYS A 249 -0.27 15.17 39.97
CA CYS A 249 -1.50 15.94 40.04
C CYS A 249 -2.07 16.18 38.66
N GLU A 250 -2.10 17.43 38.20
CA GLU A 250 -2.59 17.75 36.86
C GLU A 250 -1.42 17.86 35.89
N ASP A 251 -1.73 17.65 34.61
CA ASP A 251 -0.71 17.78 33.57
C ASP A 251 -0.21 19.22 33.51
N LYS A 252 1.09 19.37 33.27
CA LYS A 252 1.75 20.67 33.25
C LYS A 252 1.48 21.44 34.54
N PHE A 253 1.66 20.76 35.66
CA PHE A 253 1.36 21.33 36.98
C PHE A 253 2.35 22.44 37.30
N LYS A 254 1.82 23.63 37.62
CA LYS A 254 2.64 24.81 37.92
C LYS A 254 2.20 25.38 39.25
N PRO A 255 2.65 24.79 40.35
CA PRO A 255 2.26 25.29 41.68
C PRO A 255 2.86 26.66 41.95
N GLN A 256 2.15 27.44 42.76
CA GLN A 256 2.61 28.77 43.17
C GLN A 256 3.46 28.71 44.42
N SER A 257 3.05 27.93 45.42
CA SER A 257 3.80 27.77 46.65
C SER A 257 4.49 26.41 46.66
N LEU A 258 5.33 26.22 47.68
CA LEU A 258 6.10 24.99 47.79
C LEU A 258 5.20 23.85 48.25
N PRO A 259 5.06 22.77 47.48
CA PRO A 259 4.27 21.63 47.95
C PRO A 259 5.00 20.87 49.05
N ASP A 260 4.20 20.18 49.88
CA ASP A 260 4.74 19.40 50.99
C ASP A 260 5.03 17.95 50.61
N HIS A 261 4.83 17.58 49.34
CA HIS A 261 5.09 16.23 48.87
C HIS A 261 5.89 16.30 47.59
N LYS A 262 6.71 15.28 47.36
CA LYS A 262 7.49 15.20 46.12
C LYS A 262 6.55 15.16 44.93
N TRP A 263 6.83 16.01 43.94
CA TRP A 263 5.96 16.15 42.79
C TRP A 263 6.79 16.17 41.53
N GLU A 264 6.10 16.12 40.39
CA GLU A 264 6.77 16.10 39.09
C GLU A 264 5.94 16.89 38.10
N MET A 265 6.61 17.69 37.28
CA MET A 265 5.96 18.45 36.21
C MET A 265 6.19 17.74 34.90
N CYS A 266 5.10 17.39 34.21
CA CYS A 266 5.18 16.78 32.89
C CYS A 266 4.73 17.80 31.86
N THR A 267 5.61 18.12 30.91
CA THR A 267 5.31 19.07 29.87
C THR A 267 5.84 18.54 28.54
N SER A 268 5.25 19.02 27.45
CA SER A 268 5.59 18.57 26.12
C SER A 268 6.18 19.72 25.31
N ILE A 269 7.19 19.41 24.50
CA ILE A 269 7.77 20.41 23.62
C ILE A 269 6.73 20.90 22.62
N ASP A 270 5.95 19.98 22.06
CA ASP A 270 4.79 20.34 21.25
C ASP A 270 3.64 20.74 22.19
N LYS A 271 3.21 22.00 22.11
CA LYS A 271 2.23 22.51 23.06
C LYS A 271 0.84 21.93 22.85
N PHE A 272 0.57 21.31 21.70
CA PHE A 272 -0.77 20.85 21.38
C PHE A 272 -0.87 19.34 21.21
N SER A 273 0.19 18.59 21.52
CA SER A 273 0.15 17.15 21.40
C SER A 273 1.34 16.54 22.12
N TRP A 274 1.09 15.45 22.85
CA TRP A 274 2.18 14.65 23.39
C TRP A 274 2.76 13.73 22.33
N GLY A 275 1.93 13.24 21.41
CA GLY A 275 2.42 12.47 20.30
C GLY A 275 2.93 13.33 19.16
N TYR A 276 3.68 12.70 18.26
CA TYR A 276 4.25 13.42 17.13
C TYR A 276 3.15 13.88 16.17
N ARG A 277 3.33 15.08 15.62
CA ARG A 277 2.44 15.64 14.61
C ARG A 277 3.26 16.01 13.39
N ARG A 278 2.87 15.50 12.23
CA ARG A 278 3.63 15.76 11.01
C ARG A 278 3.58 17.23 10.61
N ASP A 279 2.45 17.91 10.84
CA ASP A 279 2.27 19.29 10.45
C ASP A 279 2.51 20.26 11.60
N MET A 280 3.43 19.90 12.51
CA MET A 280 3.79 20.79 13.60
C MET A 280 4.35 22.10 13.06
N ALA A 281 3.84 23.21 13.57
CA ALA A 281 4.33 24.53 13.20
C ALA A 281 5.46 24.95 14.14
N LEU A 282 6.26 25.92 13.67
CA LEU A 282 7.32 26.44 14.51
C LEU A 282 6.77 27.16 15.74
N SER A 283 5.59 27.78 15.61
CA SER A 283 4.95 28.42 16.75
C SER A 283 4.38 27.42 17.75
N ASP A 284 4.22 26.16 17.35
CA ASP A 284 3.74 25.12 18.26
C ASP A 284 4.84 24.52 19.12
N VAL A 285 6.11 24.82 18.81
CA VAL A 285 7.24 24.27 19.53
C VAL A 285 7.60 25.21 20.67
N THR A 286 7.71 24.67 21.88
CA THR A 286 8.07 25.47 23.04
C THR A 286 9.51 25.98 22.89
N GLU A 287 9.70 27.26 23.17
CA GLU A 287 11.04 27.85 23.08
C GLU A 287 11.94 27.32 24.17
N GLU A 288 13.24 27.33 23.89
CA GLU A 288 14.30 26.85 24.82
C GLU A 288 14.34 27.74 26.06
N SER A 289 14.01 29.03 25.90
CA SER A 289 14.00 29.96 27.07
C SER A 289 12.86 29.55 28.01
N GLU A 290 11.70 29.21 27.45
CA GLU A 290 10.51 28.80 28.24
C GLU A 290 10.75 27.42 28.86
N ILE A 291 11.46 26.53 28.13
CA ILE A 291 11.74 25.17 28.66
C ILE A 291 12.68 25.28 29.87
N ILE A 292 13.77 26.04 29.72
CA ILE A 292 14.76 26.23 30.82
C ILE A 292 14.09 26.94 32.01
N SER A 293 13.20 27.90 31.71
CA SER A 293 12.49 28.66 32.77
C SER A 293 11.60 27.74 33.61
N GLU A 294 10.80 26.89 32.96
CA GLU A 294 9.90 25.95 33.68
C GLU A 294 10.73 24.96 34.50
N LEU A 295 11.86 24.52 33.96
CA LEU A 295 12.74 23.54 34.66
C LEU A 295 13.28 24.19 35.93
N VAL A 296 13.74 25.44 35.83
CA VAL A 296 14.31 26.18 36.99
C VAL A 296 13.21 26.37 38.05
N GLN A 297 12.00 26.76 37.63
CA GLN A 297 10.92 26.94 38.60
C GLN A 297 10.51 25.62 39.24
N THR A 298 10.49 24.54 38.44
CA THR A 298 10.11 23.24 38.98
C THR A 298 11.14 22.73 39.99
N VAL A 299 12.43 22.85 39.67
CA VAL A 299 13.47 22.38 40.58
C VAL A 299 13.52 23.23 41.83
N SER A 300 13.32 24.55 41.69
CA SER A 300 13.34 25.44 42.85
C SER A 300 12.22 25.07 43.82
N LEU A 301 11.05 24.73 43.32
CA LEU A 301 9.91 24.37 44.14
C LEU A 301 9.90 22.89 44.52
N GLY A 302 11.05 22.22 44.47
CA GLY A 302 11.15 20.83 44.88
C GLY A 302 10.41 19.84 44.00
N GLY A 303 10.49 20.01 42.67
CA GLY A 303 9.83 19.11 41.77
C GLY A 303 10.80 18.55 40.73
N ASN A 304 10.34 17.52 40.04
CA ASN A 304 11.07 16.90 38.94
C ASN A 304 10.49 17.39 37.63
N TYR A 305 11.34 17.54 36.62
CA TYR A 305 10.95 18.06 35.33
C TYR A 305 10.99 16.95 34.29
N LEU A 306 9.83 16.65 33.70
CA LEU A 306 9.69 15.57 32.72
C LEU A 306 9.28 16.19 31.39
N LEU A 307 10.22 16.27 30.46
CA LEU A 307 10.00 16.88 29.15
C LEU A 307 9.67 15.80 28.13
N ASN A 308 8.63 16.05 27.33
CA ASN A 308 8.08 15.03 26.43
C ASN A 308 8.47 15.31 24.98
N ILE A 309 8.82 14.24 24.27
CA ILE A 309 9.04 14.30 22.83
C ILE A 309 8.21 13.19 22.18
N GLY A 310 7.87 13.39 20.91
CA GLY A 310 7.12 12.41 20.18
C GLY A 310 7.85 11.95 18.93
N PRO A 311 8.30 10.70 18.93
CA PRO A 311 8.97 10.15 17.74
C PRO A 311 8.00 9.90 16.60
N THR A 312 8.54 9.90 15.40
CA THR A 312 7.74 9.61 14.22
C THR A 312 7.45 8.11 14.13
N LYS A 313 6.56 7.74 13.22
CA LYS A 313 6.23 6.34 13.02
C LYS A 313 7.41 5.54 12.48
N ASP A 314 8.46 6.20 11.99
CA ASP A 314 9.68 5.55 11.55
C ASP A 314 10.73 5.45 12.65
N GLY A 315 10.41 5.88 13.87
CA GLY A 315 11.37 5.81 14.95
C GLY A 315 12.40 6.91 14.97
N LEU A 316 12.07 8.09 14.45
CA LEU A 316 13.00 9.20 14.36
C LEU A 316 12.55 10.33 15.28
N ILE A 317 13.54 11.01 15.88
CA ILE A 317 13.31 12.22 16.64
C ILE A 317 13.70 13.40 15.76
N VAL A 318 12.75 14.28 15.48
CA VAL A 318 12.91 15.34 14.49
C VAL A 318 13.97 16.33 14.95
N PRO A 319 14.66 17.02 14.03
CA PRO A 319 15.78 17.89 14.45
C PRO A 319 15.39 19.00 15.40
N ILE A 320 14.14 19.47 15.39
CA ILE A 320 13.75 20.54 16.31
C ILE A 320 13.72 20.03 17.75
N PHE A 321 13.22 18.81 17.96
CA PHE A 321 13.24 18.22 19.29
C PHE A 321 14.67 17.99 19.75
N GLN A 322 15.53 17.51 18.84
CA GLN A 322 16.94 17.35 19.17
C GLN A 322 17.57 18.68 19.55
N GLU A 323 17.23 19.75 18.83
CA GLU A 323 17.78 21.07 19.15
C GLU A 323 17.35 21.53 20.54
N ARG A 324 16.07 21.36 20.87
CA ARG A 324 15.60 21.75 22.19
C ARG A 324 16.30 20.94 23.28
N LEU A 325 16.38 19.62 23.10
CA LEU A 325 17.00 18.77 24.11
C LEU A 325 18.49 19.09 24.28
N LEU A 326 19.19 19.34 23.16
CA LEU A 326 20.60 19.65 23.24
C LEU A 326 20.85 21.03 23.84
N ALA A 327 19.95 21.99 23.61
CA ALA A 327 20.08 23.27 24.28
C ALA A 327 19.90 23.12 25.79
N VAL A 328 18.94 22.28 26.19
CA VAL A 328 18.70 22.03 27.64
C VAL A 328 19.96 21.36 28.22
N GLY A 329 20.56 20.41 27.49
CA GLY A 329 21.76 19.76 27.96
C GLY A 329 22.96 20.68 28.02
N LYS A 330 23.07 21.60 27.06
CA LYS A 330 24.16 22.58 27.08
C LYS A 330 24.03 23.52 28.28
N TRP A 331 22.79 23.90 28.58
CA TRP A 331 22.54 24.77 29.75
C TRP A 331 22.87 24.01 31.03
N LEU A 332 22.52 22.72 31.08
CA LEU A 332 22.78 21.89 32.25
C LEU A 332 24.27 21.60 32.43
N SER A 333 25.05 21.46 31.35
CA SER A 333 26.48 21.22 31.49
C SER A 333 27.16 22.33 32.27
N ILE A 334 26.58 23.52 32.29
CA ILE A 334 27.10 24.65 33.04
C ILE A 334 26.44 24.76 34.42
N ASN A 335 25.12 24.62 34.48
CA ASN A 335 24.37 24.90 35.70
C ASN A 335 23.85 23.65 36.40
N GLY A 336 24.49 22.49 36.20
CA GLY A 336 23.99 21.27 36.80
C GLY A 336 24.13 21.23 38.31
N GLU A 337 25.24 21.74 38.84
CA GLU A 337 25.48 21.66 40.27
C GLU A 337 24.48 22.48 41.08
N ALA A 338 23.71 23.34 40.44
CA ALA A 338 22.59 24.03 41.07
C ALA A 338 21.27 23.29 40.90
N ILE A 339 21.26 22.17 40.19
CA ILE A 339 20.02 21.47 39.88
C ILE A 339 20.07 20.05 40.42
N TYR A 340 21.04 19.26 39.97
CA TYR A 340 21.11 17.86 40.33
C TYR A 340 21.40 17.69 41.82
N ALA A 341 20.62 16.82 42.48
CA ALA A 341 20.79 16.51 43.90
C ALA A 341 20.70 17.77 44.77
N SER A 342 19.83 18.69 44.38
CA SER A 342 19.60 19.92 45.12
C SER A 342 18.27 19.84 45.85
N LYS A 343 18.08 20.76 46.79
CA LYS A 343 16.85 20.85 47.56
C LYS A 343 16.38 22.29 47.62
N PRO A 344 15.08 22.52 47.79
CA PRO A 344 14.58 23.89 47.89
C PRO A 344 15.13 24.60 49.12
N TRP A 345 15.33 25.92 48.97
CA TRP A 345 15.79 26.76 50.05
C TRP A 345 14.60 27.21 50.89
N ARG A 346 14.81 28.18 51.78
CA ARG A 346 13.75 28.66 52.66
C ARG A 346 12.87 29.71 52.02
N VAL A 347 13.25 30.25 50.86
CA VAL A 347 12.48 31.29 50.18
C VAL A 347 12.00 30.81 48.81
N GLN A 348 12.91 30.22 48.02
CA GLN A 348 12.65 29.59 46.73
C GLN A 348 12.38 30.58 45.60
N TRP A 349 12.19 31.87 45.92
CA TRP A 349 12.13 32.91 44.90
C TRP A 349 12.07 34.27 45.59
N GLU A 350 12.76 35.24 45.00
CA GLU A 350 12.67 36.62 45.47
C GLU A 350 11.37 37.23 44.96
N LYS A 351 10.58 37.81 45.89
CA LYS A 351 9.30 38.39 45.55
C LYS A 351 9.41 39.84 45.11
N ASN A 352 10.63 40.39 45.04
CA ASN A 352 10.81 41.78 44.66
C ASN A 352 11.89 42.02 43.62
N THR A 353 12.52 40.98 43.08
CA THR A 353 13.60 41.16 42.11
C THR A 353 13.20 40.56 40.76
N THR A 354 14.16 40.55 39.84
CA THR A 354 13.91 40.15 38.45
C THR A 354 13.97 38.63 38.33
N SER A 355 12.89 38.00 38.80
CA SER A 355 12.64 36.57 38.61
C SER A 355 13.85 35.72 39.01
N VAL A 356 14.16 35.75 40.31
CA VAL A 356 15.25 34.98 40.88
C VAL A 356 14.66 33.82 41.66
N TRP A 357 15.17 32.61 41.41
CA TRP A 357 14.73 31.40 42.07
C TRP A 357 15.89 30.79 42.84
N TYR A 358 15.59 30.09 43.92
CA TYR A 358 16.60 29.63 44.86
C TYR A 358 16.64 28.12 44.94
N THR A 359 17.85 27.56 44.83
CA THR A 359 18.11 26.18 45.17
C THR A 359 19.20 26.15 46.24
N SER A 360 19.36 25.01 46.90
CA SER A 360 20.38 24.87 47.91
C SER A 360 21.00 23.48 47.85
N LYS A 361 22.32 23.42 47.97
CA LYS A 361 23.04 22.14 48.03
C LYS A 361 24.10 22.27 49.12
N GLY A 362 23.96 21.47 50.17
CA GLY A 362 24.89 21.57 51.28
C GLY A 362 24.80 22.94 51.92
N SER A 363 25.94 23.63 52.01
CA SER A 363 25.99 24.99 52.51
C SER A 363 25.94 26.03 51.39
N ALA A 364 25.87 25.61 50.14
CA ALA A 364 25.85 26.52 49.00
C ALA A 364 24.42 26.86 48.62
N VAL A 365 24.18 28.14 48.32
CA VAL A 365 22.89 28.63 47.90
C VAL A 365 23.01 29.15 46.48
N TYR A 366 22.15 28.68 45.58
CA TYR A 366 22.21 29.06 44.18
C TYR A 366 21.00 29.94 43.86
N ALA A 367 21.26 31.11 43.30
CA ALA A 367 20.24 32.01 42.80
C ALA A 367 20.27 31.97 41.28
N ILE A 368 19.26 31.36 40.69
CA ILE A 368 19.14 31.26 39.24
C ILE A 368 18.19 32.37 38.79
N PHE A 369 18.70 33.29 37.97
CA PHE A 369 17.91 34.40 37.47
C PHE A 369 17.80 34.28 35.95
N LEU A 370 16.60 34.58 35.45
CA LEU A 370 16.27 34.44 34.04
C LEU A 370 16.28 35.77 33.29
N HIS A 371 16.40 36.89 33.99
CA HIS A 371 16.44 38.21 33.37
C HIS A 371 17.72 38.91 33.81
N TRP A 372 18.53 39.32 32.85
CA TRP A 372 19.74 40.06 33.15
C TRP A 372 19.39 41.50 33.47
N PRO A 373 19.76 42.01 34.65
CA PRO A 373 19.42 43.40 34.98
C PRO A 373 20.09 44.37 34.03
N GLU A 374 19.35 45.42 33.67
CA GLU A 374 19.88 46.42 32.75
C GLU A 374 21.04 47.19 33.36
N ASN A 375 20.96 47.47 34.65
CA ASN A 375 21.99 48.27 35.32
C ASN A 375 23.20 47.43 35.74
N GLY A 376 23.13 46.11 35.63
CA GLY A 376 24.28 45.25 35.83
C GLY A 376 24.53 44.79 37.25
N VAL A 377 23.68 45.17 38.21
CA VAL A 377 23.82 44.75 39.60
C VAL A 377 22.57 43.96 39.99
N LEU A 378 22.79 42.77 40.56
CA LEU A 378 21.71 41.90 40.98
C LEU A 378 21.41 42.12 42.45
N ASN A 379 20.15 42.43 42.76
CA ASN A 379 19.71 42.65 44.13
C ASN A 379 19.13 41.36 44.69
N LEU A 380 19.61 40.96 45.86
CA LEU A 380 19.19 39.73 46.54
C LEU A 380 18.87 40.08 47.98
N GLU A 381 17.59 40.24 48.29
CA GLU A 381 17.18 40.63 49.64
C GLU A 381 17.24 39.46 50.62
N SER A 382 16.88 38.26 50.17
CA SER A 382 16.75 37.12 51.08
C SER A 382 18.06 36.69 51.73
N PRO A 383 19.18 36.51 51.01
CA PRO A 383 20.37 35.95 51.66
C PRO A 383 20.92 36.84 52.77
N ILE A 384 21.45 36.21 53.80
CA ILE A 384 22.11 36.89 54.90
C ILE A 384 23.61 36.67 54.75
N THR A 385 24.36 37.76 54.61
CA THR A 385 25.78 37.67 54.33
C THR A 385 26.58 37.49 55.61
N THR A 386 27.57 36.60 55.56
CA THR A 386 28.53 36.41 56.64
C THR A 386 29.90 36.90 56.18
N SER A 387 30.85 36.91 57.11
CA SER A 387 32.19 37.39 56.79
C SER A 387 32.94 36.49 55.82
N THR A 388 32.47 35.27 55.59
CA THR A 388 33.08 34.32 54.67
C THR A 388 32.21 34.09 53.44
N THR A 389 31.59 35.15 52.94
CA THR A 389 30.68 35.05 51.80
C THR A 389 31.45 35.24 50.50
N LYS A 390 31.21 34.35 49.54
CA LYS A 390 31.86 34.41 48.23
C LYS A 390 30.82 34.23 47.14
N ILE A 391 30.89 35.08 46.12
CA ILE A 391 30.00 35.02 44.95
C ILE A 391 30.80 34.43 43.80
N THR A 392 30.20 33.46 43.10
CA THR A 392 30.93 32.67 42.12
C THR A 392 30.50 32.88 40.68
N MET A 393 29.19 33.03 40.42
CA MET A 393 28.67 33.20 39.06
C MET A 393 29.07 32.01 38.18
N LEU A 394 28.44 30.88 38.49
CA LEU A 394 28.64 29.61 37.80
C LEU A 394 28.83 29.79 36.30
N GLY A 395 29.92 29.20 35.78
CA GLY A 395 30.28 29.32 34.39
C GLY A 395 31.40 30.31 34.13
N ILE A 396 31.68 31.20 35.07
CA ILE A 396 32.74 32.19 34.95
C ILE A 396 33.68 32.03 36.14
N GLN A 397 34.98 31.91 35.84
CA GLN A 397 35.99 31.82 36.89
C GLN A 397 36.27 33.21 37.46
N GLY A 398 36.31 33.32 38.78
CA GLY A 398 36.56 34.59 39.42
C GLY A 398 35.42 35.07 40.29
N ASP A 399 35.74 35.61 41.47
CA ASP A 399 34.72 36.09 42.38
C ASP A 399 34.07 37.37 41.85
N LEU A 400 32.95 37.73 42.45
CA LEU A 400 32.20 38.92 42.07
C LEU A 400 32.21 39.93 43.22
N LYS A 401 32.21 41.21 42.84
CA LYS A 401 32.09 42.27 43.84
C LYS A 401 30.67 42.31 44.38
N TRP A 402 30.54 42.48 45.69
CA TRP A 402 29.23 42.54 46.33
C TRP A 402 29.26 43.47 47.53
N SER A 403 28.18 44.22 47.69
CA SER A 403 28.02 45.16 48.79
C SER A 403 26.73 44.84 49.54
N THR A 404 26.80 44.80 50.86
CA THR A 404 25.66 44.48 51.71
C THR A 404 25.04 45.77 52.24
N ASP A 405 23.91 46.15 51.67
CA ASP A 405 23.18 47.31 52.16
C ASP A 405 22.51 46.97 53.50
N PRO A 406 22.62 47.84 54.50
CA PRO A 406 21.95 47.56 55.79
C PRO A 406 20.43 47.51 55.67
N ASP A 407 19.84 48.59 55.16
CA ASP A 407 18.38 48.66 55.03
C ASP A 407 17.89 47.78 53.88
N LYS A 408 18.57 47.82 52.73
CA LYS A 408 18.21 47.03 51.58
C LYS A 408 18.90 45.67 51.65
N GLY A 409 18.89 44.93 50.55
CA GLY A 409 19.50 43.62 50.49
C GLY A 409 20.91 43.65 49.93
N LEU A 410 21.41 42.48 49.57
CA LEU A 410 22.72 42.35 48.96
C LEU A 410 22.69 42.83 47.51
N PHE A 411 23.82 43.39 47.07
CA PHE A 411 23.98 43.87 45.70
C PHE A 411 25.23 43.23 45.11
N ILE A 412 25.06 42.40 44.10
CA ILE A 412 26.14 41.66 43.47
C ILE A 412 26.47 42.31 42.14
N SER A 413 27.74 42.64 41.94
CA SER A 413 28.20 43.22 40.68
C SER A 413 28.41 42.10 39.68
N LEU A 414 27.57 42.04 38.65
CA LEU A 414 27.66 41.00 37.64
C LEU A 414 28.80 41.29 36.67
N PRO A 415 29.40 40.24 36.09
CA PRO A 415 30.47 40.45 35.10
C PRO A 415 29.90 40.98 33.80
N GLN A 416 30.40 42.13 33.36
CA GLN A 416 29.94 42.77 32.13
C GLN A 416 30.63 42.08 30.96
N LEU A 417 29.96 41.06 30.41
CA LEU A 417 30.52 40.27 29.34
C LEU A 417 30.06 40.80 27.98
N PRO A 418 30.94 40.80 26.99
CA PRO A 418 30.54 41.21 25.64
C PRO A 418 29.64 40.16 25.00
N PRO A 419 28.92 40.52 23.93
CA PRO A 419 28.08 39.53 23.26
C PRO A 419 28.90 38.37 22.72
N SER A 420 28.27 37.19 22.68
CA SER A 420 28.91 35.94 22.27
C SER A 420 30.05 35.55 23.21
N ALA A 421 29.92 35.91 24.50
CA ALA A 421 30.88 35.51 25.51
C ALA A 421 30.24 35.00 26.78
N VAL A 422 28.94 35.12 26.95
CA VAL A 422 28.23 34.62 28.14
C VAL A 422 28.27 33.10 28.13
N PRO A 423 28.35 32.44 29.29
CA PRO A 423 28.32 30.97 29.30
C PRO A 423 27.01 30.41 28.79
N ALA A 424 25.89 30.82 29.38
CA ALA A 424 24.57 30.44 28.93
C ALA A 424 23.92 31.60 28.18
N GLU A 425 22.70 31.38 27.71
CA GLU A 425 22.02 32.38 26.90
C GLU A 425 20.69 32.87 27.47
N PHE A 426 20.06 32.14 28.40
CA PHE A 426 18.75 32.53 28.89
C PHE A 426 18.59 32.52 30.40
N ALA A 427 19.45 31.78 31.11
CA ALA A 427 19.36 31.71 32.59
C ALA A 427 20.77 31.62 33.18
N TRP A 428 21.04 32.32 34.29
CA TRP A 428 22.36 32.33 34.89
C TRP A 428 22.26 32.02 36.37
N THR A 429 23.32 31.42 36.91
CA THR A 429 23.33 30.95 38.28
C THR A 429 24.42 31.67 39.07
N ILE A 430 24.05 32.20 40.22
CA ILE A 430 24.97 32.82 41.17
C ILE A 430 25.12 31.86 42.35
N LYS A 431 26.35 31.50 42.68
CA LYS A 431 26.62 30.59 43.79
C LYS A 431 27.13 31.38 44.99
N LEU A 432 26.48 31.20 46.14
CA LEU A 432 26.84 31.87 47.38
C LEU A 432 27.27 30.82 48.40
N THR A 433 28.46 31.00 48.95
CA THR A 433 29.01 30.13 49.98
C THR A 433 29.11 30.91 51.29
N GLY A 434 28.86 30.23 52.40
CA GLY A 434 28.86 30.90 53.69
C GLY A 434 27.74 31.90 53.86
N VAL A 435 26.53 31.55 53.45
CA VAL A 435 25.37 32.42 53.53
C VAL A 435 24.27 31.69 54.28
N LYS A 436 23.66 32.36 55.25
CA LYS A 436 22.56 31.79 56.02
C LYS A 436 21.24 31.98 55.28
N ARG B 6 7.00 -4.80 -55.03
CA ARG B 6 7.06 -3.39 -54.70
C ARG B 6 5.65 -2.80 -54.60
N TYR B 7 5.42 -1.99 -53.57
CA TYR B 7 4.11 -1.40 -53.33
C TYR B 7 4.26 0.09 -53.07
N THR B 8 3.29 0.86 -53.52
CA THR B 8 3.28 2.30 -53.34
C THR B 8 2.35 2.69 -52.21
N PRO B 9 2.59 3.84 -51.56
CA PRO B 9 1.75 4.22 -50.41
C PRO B 9 0.34 4.64 -50.79
N ASP B 10 -0.40 3.77 -51.46
CA ASP B 10 -1.80 4.01 -51.78
C ASP B 10 -2.58 2.72 -51.65
N TRP B 11 -3.86 2.85 -51.31
CA TRP B 11 -4.68 1.68 -51.04
C TRP B 11 -4.83 0.72 -52.23
N PRO B 12 -5.03 1.18 -53.48
CA PRO B 12 -5.14 0.20 -54.58
C PRO B 12 -3.91 -0.68 -54.73
N SER B 13 -2.71 -0.15 -54.47
CA SER B 13 -1.51 -0.98 -54.54
C SER B 13 -1.39 -1.91 -53.34
N LEU B 14 -1.69 -1.39 -52.14
CA LEU B 14 -1.52 -2.18 -50.92
C LEU B 14 -2.51 -3.34 -50.87
N ASP B 15 -3.75 -3.11 -51.33
CA ASP B 15 -4.77 -4.15 -51.29
C ASP B 15 -4.52 -5.27 -52.29
N SER B 16 -3.64 -5.05 -53.27
CA SER B 16 -3.34 -6.08 -54.26
C SER B 16 -2.34 -7.11 -53.76
N ARG B 17 -1.76 -6.92 -52.58
CA ARG B 17 -0.80 -7.88 -52.05
C ARG B 17 -1.52 -9.14 -51.61
N PRO B 18 -1.16 -10.31 -52.13
CA PRO B 18 -1.80 -11.55 -51.66
C PRO B 18 -1.40 -11.88 -50.24
N LEU B 19 -2.36 -12.40 -49.48
CA LEU B 19 -2.08 -12.80 -48.11
C LEU B 19 -1.25 -14.07 -48.08
N PRO B 20 -0.24 -14.15 -47.22
CA PRO B 20 0.45 -15.43 -47.02
C PRO B 20 -0.50 -16.51 -46.54
N ALA B 21 -0.24 -17.74 -46.98
CA ALA B 21 -1.18 -18.83 -46.77
C ALA B 21 -1.28 -19.26 -45.31
N TRP B 22 -0.30 -18.91 -44.48
CA TRP B 22 -0.30 -19.37 -43.09
C TRP B 22 -1.52 -18.87 -42.35
N PHE B 23 -1.95 -17.64 -42.62
CA PHE B 23 -3.10 -17.07 -41.91
C PHE B 23 -4.37 -17.84 -42.24
N ASP B 24 -4.59 -18.13 -43.51
CA ASP B 24 -5.79 -18.86 -43.91
C ASP B 24 -5.74 -20.30 -43.43
N GLU B 25 -4.55 -20.90 -43.37
CA GLU B 25 -4.45 -22.27 -42.87
C GLU B 25 -4.47 -22.36 -41.35
N ALA B 26 -4.30 -21.23 -40.65
CA ALA B 26 -4.24 -21.27 -39.19
C ALA B 26 -5.63 -21.48 -38.58
N LYS B 27 -6.64 -20.80 -39.12
CA LYS B 27 -8.03 -20.94 -38.70
C LYS B 27 -8.30 -20.44 -37.28
N PHE B 28 -7.69 -21.06 -36.28
CA PHE B 28 -7.99 -20.78 -34.89
C PHE B 28 -6.86 -20.00 -34.24
N GLY B 29 -7.22 -18.92 -33.55
CA GLY B 29 -6.24 -18.12 -32.83
C GLY B 29 -6.78 -17.70 -31.47
N VAL B 30 -5.87 -17.23 -30.63
CA VAL B 30 -6.19 -16.83 -29.27
C VAL B 30 -5.82 -15.37 -29.09
N PHE B 31 -6.77 -14.58 -28.60
CA PHE B 31 -6.60 -13.16 -28.34
C PHE B 31 -6.34 -12.95 -26.85
N ILE B 32 -5.38 -12.07 -26.53
CA ILE B 32 -5.01 -11.76 -25.16
C ILE B 32 -5.14 -10.26 -24.97
N HIS B 33 -6.06 -9.85 -24.10
CA HIS B 33 -6.21 -8.46 -23.68
C HIS B 33 -5.62 -8.34 -22.29
N TRP B 34 -4.48 -7.66 -22.18
CA TRP B 34 -3.73 -7.59 -20.93
C TRP B 34 -3.09 -6.22 -20.81
N GLY B 35 -3.23 -5.60 -19.64
CA GLY B 35 -2.70 -4.26 -19.47
C GLY B 35 -3.02 -3.72 -18.09
N VAL B 36 -2.89 -2.40 -17.96
CA VAL B 36 -3.16 -1.74 -16.68
C VAL B 36 -4.63 -1.84 -16.31
N PHE B 37 -5.52 -1.97 -17.31
CA PHE B 37 -6.94 -2.12 -17.02
C PHE B 37 -7.23 -3.41 -16.25
N SER B 38 -6.29 -4.35 -16.23
CA SER B 38 -6.46 -5.58 -15.45
C SER B 38 -6.33 -5.33 -13.96
N VAL B 39 -5.79 -4.18 -13.55
CA VAL B 39 -5.62 -3.89 -12.12
C VAL B 39 -6.98 -3.59 -11.49
N PRO B 40 -7.77 -2.64 -12.00
CA PRO B 40 -9.14 -2.52 -11.46
C PRO B 40 -9.99 -3.74 -11.71
N ALA B 41 -9.83 -4.39 -12.87
CA ALA B 41 -10.55 -5.61 -13.23
C ALA B 41 -12.05 -5.48 -13.00
N TRP B 42 -12.60 -4.36 -13.44
CA TRP B 42 -14.00 -4.06 -13.20
C TRP B 42 -14.59 -3.37 -14.41
N GLY B 43 -15.79 -3.80 -14.81
CA GLY B 43 -16.48 -3.19 -15.92
C GLY B 43 -16.02 -3.70 -17.27
N SER B 44 -14.87 -3.21 -17.73
CA SER B 44 -14.30 -3.58 -19.02
C SER B 44 -12.91 -2.97 -19.11
N GLU B 45 -12.23 -3.25 -20.22
CA GLU B 45 -10.95 -2.61 -20.52
C GLU B 45 -11.11 -1.13 -20.86
N TRP B 46 -12.34 -0.65 -21.06
CA TRP B 46 -12.64 0.75 -21.28
C TRP B 46 -12.82 1.51 -19.97
N PHE B 47 -12.22 1.01 -18.88
CA PHE B 47 -12.44 1.59 -17.55
C PHE B 47 -12.07 3.07 -17.52
N TRP B 48 -10.91 3.43 -18.07
CA TRP B 48 -10.44 4.81 -17.98
C TRP B 48 -11.37 5.76 -18.69
N TRP B 49 -11.83 5.39 -19.89
CA TRP B 49 -12.73 6.27 -20.63
C TRP B 49 -14.10 6.36 -19.97
N HIS B 50 -14.63 5.23 -19.48
CA HIS B 50 -15.93 5.26 -18.82
C HIS B 50 -15.88 6.02 -17.50
N TRP B 51 -14.71 6.10 -16.87
CA TRP B 51 -14.58 6.73 -15.58
C TRP B 51 -14.29 8.23 -15.69
N GLN B 52 -13.34 8.61 -16.53
CA GLN B 52 -12.96 10.01 -16.69
C GLN B 52 -13.47 10.64 -17.97
N GLY B 53 -13.50 9.89 -19.08
CA GLY B 53 -13.99 10.45 -20.33
C GLY B 53 -15.48 10.75 -20.30
N GLU B 54 -16.27 9.86 -19.70
CA GLU B 54 -17.71 10.03 -19.63
C GLU B 54 -18.23 10.29 -18.22
N GLY B 55 -17.45 9.99 -17.19
CA GLY B 55 -17.87 10.22 -15.82
C GLY B 55 -19.11 9.41 -15.43
N ARG B 56 -19.11 8.13 -15.78
CA ARG B 56 -20.24 7.28 -15.42
C ARG B 56 -20.33 7.14 -13.91
N PRO B 57 -21.53 7.28 -13.33
CA PRO B 57 -21.63 7.25 -11.85
C PRO B 57 -21.19 5.94 -11.23
N GLN B 58 -21.38 4.81 -11.90
CA GLN B 58 -20.99 3.53 -11.30
C GLN B 58 -19.47 3.41 -11.18
N TYR B 59 -18.74 3.90 -12.18
CA TYR B 59 -17.28 3.87 -12.09
C TYR B 59 -16.76 4.82 -11.02
N GLN B 60 -17.38 5.99 -10.89
CA GLN B 60 -17.00 6.91 -9.83
C GLN B 60 -17.30 6.32 -8.46
N ARG B 61 -18.43 5.62 -8.32
CA ARG B 61 -18.74 4.96 -7.05
C ARG B 61 -17.73 3.86 -6.75
N PHE B 62 -17.33 3.08 -7.76
CA PHE B 62 -16.32 2.05 -7.57
C PHE B 62 -15.00 2.66 -7.12
N MET B 63 -14.60 3.76 -7.75
CA MET B 63 -13.37 4.43 -7.37
C MET B 63 -13.45 4.97 -5.94
N ARG B 64 -14.60 5.54 -5.58
CA ARG B 64 -14.77 6.06 -4.22
C ARG B 64 -14.69 4.95 -3.18
N ASP B 65 -15.35 3.83 -3.43
CA ASP B 65 -15.44 2.76 -2.44
C ASP B 65 -14.21 1.86 -2.41
N ASN B 66 -13.35 1.91 -3.42
CA ASN B 66 -12.22 0.99 -3.47
C ASN B 66 -10.86 1.65 -3.35
N TYR B 67 -10.73 2.95 -3.54
CA TYR B 67 -9.44 3.61 -3.55
C TYR B 67 -9.54 4.96 -2.86
N PRO B 68 -8.42 5.49 -2.36
CA PRO B 68 -8.47 6.77 -1.66
C PRO B 68 -8.87 7.89 -2.62
N PRO B 69 -9.41 8.99 -2.09
CA PRO B 69 -9.81 10.09 -2.97
C PRO B 69 -8.62 10.68 -3.70
N GLY B 70 -8.87 11.17 -4.91
CA GLY B 70 -7.82 11.70 -5.76
C GLY B 70 -7.03 10.66 -6.52
N PHE B 71 -7.32 9.38 -6.32
CA PHE B 71 -6.63 8.31 -7.04
C PHE B 71 -6.79 8.50 -8.55
N SER B 72 -5.68 8.42 -9.26
CA SER B 72 -5.68 8.57 -10.71
C SER B 72 -5.39 7.24 -11.39
N TYR B 73 -5.64 7.19 -12.69
CA TYR B 73 -5.46 5.95 -13.43
C TYR B 73 -3.99 5.55 -13.48
N ALA B 74 -3.09 6.52 -13.61
CA ALA B 74 -1.67 6.20 -13.62
C ALA B 74 -1.21 5.57 -12.31
N ASP B 75 -1.91 5.85 -11.20
CA ASP B 75 -1.59 5.20 -9.94
C ASP B 75 -1.84 3.70 -9.98
N PHE B 76 -2.63 3.22 -10.95
CA PHE B 76 -2.77 1.79 -11.17
C PHE B 76 -1.49 1.15 -11.67
N GLY B 77 -0.59 1.93 -12.24
CA GLY B 77 0.60 1.41 -12.87
C GLY B 77 1.48 0.54 -11.98
N PRO B 78 1.85 1.05 -10.81
CA PRO B 78 2.68 0.22 -9.90
C PRO B 78 1.99 -1.04 -9.40
N GLN B 79 0.66 -1.09 -9.42
CA GLN B 79 -0.07 -2.25 -8.92
C GLN B 79 -0.17 -3.38 -9.93
N PHE B 80 0.32 -3.18 -11.15
CA PHE B 80 0.31 -4.21 -12.19
C PHE B 80 1.55 -5.09 -12.03
N THR B 81 1.56 -5.84 -10.93
CA THR B 81 2.77 -6.55 -10.53
C THR B 81 3.10 -7.69 -11.48
N ALA B 82 2.09 -8.48 -11.86
CA ALA B 82 2.25 -9.60 -12.79
C ALA B 82 3.35 -10.57 -12.31
N ARG B 83 3.32 -10.88 -11.01
CA ARG B 83 4.35 -11.69 -10.40
C ARG B 83 4.15 -13.19 -10.62
N PHE B 84 2.99 -13.61 -11.11
CA PHE B 84 2.74 -15.01 -11.43
C PHE B 84 2.70 -15.24 -12.93
N PHE B 85 3.32 -14.36 -13.71
CA PHE B 85 3.36 -14.51 -15.16
C PHE B 85 4.38 -15.58 -15.55
N HIS B 86 3.91 -16.62 -16.23
CA HIS B 86 4.75 -17.70 -16.72
C HIS B 86 4.43 -17.91 -18.20
N PRO B 87 5.15 -17.23 -19.09
CA PRO B 87 4.83 -17.35 -20.53
C PRO B 87 4.91 -18.77 -21.06
N GLU B 88 5.77 -19.62 -20.50
CA GLU B 88 5.84 -21.00 -20.95
C GLU B 88 4.53 -21.74 -20.67
N GLU B 89 3.94 -21.51 -19.50
CA GLU B 89 2.64 -22.10 -19.19
C GLU B 89 1.57 -21.60 -20.14
N TRP B 90 1.58 -20.29 -20.43
CA TRP B 90 0.62 -19.73 -21.38
C TRP B 90 0.75 -20.40 -22.75
N ALA B 91 1.99 -20.54 -23.23
CA ALA B 91 2.20 -21.12 -24.54
C ALA B 91 1.81 -22.59 -24.58
N ASP B 92 2.08 -23.33 -23.50
CA ASP B 92 1.64 -24.72 -23.41
C ASP B 92 0.12 -24.81 -23.44
N LEU B 93 -0.56 -23.93 -22.72
CA LEU B 93 -2.03 -23.92 -22.75
C LEU B 93 -2.56 -23.60 -24.14
N PHE B 94 -1.94 -22.64 -24.83
CA PHE B 94 -2.39 -22.27 -26.15
C PHE B 94 -2.14 -23.39 -27.16
N GLN B 95 -1.04 -24.11 -27.01
CA GLN B 95 -0.81 -25.28 -27.85
C GLN B 95 -1.82 -26.38 -27.57
N ALA B 96 -2.15 -26.60 -26.30
CA ALA B 96 -3.14 -27.61 -25.94
C ALA B 96 -4.53 -27.23 -26.44
N ALA B 97 -4.81 -25.93 -26.55
CA ALA B 97 -6.11 -25.47 -27.02
C ALA B 97 -6.26 -25.55 -28.54
N GLY B 98 -5.21 -25.93 -29.26
CA GLY B 98 -5.26 -26.01 -30.70
C GLY B 98 -5.03 -24.71 -31.42
N ALA B 99 -4.63 -23.65 -30.71
CA ALA B 99 -4.43 -22.36 -31.34
C ALA B 99 -3.20 -22.38 -32.23
N LYS B 100 -3.32 -21.83 -33.43
CA LYS B 100 -2.21 -21.73 -34.36
C LYS B 100 -1.54 -20.36 -34.33
N TYR B 101 -2.23 -19.34 -33.85
CA TYR B 101 -1.62 -18.02 -33.67
C TYR B 101 -2.18 -17.39 -32.40
N VAL B 102 -1.35 -16.55 -31.78
CA VAL B 102 -1.70 -15.86 -30.55
C VAL B 102 -1.44 -14.38 -30.76
N VAL B 103 -2.46 -13.55 -30.53
CA VAL B 103 -2.37 -12.11 -30.69
C VAL B 103 -2.46 -11.48 -29.31
N LEU B 104 -1.40 -10.78 -28.91
CA LEU B 104 -1.32 -10.12 -27.61
C LEU B 104 -1.44 -8.61 -27.77
N THR B 105 -2.21 -7.97 -26.89
CA THR B 105 -2.31 -6.52 -26.91
C THR B 105 -1.00 -5.92 -26.40
N THR B 106 -0.24 -5.27 -27.28
CA THR B 106 0.99 -4.61 -26.86
C THR B 106 0.71 -3.25 -26.22
N LYS B 107 -0.30 -2.55 -26.71
CA LYS B 107 -0.69 -1.25 -26.15
C LYS B 107 -2.13 -0.97 -26.51
N HIS B 108 -2.96 -0.75 -25.50
CA HIS B 108 -4.38 -0.46 -25.68
C HIS B 108 -4.60 1.04 -25.67
N HIS B 109 -5.87 1.46 -25.61
CA HIS B 109 -6.20 2.89 -25.64
C HIS B 109 -5.70 3.63 -24.41
N GLU B 110 -5.34 2.92 -23.34
CA GLU B 110 -4.78 3.58 -22.17
C GLU B 110 -3.37 4.10 -22.42
N GLY B 111 -2.70 3.64 -23.47
CA GLY B 111 -1.38 4.10 -23.82
C GLY B 111 -0.24 3.38 -23.14
N PHE B 112 -0.53 2.43 -22.26
CA PHE B 112 0.50 1.69 -21.54
C PHE B 112 1.06 0.61 -22.45
N THR B 113 2.32 0.75 -22.84
CA THR B 113 2.95 -0.25 -23.70
C THR B 113 3.46 -1.42 -22.88
N ASN B 114 3.24 -2.63 -23.38
CA ASN B 114 3.67 -3.84 -22.71
C ASN B 114 5.09 -4.24 -23.09
N TRP B 115 5.88 -3.31 -23.59
CA TRP B 115 7.28 -3.49 -23.93
C TRP B 115 8.01 -2.20 -23.62
N PRO B 116 9.35 -2.26 -23.45
CA PRO B 116 10.09 -1.04 -23.13
C PRO B 116 10.16 -0.05 -24.29
N SER B 117 9.05 0.65 -24.52
CA SER B 117 8.99 1.60 -25.63
C SER B 117 9.79 2.85 -25.29
N PRO B 118 10.72 3.28 -26.16
CA PRO B 118 11.45 4.52 -25.89
C PRO B 118 10.58 5.76 -25.80
N VAL B 119 9.43 5.78 -26.46
CA VAL B 119 8.56 6.94 -26.47
C VAL B 119 7.40 6.77 -25.49
N SER B 120 7.52 5.86 -24.53
CA SER B 120 6.52 5.67 -23.49
C SER B 120 7.21 5.54 -22.13
N TRP B 121 8.15 6.45 -21.87
CA TRP B 121 8.96 6.36 -20.65
C TRP B 121 8.09 6.47 -19.41
N ASN B 122 8.29 5.54 -18.48
CA ASN B 122 7.59 5.45 -17.20
C ASN B 122 6.10 5.18 -17.36
N TRP B 123 5.67 4.78 -18.56
CA TRP B 123 4.32 4.30 -18.83
C TRP B 123 4.38 3.03 -19.65
N ASN B 124 5.34 2.17 -19.32
CA ASN B 124 5.52 0.89 -19.99
C ASN B 124 5.71 -0.18 -18.93
N SER B 125 5.71 -1.44 -19.37
CA SER B 125 5.76 -2.55 -18.42
C SER B 125 7.16 -2.70 -17.82
N LYS B 126 8.19 -2.21 -18.50
CA LYS B 126 9.54 -2.31 -17.96
C LYS B 126 9.77 -1.30 -16.83
N ASP B 127 9.32 -0.06 -17.02
CA ASP B 127 9.60 0.98 -16.05
C ASP B 127 8.75 0.84 -14.78
N VAL B 128 7.47 0.53 -14.93
CA VAL B 128 6.55 0.39 -13.81
C VAL B 128 5.79 -0.92 -13.97
N GLY B 129 5.27 -1.41 -12.84
CA GLY B 129 4.42 -2.57 -12.83
C GLY B 129 5.19 -3.88 -12.90
N PRO B 130 5.06 -4.60 -14.00
CA PRO B 130 5.72 -5.91 -14.11
C PRO B 130 7.24 -5.83 -14.05
N HIS B 131 7.83 -4.74 -14.52
CA HIS B 131 9.28 -4.62 -14.66
C HIS B 131 9.85 -5.69 -15.58
N ARG B 132 9.06 -6.08 -16.59
CA ARG B 132 9.46 -7.09 -17.55
C ARG B 132 9.11 -6.62 -18.95
N ASP B 133 9.63 -7.35 -19.94
CA ASP B 133 9.22 -7.19 -21.33
C ASP B 133 8.21 -8.31 -21.61
N LEU B 134 6.94 -7.99 -21.41
CA LEU B 134 5.90 -9.00 -21.58
C LEU B 134 5.79 -9.47 -23.02
N VAL B 135 5.88 -8.53 -23.97
CA VAL B 135 5.80 -8.87 -25.39
C VAL B 135 6.94 -9.81 -25.77
N GLY B 136 8.15 -9.48 -25.34
CA GLY B 136 9.30 -10.30 -25.69
C GLY B 136 9.25 -11.69 -25.06
N GLU B 137 8.87 -11.77 -23.79
CA GLU B 137 8.80 -13.07 -23.12
C GLU B 137 7.73 -13.96 -23.75
N LEU B 138 6.55 -13.39 -24.00
CA LEU B 138 5.50 -14.18 -24.66
C LEU B 138 5.91 -14.60 -26.06
N GLY B 139 6.58 -13.70 -26.79
CA GLY B 139 7.02 -14.06 -28.13
C GLY B 139 8.04 -15.18 -28.13
N THR B 140 8.99 -15.14 -27.18
CA THR B 140 9.97 -16.21 -27.07
C THR B 140 9.28 -17.55 -26.76
N ALA B 141 8.35 -17.53 -25.80
CA ALA B 141 7.65 -18.76 -25.44
C ALA B 141 6.84 -19.32 -26.61
N LEU B 142 6.19 -18.43 -27.37
CA LEU B 142 5.37 -18.89 -28.50
C LEU B 142 6.25 -19.38 -29.65
N ARG B 143 7.36 -18.70 -29.90
CA ARG B 143 8.25 -19.09 -31.00
C ARG B 143 8.92 -20.43 -30.71
N LYS B 144 9.21 -20.72 -29.43
CA LYS B 144 9.75 -22.03 -29.10
C LYS B 144 8.80 -23.16 -29.47
N ARG B 145 7.50 -22.88 -29.47
CA ARG B 145 6.48 -23.88 -29.78
C ARG B 145 5.93 -23.74 -31.20
N ASN B 146 6.55 -22.91 -32.04
CA ASN B 146 6.15 -22.74 -33.44
C ASN B 146 4.72 -22.24 -33.57
N ILE B 147 4.35 -21.29 -32.71
CA ILE B 147 3.04 -20.64 -32.75
C ILE B 147 3.22 -19.24 -33.31
N ARG B 148 2.37 -18.86 -34.26
CA ARG B 148 2.47 -17.55 -34.88
C ARG B 148 2.13 -16.44 -33.90
N TYR B 149 2.77 -15.29 -34.06
CA TYR B 149 2.68 -14.20 -33.12
C TYR B 149 2.02 -12.99 -33.79
N GLY B 150 1.04 -12.42 -33.09
CA GLY B 150 0.36 -11.23 -33.56
C GLY B 150 0.41 -10.16 -32.48
N LEU B 151 0.61 -8.92 -32.90
CA LEU B 151 0.71 -7.78 -32.00
C LEU B 151 -0.49 -6.88 -32.23
N TYR B 152 -1.30 -6.70 -31.19
CA TYR B 152 -2.40 -5.75 -31.24
C TYR B 152 -1.88 -4.38 -30.85
N HIS B 153 -2.15 -3.38 -31.68
CA HIS B 153 -1.72 -2.01 -31.42
C HIS B 153 -2.91 -1.09 -31.62
N SER B 154 -3.18 -0.27 -30.61
CA SER B 154 -4.22 0.75 -30.69
C SER B 154 -3.61 2.05 -31.15
N LEU B 155 -4.12 2.60 -32.25
CA LEU B 155 -3.58 3.85 -32.78
C LEU B 155 -3.85 5.01 -31.82
N LEU B 156 -5.10 5.18 -31.39
CA LEU B 156 -5.44 6.30 -30.54
C LEU B 156 -5.13 6.01 -29.08
N GLU B 157 -4.94 7.07 -28.31
CA GLU B 157 -4.89 7.01 -26.87
C GLU B 157 -5.86 8.05 -26.32
N TRP B 158 -6.68 7.63 -25.36
CA TRP B 158 -7.80 8.46 -24.92
C TRP B 158 -7.33 9.83 -24.44
N PHE B 159 -6.36 9.84 -23.52
CA PHE B 159 -6.01 11.05 -22.79
C PHE B 159 -4.57 11.51 -23.01
N HIS B 160 -3.90 10.98 -24.02
CA HIS B 160 -2.55 11.45 -24.32
C HIS B 160 -2.60 12.91 -24.75
N PRO B 161 -1.78 13.78 -24.17
CA PRO B 161 -1.89 15.22 -24.49
C PRO B 161 -1.69 15.54 -25.96
N LEU B 162 -0.78 14.85 -26.64
CA LEU B 162 -0.53 15.15 -28.05
C LEU B 162 -1.69 14.71 -28.93
N TYR B 163 -2.31 13.57 -28.62
CA TYR B 163 -3.49 13.15 -29.36
C TYR B 163 -4.65 14.12 -29.14
N LEU B 164 -4.82 14.60 -27.90
CA LEU B 164 -5.85 15.58 -27.62
C LEU B 164 -5.57 16.88 -28.37
N LEU B 165 -4.30 17.29 -28.46
CA LEU B 165 -3.95 18.48 -29.21
C LEU B 165 -4.25 18.33 -30.68
N ASP B 166 -3.94 17.16 -31.25
CA ASP B 166 -4.27 16.91 -32.65
C ASP B 166 -5.78 16.92 -32.88
N LYS B 167 -6.54 16.34 -31.94
CA LYS B 167 -7.99 16.34 -32.06
C LYS B 167 -8.55 17.76 -31.99
N LYS B 168 -7.98 18.60 -31.11
CA LYS B 168 -8.40 19.99 -31.03
C LYS B 168 -8.13 20.73 -32.34
N ASN B 169 -7.00 20.42 -32.98
CA ASN B 169 -6.61 21.04 -34.24
C ASN B 169 -7.30 20.43 -35.44
N GLY B 170 -8.38 19.68 -35.26
CA GLY B 170 -9.05 19.06 -36.37
C GLY B 170 -8.27 17.98 -37.07
N PHE B 171 -7.30 17.37 -36.37
CA PHE B 171 -6.44 16.34 -36.94
C PHE B 171 -5.68 16.84 -38.17
N LYS B 172 -5.40 18.14 -38.21
CA LYS B 172 -4.56 18.71 -39.25
C LYS B 172 -3.08 18.59 -38.92
N THR B 173 -2.73 18.70 -37.64
CA THR B 173 -1.38 18.41 -37.19
C THR B 173 -1.23 16.91 -36.93
N GLN B 174 0.01 16.46 -36.89
CA GLN B 174 0.33 15.05 -36.66
C GLN B 174 1.40 14.91 -35.59
N HIS B 175 1.27 15.67 -34.51
CA HIS B 175 2.24 15.60 -33.42
C HIS B 175 2.22 14.23 -32.75
N PHE B 176 1.03 13.70 -32.47
CA PHE B 176 0.90 12.40 -31.83
C PHE B 176 1.44 11.29 -32.72
N VAL B 177 1.13 11.35 -34.02
CA VAL B 177 1.55 10.30 -34.94
C VAL B 177 3.07 10.24 -35.04
N SER B 178 3.72 11.40 -35.18
CA SER B 178 5.17 11.41 -35.33
C SER B 178 5.88 11.19 -34.00
N ALA B 179 5.25 11.52 -32.88
CA ALA B 179 5.89 11.35 -31.59
C ALA B 179 5.74 9.94 -31.02
N LYS B 180 4.56 9.35 -31.14
CA LYS B 180 4.28 8.07 -30.50
C LYS B 180 3.94 6.95 -31.49
N THR B 181 2.99 7.20 -32.40
CA THR B 181 2.40 6.11 -33.18
C THR B 181 3.43 5.44 -34.09
N MET B 182 3.98 6.20 -35.04
CA MET B 182 4.92 5.61 -36.00
C MET B 182 6.17 5.05 -35.35
N PRO B 183 6.86 5.74 -34.43
CA PRO B 183 8.02 5.11 -33.80
C PRO B 183 7.68 3.82 -33.08
N GLU B 184 6.52 3.76 -32.43
CA GLU B 184 6.14 2.54 -31.72
C GLU B 184 5.83 1.40 -32.68
N LEU B 185 5.15 1.70 -33.80
CA LEU B 185 4.91 0.66 -34.78
C LEU B 185 6.21 0.13 -35.38
N TYR B 186 7.13 1.03 -35.69
CA TYR B 186 8.42 0.60 -36.24
C TYR B 186 9.20 -0.22 -35.23
N ASP B 187 9.17 0.17 -33.95
CA ASP B 187 9.85 -0.61 -32.93
C ASP B 187 9.20 -1.97 -32.74
N LEU B 188 7.86 -2.04 -32.81
CA LEU B 188 7.16 -3.31 -32.65
C LEU B 188 7.40 -4.24 -33.83
N VAL B 189 7.67 -3.69 -35.01
CA VAL B 189 7.94 -4.54 -36.17
C VAL B 189 9.41 -4.96 -36.22
N ASN B 190 10.33 -4.01 -36.01
CA ASN B 190 11.75 -4.33 -36.09
C ASN B 190 12.17 -5.34 -35.03
N SER B 191 11.65 -5.18 -33.81
CA SER B 191 11.83 -6.17 -32.75
C SER B 191 10.61 -7.07 -32.69
N TYR B 192 10.81 -8.30 -32.21
CA TYR B 192 9.78 -9.30 -31.99
C TYR B 192 9.24 -9.90 -33.29
N LYS B 193 9.60 -9.31 -34.44
CA LYS B 193 9.27 -9.78 -35.79
C LYS B 193 7.86 -10.37 -35.87
N PRO B 194 6.81 -9.56 -35.74
CA PRO B 194 5.46 -10.13 -35.67
C PRO B 194 5.05 -10.83 -36.96
N ASP B 195 4.25 -11.88 -36.79
CA ASP B 195 3.59 -12.51 -37.93
C ASP B 195 2.27 -11.84 -38.29
N LEU B 196 1.66 -11.13 -37.33
CA LEU B 196 0.37 -10.48 -37.56
C LEU B 196 0.36 -9.13 -36.86
N ILE B 197 -0.30 -8.15 -37.48
CA ILE B 197 -0.51 -6.84 -36.88
C ILE B 197 -2.01 -6.60 -36.80
N TRP B 198 -2.51 -6.42 -35.59
CA TRP B 198 -3.94 -6.22 -35.31
C TRP B 198 -4.10 -4.77 -34.90
N SER B 199 -4.44 -3.91 -35.86
CA SER B 199 -4.60 -2.50 -35.58
C SER B 199 -5.97 -2.22 -34.98
N ASP B 200 -6.05 -1.17 -34.18
CA ASP B 200 -7.30 -0.75 -33.57
C ASP B 200 -7.20 0.74 -33.24
N GLY B 201 -8.27 1.27 -32.66
CA GLY B 201 -8.30 2.66 -32.26
C GLY B 201 -8.19 3.62 -33.42
N GLU B 202 -8.97 3.38 -34.47
CA GLU B 202 -8.86 4.13 -35.71
C GLU B 202 -10.15 4.82 -36.14
N TRP B 203 -11.21 4.74 -35.33
CA TRP B 203 -12.51 5.23 -35.76
C TRP B 203 -12.65 6.74 -35.67
N GLU B 204 -11.65 7.45 -35.16
CA GLU B 204 -11.74 8.89 -34.98
C GLU B 204 -11.05 9.71 -36.05
N CYS B 205 -10.08 9.13 -36.76
CA CYS B 205 -9.26 9.90 -37.69
C CYS B 205 -9.19 9.21 -39.04
N PRO B 206 -9.00 9.97 -40.11
CA PRO B 206 -8.78 9.36 -41.42
C PRO B 206 -7.42 8.67 -41.49
N ASP B 207 -7.29 7.77 -42.48
CA ASP B 207 -6.04 7.07 -42.66
C ASP B 207 -4.90 8.00 -43.07
N THR B 208 -5.22 9.16 -43.64
CA THR B 208 -4.17 10.13 -43.96
C THR B 208 -3.48 10.65 -42.71
N TYR B 209 -4.25 10.91 -41.65
CA TYR B 209 -3.67 11.38 -40.40
C TYR B 209 -2.79 10.31 -39.77
N TRP B 210 -3.22 9.04 -39.81
CA TRP B 210 -2.49 7.97 -39.16
C TRP B 210 -1.27 7.51 -39.93
N ASN B 211 -1.05 8.01 -41.15
CA ASN B 211 0.09 7.63 -41.98
C ASN B 211 0.06 6.14 -42.31
N SER B 212 -1.14 5.56 -42.38
CA SER B 212 -1.28 4.12 -42.51
C SER B 212 -0.68 3.60 -43.81
N THR B 213 -0.91 4.31 -44.92
CA THR B 213 -0.43 3.83 -46.21
C THR B 213 1.09 3.79 -46.26
N ASN B 214 1.75 4.81 -45.72
CA ASN B 214 3.22 4.82 -45.72
C ASN B 214 3.78 3.70 -44.86
N PHE B 215 3.23 3.51 -43.66
CA PHE B 215 3.70 2.42 -42.80
C PHE B 215 3.47 1.07 -43.43
N LEU B 216 2.32 0.89 -44.10
CA LEU B 216 2.03 -0.38 -44.73
C LEU B 216 2.93 -0.63 -45.93
N SER B 217 3.25 0.41 -46.70
CA SER B 217 4.20 0.26 -47.80
C SER B 217 5.58 -0.12 -47.28
N TRP B 218 6.02 0.52 -46.19
CA TRP B 218 7.30 0.14 -45.59
C TRP B 218 7.26 -1.30 -45.09
N LEU B 219 6.15 -1.70 -44.46
CA LEU B 219 6.03 -3.06 -43.94
C LEU B 219 6.07 -4.09 -45.07
N TYR B 220 5.42 -3.80 -46.18
CA TYR B 220 5.39 -4.72 -47.30
C TYR B 220 6.63 -4.66 -48.18
N ASN B 221 7.46 -3.63 -48.04
CA ASN B 221 8.62 -3.45 -48.90
C ASN B 221 9.94 -3.70 -48.19
N ASP B 222 10.20 -3.01 -47.08
CA ASP B 222 11.52 -3.02 -46.45
C ASP B 222 11.51 -3.54 -45.02
N SER B 223 10.44 -4.18 -44.60
CA SER B 223 10.44 -4.61 -43.21
C SER B 223 11.05 -6.01 -43.08
N PRO B 224 11.53 -6.38 -41.88
CA PRO B 224 12.06 -7.74 -41.70
C PRO B 224 11.02 -8.84 -41.85
N VAL B 225 9.74 -8.51 -41.76
CA VAL B 225 8.67 -9.49 -41.88
C VAL B 225 7.86 -9.27 -43.15
N LYS B 226 8.48 -8.69 -44.19
CA LYS B 226 7.73 -8.24 -45.36
C LYS B 226 7.01 -9.39 -46.06
N ASP B 227 7.52 -10.61 -45.93
CA ASP B 227 6.91 -11.74 -46.67
C ASP B 227 5.72 -12.31 -45.93
N GLU B 228 5.93 -12.85 -44.73
CA GLU B 228 4.88 -13.56 -43.99
C GLU B 228 4.31 -12.67 -42.89
N VAL B 229 3.64 -11.60 -43.30
CA VAL B 229 2.96 -10.71 -42.36
C VAL B 229 1.57 -10.40 -42.91
N VAL B 230 0.59 -10.34 -42.00
CA VAL B 230 -0.79 -10.01 -42.35
C VAL B 230 -1.26 -8.91 -41.40
N VAL B 231 -2.15 -8.04 -41.91
CA VAL B 231 -2.72 -6.97 -41.11
C VAL B 231 -4.23 -6.99 -41.28
N ASN B 232 -4.92 -6.39 -40.31
CA ASN B 232 -6.37 -6.30 -40.34
C ASN B 232 -6.77 -4.99 -41.04
N ASP B 233 -8.04 -4.62 -40.93
CA ASP B 233 -8.62 -3.54 -41.71
C ASP B 233 -8.81 -2.25 -40.93
N ARG B 234 -8.28 -2.16 -39.71
CA ARG B 234 -8.54 -1.00 -38.85
C ARG B 234 -7.36 -0.02 -38.94
N TRP B 235 -7.30 0.69 -40.06
CA TRP B 235 -6.20 1.61 -40.32
C TRP B 235 -6.67 3.05 -40.54
N GLY B 236 -7.89 3.37 -40.16
CA GLY B 236 -8.40 4.72 -40.31
C GLY B 236 -9.90 4.72 -40.39
N GLN B 237 -10.45 5.92 -40.48
CA GLN B 237 -11.89 6.06 -40.65
C GLN B 237 -12.32 5.52 -42.01
N ASN B 238 -13.45 4.80 -42.02
CA ASN B 238 -14.01 4.19 -43.22
C ASN B 238 -13.05 3.18 -43.86
N CYS B 239 -12.02 2.75 -43.13
CA CYS B 239 -11.10 1.74 -43.62
C CYS B 239 -11.48 0.34 -43.19
N SER B 240 -12.34 0.20 -42.18
CA SER B 240 -12.75 -1.10 -41.70
C SER B 240 -13.56 -1.82 -42.77
N CYS B 241 -13.24 -3.10 -42.99
CA CYS B 241 -13.95 -3.96 -43.94
C CYS B 241 -13.87 -3.44 -45.37
N HIS B 242 -12.93 -2.53 -45.65
CA HIS B 242 -12.74 -1.98 -46.99
C HIS B 242 -11.29 -2.05 -47.45
N HIS B 243 -10.35 -1.82 -46.53
CA HIS B 243 -8.93 -1.76 -46.86
C HIS B 243 -8.14 -2.60 -45.87
N GLY B 244 -7.14 -3.33 -46.37
CA GLY B 244 -6.26 -4.09 -45.51
C GLY B 244 -6.03 -5.51 -45.98
N GLY B 245 -5.30 -6.30 -45.17
CA GLY B 245 -5.04 -7.68 -45.49
C GLY B 245 -6.30 -8.53 -45.40
N TYR B 246 -6.80 -8.72 -44.19
CA TYR B 246 -8.07 -9.38 -43.96
C TYR B 246 -9.02 -8.40 -43.26
N TYR B 247 -10.29 -8.77 -43.22
CA TYR B 247 -11.35 -7.88 -42.73
C TYR B 247 -11.88 -8.40 -41.40
N ASN B 248 -11.59 -7.66 -40.32
CA ASN B 248 -12.31 -7.88 -39.09
C ASN B 248 -13.70 -7.26 -39.14
N CYS B 249 -13.87 -6.22 -39.96
CA CYS B 249 -15.09 -5.44 -40.03
C CYS B 249 -15.55 -5.02 -38.65
N GLU B 250 -16.69 -5.53 -38.19
CA GLU B 250 -17.18 -5.23 -36.85
C GLU B 250 -16.78 -6.33 -35.88
N ASP B 251 -16.72 -5.96 -34.60
CA ASP B 251 -16.40 -6.93 -33.56
C ASP B 251 -17.49 -8.00 -33.50
N LYS B 252 -17.07 -9.24 -33.26
CA LYS B 252 -17.97 -10.40 -33.24
C LYS B 252 -18.78 -10.49 -34.53
N PHE B 253 -18.09 -10.36 -35.65
CA PHE B 253 -18.73 -10.32 -36.96
C PHE B 253 -19.31 -11.70 -37.29
N LYS B 254 -20.62 -11.73 -37.60
CA LYS B 254 -21.33 -12.97 -37.91
C LYS B 254 -22.03 -12.81 -39.24
N PRO B 255 -21.31 -12.97 -40.34
CA PRO B 255 -21.93 -12.84 -41.67
C PRO B 255 -22.92 -13.96 -41.94
N GLN B 256 -23.93 -13.65 -42.75
CA GLN B 256 -24.93 -14.63 -43.15
C GLN B 256 -24.52 -15.38 -44.40
N SER B 257 -23.99 -14.67 -45.40
CA SER B 257 -23.52 -15.28 -46.64
C SER B 257 -22.00 -15.33 -46.65
N LEU B 258 -21.46 -16.00 -47.67
CA LEU B 258 -20.02 -16.17 -47.78
C LEU B 258 -19.38 -14.87 -48.24
N PRO B 259 -18.46 -14.28 -47.47
CA PRO B 259 -17.77 -13.08 -47.94
C PRO B 259 -16.77 -13.41 -49.05
N ASP B 260 -16.49 -12.40 -49.87
CA ASP B 260 -15.55 -12.55 -50.98
C ASP B 260 -14.12 -12.19 -50.61
N HIS B 261 -13.87 -11.85 -49.35
CA HIS B 261 -12.54 -11.51 -48.86
C HIS B 261 -12.26 -12.27 -47.58
N LYS B 262 -10.99 -12.57 -47.36
CA LYS B 262 -10.58 -13.24 -46.12
C LYS B 262 -10.94 -12.38 -44.92
N TRP B 263 -11.59 -12.99 -43.94
CA TRP B 263 -12.09 -12.27 -42.78
C TRP B 263 -11.76 -13.03 -41.51
N GLU B 264 -12.00 -12.39 -40.38
CA GLU B 264 -11.69 -12.98 -39.09
C GLU B 264 -12.77 -12.57 -38.10
N MET B 265 -13.20 -13.52 -37.28
CA MET B 265 -14.16 -13.26 -36.21
C MET B 265 -13.42 -13.16 -34.89
N CYS B 266 -13.57 -12.03 -34.21
CA CYS B 266 -12.98 -11.83 -32.88
C CYS B 266 -14.10 -11.87 -31.85
N THR B 267 -14.01 -12.80 -30.91
CA THR B 267 -14.99 -12.94 -29.86
C THR B 267 -14.29 -13.19 -28.54
N SER B 268 -14.98 -12.86 -27.45
CA SER B 268 -14.42 -12.97 -26.11
C SER B 268 -15.21 -14.00 -25.31
N ILE B 269 -14.49 -14.78 -24.50
CA ILE B 269 -15.15 -15.74 -23.61
C ILE B 269 -16.04 -15.01 -22.62
N ASP B 270 -15.54 -13.90 -22.05
CA ASP B 270 -16.36 -13.01 -21.24
C ASP B 270 -17.21 -12.14 -22.18
N LYS B 271 -18.53 -12.29 -22.10
CA LYS B 271 -19.41 -11.62 -23.05
C LYS B 271 -19.49 -10.12 -22.84
N PHE B 272 -19.04 -9.62 -21.69
CA PHE B 272 -19.20 -8.20 -21.37
C PHE B 272 -17.87 -7.47 -21.20
N SER B 273 -16.75 -8.10 -21.51
CA SER B 273 -15.46 -7.45 -21.39
C SER B 273 -14.40 -8.27 -22.11
N TRP B 274 -13.52 -7.58 -22.84
CA TRP B 274 -12.34 -8.22 -23.39
C TRP B 274 -11.25 -8.35 -22.33
N GLY B 275 -11.17 -7.39 -21.41
CA GLY B 275 -10.26 -7.51 -20.29
C GLY B 275 -10.82 -8.33 -19.16
N TYR B 276 -9.93 -8.75 -18.26
CA TYR B 276 -10.33 -9.57 -17.13
C TYR B 276 -11.21 -8.77 -16.17
N ARG B 277 -12.22 -9.45 -15.62
CA ARG B 277 -13.10 -8.88 -14.60
C ARG B 277 -13.09 -9.79 -13.39
N ARG B 278 -12.79 -9.22 -12.22
CA ARG B 278 -12.71 -10.02 -11.01
C ARG B 278 -14.05 -10.59 -10.60
N ASP B 279 -15.15 -9.86 -10.83
CA ASP B 279 -16.48 -10.29 -10.44
C ASP B 279 -17.25 -10.92 -11.59
N MET B 280 -16.54 -11.60 -12.50
CA MET B 280 -17.19 -12.31 -13.59
C MET B 280 -18.13 -13.37 -13.05
N ALA B 281 -19.35 -13.39 -13.56
CA ALA B 281 -20.33 -14.39 -13.19
C ALA B 281 -20.23 -15.59 -14.13
N LEU B 282 -20.77 -16.73 -13.67
CA LEU B 282 -20.79 -17.92 -14.51
C LEU B 282 -21.67 -17.72 -15.73
N SER B 283 -22.74 -16.92 -15.60
CA SER B 283 -23.59 -16.61 -16.74
C SER B 283 -22.93 -15.67 -17.74
N ASP B 284 -21.86 -14.98 -17.34
CA ASP B 284 -21.13 -14.11 -18.25
C ASP B 284 -20.12 -14.85 -19.11
N VAL B 285 -19.84 -16.12 -18.80
CA VAL B 285 -18.87 -16.91 -19.53
C VAL B 285 -19.56 -17.64 -20.66
N THR B 286 -19.03 -17.50 -21.88
CA THR B 286 -19.60 -18.18 -23.03
C THR B 286 -19.44 -19.69 -22.88
N GLU B 287 -20.52 -20.41 -23.17
CA GLU B 287 -20.48 -21.87 -23.07
C GLU B 287 -19.61 -22.46 -24.17
N GLU B 288 -19.07 -23.64 -23.88
CA GLU B 288 -18.18 -24.39 -24.82
C GLU B 288 -18.97 -24.81 -26.06
N SER B 289 -20.28 -25.06 -25.90
CA SER B 289 -21.13 -25.45 -27.06
C SER B 289 -21.24 -24.25 -28.00
N GLU B 290 -21.43 -23.05 -27.44
CA GLU B 290 -21.57 -21.80 -28.23
C GLU B 290 -20.21 -21.42 -28.85
N ILE B 291 -19.11 -21.68 -28.13
CA ILE B 291 -17.76 -21.36 -28.66
C ILE B 291 -17.46 -22.25 -29.87
N ILE B 292 -17.69 -23.56 -29.72
CA ILE B 292 -17.43 -24.54 -30.82
C ILE B 292 -18.36 -24.23 -32.00
N SER B 293 -19.61 -23.84 -31.71
CA SER B 293 -20.60 -23.53 -32.76
C SER B 293 -20.15 -22.33 -33.61
N GLU B 294 -19.72 -21.24 -32.95
CA GLU B 294 -19.26 -20.02 -33.68
C GLU B 294 -18.01 -20.35 -34.50
N LEU B 295 -17.13 -21.18 -33.95
CA LEU B 295 -15.87 -21.56 -34.66
C LEU B 295 -16.22 -22.33 -35.93
N VAL B 296 -17.16 -23.28 -35.83
CA VAL B 296 -17.59 -24.11 -36.99
C VAL B 296 -18.22 -23.19 -38.05
N GLN B 297 -19.10 -22.27 -37.63
CA GLN B 297 -19.72 -21.37 -38.59
C GLN B 297 -18.71 -20.43 -39.23
N THR B 298 -17.74 -19.95 -38.44
CA THR B 298 -16.72 -19.05 -38.98
C THR B 298 -15.82 -19.77 -39.99
N VAL B 299 -15.38 -20.98 -39.66
CA VAL B 299 -14.50 -21.72 -40.58
C VAL B 299 -15.26 -22.13 -41.83
N SER B 300 -16.53 -22.52 -41.68
CA SER B 300 -17.33 -22.91 -42.84
C SER B 300 -17.48 -21.75 -43.82
N LEU B 301 -17.67 -20.54 -43.31
CA LEU B 301 -17.83 -19.35 -44.14
C LEU B 301 -16.50 -18.71 -44.52
N GLY B 302 -15.41 -19.46 -44.47
CA GLY B 302 -14.11 -18.96 -44.87
C GLY B 302 -13.52 -17.87 -43.99
N GLY B 303 -13.64 -18.01 -42.68
CA GLY B 303 -13.11 -17.03 -41.76
C GLY B 303 -12.19 -17.67 -40.73
N ASN B 304 -11.45 -16.81 -40.05
CA ASN B 304 -10.58 -17.21 -38.94
C ASN B 304 -11.27 -16.90 -37.63
N TYR B 305 -11.04 -17.73 -36.62
CA TYR B 305 -11.68 -17.60 -35.33
C TYR B 305 -10.65 -17.15 -34.29
N LEU B 306 -10.88 -15.98 -33.70
CA LEU B 306 -9.96 -15.40 -32.72
C LEU B 306 -10.70 -15.30 -31.39
N LEU B 307 -10.37 -16.17 -30.46
CA LEU B 307 -11.01 -16.24 -29.15
C LEU B 307 -10.18 -15.48 -28.13
N ASN B 308 -10.84 -14.64 -27.33
CA ASN B 308 -10.16 -13.71 -26.43
C ASN B 308 -10.24 -14.18 -24.98
N ILE B 309 -9.13 -14.05 -24.27
CA ILE B 309 -9.08 -14.27 -22.83
C ILE B 309 -8.43 -13.05 -22.18
N GLY B 310 -8.75 -12.83 -20.91
CA GLY B 310 -8.19 -11.73 -20.18
C GLY B 310 -7.46 -12.19 -18.93
N PRO B 311 -6.14 -12.07 -18.93
CA PRO B 311 -5.36 -12.44 -17.74
C PRO B 311 -5.55 -11.45 -16.61
N THR B 312 -5.32 -11.95 -15.39
CA THR B 312 -5.39 -11.10 -14.22
C THR B 312 -4.16 -10.20 -14.13
N LYS B 313 -4.21 -9.24 -13.22
CA LYS B 313 -3.08 -8.34 -13.02
C LYS B 313 -1.85 -9.06 -12.49
N ASP B 314 -2.00 -10.29 -12.00
CA ASP B 314 -0.89 -11.12 -11.55
C ASP B 314 -0.35 -12.02 -12.65
N GLY B 315 -0.88 -11.92 -13.87
CA GLY B 315 -0.41 -12.76 -14.96
C GLY B 315 -0.96 -14.16 -14.97
N LEU B 316 -2.17 -14.36 -14.45
CA LEU B 316 -2.77 -15.67 -14.37
C LEU B 316 -3.99 -15.76 -15.28
N ILE B 317 -4.18 -16.94 -15.88
CA ILE B 317 -5.37 -17.25 -16.65
C ILE B 317 -6.27 -18.10 -15.76
N VAL B 318 -7.47 -17.62 -15.49
CA VAL B 318 -8.37 -18.22 -14.50
C VAL B 318 -8.80 -19.60 -14.96
N PRO B 319 -9.13 -20.52 -14.04
CA PRO B 319 -9.44 -21.90 -14.45
C PRO B 319 -10.61 -22.03 -15.40
N ILE B 320 -11.57 -21.09 -15.39
CA ILE B 320 -12.70 -21.20 -16.31
C ILE B 320 -12.26 -20.96 -17.74
N PHE B 321 -11.37 -19.98 -17.96
CA PHE B 321 -10.83 -19.75 -19.29
C PHE B 321 -10.01 -20.94 -19.75
N GLN B 322 -9.21 -21.51 -18.84
CA GLN B 322 -8.46 -22.72 -19.18
C GLN B 322 -9.39 -23.86 -19.56
N GLU B 323 -10.51 -24.01 -18.83
CA GLU B 323 -11.46 -25.07 -19.15
C GLU B 323 -12.06 -24.88 -20.54
N ARG B 324 -12.46 -23.65 -20.87
CA ARG B 324 -13.01 -23.38 -22.19
C ARG B 324 -11.99 -23.67 -23.29
N LEU B 325 -10.75 -23.18 -23.11
CA LEU B 325 -9.72 -23.38 -24.11
C LEU B 325 -9.38 -24.86 -24.28
N LEU B 326 -9.31 -25.61 -23.17
CA LEU B 326 -8.98 -27.01 -23.25
C LEU B 326 -10.12 -27.82 -23.85
N ALA B 327 -11.37 -27.43 -23.62
CA ALA B 327 -12.48 -28.09 -24.28
C ALA B 327 -12.42 -27.86 -25.79
N VAL B 328 -12.07 -26.63 -26.19
CA VAL B 328 -11.94 -26.31 -27.65
C VAL B 328 -10.80 -27.16 -28.23
N GLY B 329 -9.69 -27.29 -27.49
CA GLY B 329 -8.59 -28.11 -27.97
C GLY B 329 -8.91 -29.59 -28.03
N LYS B 330 -9.69 -30.08 -27.07
CA LYS B 330 -10.11 -31.48 -27.09
C LYS B 330 -11.02 -31.76 -28.29
N TRP B 331 -11.89 -30.81 -28.59
CA TRP B 331 -12.79 -30.95 -29.76
C TRP B 331 -11.96 -30.92 -31.04
N LEU B 332 -10.94 -30.05 -31.09
CA LEU B 332 -10.08 -29.94 -32.25
C LEU B 332 -9.18 -31.16 -32.44
N SER B 333 -8.72 -31.80 -31.36
CA SER B 333 -7.89 -32.99 -31.50
C SER B 333 -8.61 -34.08 -32.28
N ILE B 334 -9.93 -34.06 -32.29
CA ILE B 334 -10.73 -35.02 -33.05
C ILE B 334 -11.12 -34.47 -34.43
N ASN B 335 -11.55 -33.21 -34.49
CA ASN B 335 -12.13 -32.66 -35.71
C ASN B 335 -11.21 -31.65 -36.41
N GLY B 336 -9.90 -31.74 -36.21
CA GLY B 336 -9.01 -30.76 -36.81
C GLY B 336 -8.91 -30.87 -38.32
N GLU B 337 -8.90 -32.09 -38.85
CA GLU B 337 -8.72 -32.28 -40.28
C GLU B 337 -9.90 -31.71 -41.09
N ALA B 338 -11.00 -31.39 -40.44
CA ALA B 338 -12.10 -30.67 -41.08
C ALA B 338 -12.00 -29.17 -40.91
N ILE B 339 -10.99 -28.67 -40.20
CA ILE B 339 -10.88 -27.26 -39.89
C ILE B 339 -9.58 -26.69 -40.42
N TYR B 340 -8.45 -27.23 -39.97
CA TYR B 340 -7.15 -26.69 -40.34
C TYR B 340 -6.88 -26.88 -41.83
N ALA B 341 -6.43 -25.81 -42.49
CA ALA B 341 -6.08 -25.83 -43.91
C ALA B 341 -7.25 -26.29 -44.77
N SER B 342 -8.46 -25.90 -44.39
CA SER B 342 -9.67 -26.21 -45.13
C SER B 342 -10.16 -24.98 -45.86
N LYS B 343 -11.08 -25.20 -46.79
CA LYS B 343 -11.68 -24.12 -47.56
C LYS B 343 -13.19 -24.32 -47.63
N PRO B 344 -13.95 -23.24 -47.79
CA PRO B 344 -15.41 -23.37 -47.88
C PRO B 344 -15.82 -24.17 -49.12
N TRP B 345 -16.92 -24.91 -48.97
CA TRP B 345 -17.49 -25.70 -50.06
C TRP B 345 -18.40 -24.80 -50.89
N ARG B 346 -19.19 -25.41 -51.78
CA ARG B 346 -20.07 -24.66 -52.66
C ARG B 346 -21.40 -24.30 -52.02
N VAL B 347 -21.73 -24.88 -50.85
CA VAL B 347 -22.99 -24.63 -50.17
C VAL B 347 -22.77 -24.00 -48.80
N GLN B 348 -21.85 -24.56 -48.01
CA GLN B 348 -21.38 -24.05 -46.73
C GLN B 348 -22.40 -24.24 -45.59
N TRP B 349 -23.64 -24.61 -45.92
CA TRP B 349 -24.60 -25.01 -44.90
C TRP B 349 -25.86 -25.54 -45.58
N GLU B 350 -26.45 -26.57 -45.00
CA GLU B 350 -27.73 -27.09 -45.45
C GLU B 350 -28.84 -26.16 -44.95
N LYS B 351 -29.69 -25.70 -45.88
CA LYS B 351 -30.77 -24.79 -45.54
C LYS B 351 -32.04 -25.51 -45.09
N ASN B 352 -32.00 -26.85 -45.04
CA ASN B 352 -33.18 -27.61 -44.65
C ASN B 352 -32.94 -28.69 -43.61
N THR B 353 -31.73 -28.81 -43.07
CA THR B 353 -31.43 -29.87 -42.10
C THR B 353 -31.06 -29.25 -40.75
N THR B 354 -30.64 -30.11 -39.83
CA THR B 354 -30.39 -29.72 -38.44
C THR B 354 -28.99 -29.12 -38.32
N SER B 355 -28.87 -27.87 -38.79
CA SER B 355 -27.69 -27.03 -38.60
C SER B 355 -26.40 -27.77 -39.00
N VAL B 356 -26.31 -28.06 -40.30
CA VAL B 356 -25.14 -28.72 -40.87
C VAL B 356 -24.34 -27.69 -41.66
N TRP B 357 -23.03 -27.63 -41.40
CA TRP B 357 -22.13 -26.72 -42.07
C TRP B 357 -21.08 -27.51 -42.84
N TYR B 358 -20.57 -26.93 -43.92
CA TYR B 358 -19.73 -27.66 -44.86
C TYR B 358 -18.34 -27.04 -44.94
N THR B 359 -17.32 -27.89 -44.83
CA THR B 359 -15.96 -27.54 -45.17
C THR B 359 -15.47 -28.51 -46.24
N SER B 360 -14.37 -28.17 -46.90
CA SER B 360 -13.81 -29.03 -47.92
C SER B 360 -12.29 -28.99 -47.86
N LYS B 361 -11.67 -30.16 -47.97
CA LYS B 361 -10.21 -30.27 -48.03
C LYS B 361 -9.87 -31.28 -49.12
N GLY B 362 -9.21 -30.81 -50.17
CA GLY B 362 -8.91 -31.69 -51.28
C GLY B 362 -10.18 -32.20 -51.93
N SER B 363 -10.31 -33.52 -52.01
CA SER B 363 -11.53 -34.16 -52.51
C SER B 363 -12.49 -34.54 -51.40
N ALA B 364 -12.13 -34.30 -50.14
CA ALA B 364 -12.97 -34.68 -49.01
C ALA B 364 -13.89 -33.53 -48.63
N VAL B 365 -15.14 -33.86 -48.32
CA VAL B 365 -16.14 -32.89 -47.90
C VAL B 365 -16.56 -33.24 -46.47
N TYR B 366 -16.49 -32.26 -45.58
CA TYR B 366 -16.82 -32.47 -44.18
C TYR B 366 -18.12 -31.75 -43.86
N ALA B 367 -19.07 -32.50 -43.30
CA ALA B 367 -20.33 -31.96 -42.80
C ALA B 367 -20.27 -31.97 -41.28
N ILE B 368 -20.16 -30.80 -40.69
CA ILE B 368 -20.12 -30.64 -39.24
C ILE B 368 -21.52 -30.26 -38.79
N PHE B 369 -22.14 -31.12 -37.98
CA PHE B 369 -23.47 -30.88 -37.46
C PHE B 369 -23.41 -30.73 -35.95
N LEU B 370 -24.20 -29.77 -35.44
CA LEU B 370 -24.21 -29.41 -34.03
C LEU B 370 -25.41 -29.99 -33.29
N HIS B 371 -26.37 -30.58 -33.98
CA HIS B 371 -27.54 -31.18 -33.37
C HIS B 371 -27.64 -32.63 -33.81
N TRP B 372 -27.65 -33.54 -32.84
CA TRP B 372 -27.80 -34.95 -33.14
C TRP B 372 -29.26 -35.25 -33.47
N PRO B 373 -29.56 -35.80 -34.65
CA PRO B 373 -30.96 -36.09 -34.98
C PRO B 373 -31.56 -37.11 -34.03
N GLU B 374 -32.82 -36.89 -33.66
CA GLU B 374 -33.50 -37.79 -32.74
C GLU B 374 -33.69 -39.17 -33.35
N ASN B 375 -33.99 -39.22 -34.65
CA ASN B 375 -34.27 -40.49 -35.31
C ASN B 375 -33.00 -41.22 -35.74
N GLY B 376 -31.83 -40.60 -35.63
CA GLY B 376 -30.56 -41.27 -35.83
C GLY B 376 -30.04 -41.30 -37.25
N VAL B 377 -30.74 -40.70 -38.21
CA VAL B 377 -30.31 -40.64 -39.59
C VAL B 377 -30.13 -39.17 -39.99
N LEU B 378 -28.96 -38.86 -40.55
CA LEU B 378 -28.63 -37.51 -40.98
C LEU B 378 -28.96 -37.34 -42.45
N ASN B 379 -29.78 -36.33 -42.76
CA ASN B 379 -30.17 -36.03 -44.12
C ASN B 379 -29.25 -34.95 -44.68
N LEU B 380 -28.69 -35.22 -45.86
CA LEU B 380 -27.75 -34.30 -46.53
C LEU B 380 -28.21 -34.16 -47.98
N GLU B 381 -28.91 -33.07 -48.28
CA GLU B 381 -29.42 -32.86 -49.63
C GLU B 381 -28.34 -32.43 -50.61
N SER B 382 -27.42 -31.59 -50.17
CA SER B 382 -26.44 -30.98 -51.07
C SER B 382 -25.50 -31.99 -51.73
N PRO B 383 -24.86 -32.92 -51.01
CA PRO B 383 -23.83 -33.75 -51.66
C PRO B 383 -24.41 -34.63 -52.77
N ILE B 384 -23.61 -34.84 -53.80
CA ILE B 384 -23.94 -35.73 -54.90
C ILE B 384 -23.10 -36.99 -54.75
N THR B 385 -23.77 -38.14 -54.61
CA THR B 385 -23.08 -39.38 -54.33
C THR B 385 -22.58 -40.02 -55.62
N THR B 386 -21.35 -40.54 -55.57
CA THR B 386 -20.77 -41.32 -56.64
C THR B 386 -20.62 -42.77 -56.18
N SER B 387 -20.23 -43.64 -57.11
CA SER B 387 -20.09 -45.06 -56.80
C SER B 387 -18.95 -45.35 -55.83
N THR B 388 -18.05 -44.39 -55.60
CA THR B 388 -16.93 -44.55 -54.68
C THR B 388 -17.09 -43.66 -53.45
N THR B 389 -18.32 -43.55 -52.94
CA THR B 389 -18.62 -42.69 -51.81
C THR B 389 -18.46 -43.47 -50.50
N LYS B 390 -17.76 -42.87 -49.55
CA LYS B 390 -17.53 -43.48 -48.24
C LYS B 390 -17.81 -42.47 -47.14
N ILE B 391 -18.55 -42.89 -46.13
CA ILE B 391 -18.87 -42.07 -44.96
C ILE B 391 -17.99 -42.54 -43.81
N THR B 392 -17.38 -41.59 -43.10
CA THR B 392 -16.35 -41.91 -42.13
C THR B 392 -16.73 -41.61 -40.69
N MET B 393 -17.42 -40.49 -40.42
CA MET B 393 -17.79 -40.09 -39.06
C MET B 393 -16.55 -39.94 -38.18
N LEU B 394 -15.80 -38.88 -38.51
CA LEU B 394 -14.55 -38.53 -37.80
C LEU B 394 -14.64 -38.78 -36.31
N GLY B 395 -13.64 -39.51 -35.78
CA GLY B 395 -13.59 -39.89 -34.40
C GLY B 395 -14.01 -41.32 -34.14
N ILE B 396 -14.70 -41.96 -35.08
CA ILE B 396 -15.14 -43.34 -34.96
C ILE B 396 -14.59 -44.12 -36.15
N GLN B 397 -13.93 -45.24 -35.86
CA GLN B 397 -13.42 -46.12 -36.91
C GLN B 397 -14.56 -46.96 -37.47
N GLY B 398 -14.63 -47.05 -38.79
CA GLY B 398 -15.68 -47.82 -39.43
C GLY B 398 -16.60 -46.99 -40.30
N ASP B 399 -16.95 -47.51 -41.47
CA ASP B 399 -17.82 -46.79 -42.39
C ASP B 399 -19.25 -46.75 -41.85
N LEU B 400 -20.06 -45.90 -42.46
CA LEU B 400 -21.46 -45.73 -42.08
C LEU B 400 -22.37 -46.16 -43.22
N LYS B 401 -23.53 -46.72 -42.85
CA LYS B 401 -24.54 -47.06 -43.85
C LYS B 401 -25.18 -45.79 -44.39
N TRP B 402 -25.39 -45.74 -45.69
CA TRP B 402 -26.00 -44.58 -46.33
C TRP B 402 -26.83 -45.01 -47.53
N SER B 403 -27.97 -44.35 -47.69
CA SER B 403 -28.90 -44.61 -48.79
C SER B 403 -29.16 -43.30 -49.53
N THR B 404 -29.08 -43.35 -50.86
CA THR B 404 -29.29 -42.18 -51.71
C THR B 404 -30.72 -42.18 -52.23
N ASP B 405 -31.55 -41.32 -51.67
CA ASP B 405 -32.91 -41.15 -52.16
C ASP B 405 -32.89 -40.40 -53.49
N PRO B 406 -33.63 -40.87 -54.50
CA PRO B 406 -33.66 -40.15 -55.78
C PRO B 406 -34.27 -38.75 -55.66
N ASP B 407 -35.50 -38.67 -55.15
CA ASP B 407 -36.18 -37.39 -55.02
C ASP B 407 -35.59 -36.56 -53.87
N LYS B 408 -35.34 -37.20 -52.73
CA LYS B 408 -34.78 -36.53 -51.57
C LYS B 408 -33.25 -36.58 -51.65
N GLY B 409 -32.59 -36.25 -50.54
CA GLY B 409 -31.14 -36.25 -50.48
C GLY B 409 -30.57 -37.53 -49.92
N LEU B 410 -29.30 -37.48 -49.57
CA LEU B 410 -28.62 -38.61 -48.95
C LEU B 410 -29.06 -38.80 -47.51
N PHE B 411 -29.09 -40.06 -47.07
CA PHE B 411 -29.45 -40.41 -45.69
C PHE B 411 -28.33 -41.26 -45.11
N ILE B 412 -27.66 -40.75 -44.10
CA ILE B 412 -26.52 -41.41 -43.47
C ILE B 412 -26.97 -41.99 -42.13
N SER B 413 -26.73 -43.28 -41.94
CA SER B 413 -27.05 -43.94 -40.68
C SER B 413 -25.95 -43.66 -39.68
N LEU B 414 -26.25 -42.87 -38.65
CA LEU B 414 -25.28 -42.51 -37.64
C LEU B 414 -25.05 -43.66 -36.67
N PRO B 415 -23.84 -43.76 -36.10
CA PRO B 415 -23.58 -44.82 -35.11
C PRO B 415 -24.30 -44.53 -33.81
N GLN B 416 -25.13 -45.47 -33.36
CA GLN B 416 -25.90 -45.33 -32.13
C GLN B 416 -24.98 -45.66 -30.96
N LEU B 417 -24.34 -44.62 -30.42
CA LEU B 417 -23.39 -44.79 -29.33
C LEU B 417 -24.06 -44.60 -27.99
N PRO B 418 -23.69 -45.39 -26.99
CA PRO B 418 -24.23 -45.21 -25.64
C PRO B 418 -23.66 -43.95 -25.01
N PRO B 419 -24.29 -43.45 -23.94
CA PRO B 419 -23.76 -42.27 -23.27
C PRO B 419 -22.36 -42.51 -22.72
N SER B 420 -21.56 -41.44 -22.68
CA SER B 420 -20.15 -41.48 -22.28
C SER B 420 -19.32 -42.34 -23.21
N ALA B 421 -19.70 -42.38 -24.50
CA ALA B 421 -18.93 -43.08 -25.52
C ALA B 421 -18.74 -42.28 -26.79
N VAL B 422 -19.41 -41.16 -26.96
CA VAL B 422 -19.26 -40.31 -28.14
C VAL B 422 -17.86 -39.69 -28.14
N PRO B 423 -17.23 -39.48 -29.30
CA PRO B 423 -15.92 -38.83 -29.30
C PRO B 423 -15.97 -37.40 -28.80
N ALA B 424 -16.82 -36.57 -29.38
CA ALA B 424 -17.04 -35.21 -28.94
C ALA B 424 -18.37 -35.12 -28.18
N GLU B 425 -18.69 -33.92 -27.71
CA GLU B 425 -19.89 -33.73 -26.90
C GLU B 425 -20.90 -32.74 -27.47
N PHE B 426 -20.50 -31.86 -28.40
CA PHE B 426 -21.42 -30.84 -28.89
C PHE B 426 -21.48 -30.69 -30.40
N ALA B 427 -20.44 -31.15 -31.11
CA ALA B 427 -20.42 -31.04 -32.59
C ALA B 427 -19.73 -32.27 -33.18
N TRP B 428 -20.26 -32.82 -34.29
CA TRP B 428 -19.70 -34.01 -34.89
C TRP B 428 -19.47 -33.79 -36.37
N THR B 429 -18.47 -34.49 -36.91
CA THR B 429 -18.04 -34.30 -38.28
C THR B 429 -18.22 -35.60 -39.07
N ILE B 430 -18.87 -35.49 -40.23
CA ILE B 430 -19.03 -36.58 -41.17
C ILE B 430 -18.10 -36.30 -42.36
N LYS B 431 -17.25 -37.26 -42.70
CA LYS B 431 -16.32 -37.12 -43.80
C LYS B 431 -16.81 -37.92 -44.99
N LEU B 432 -16.93 -37.25 -46.14
CA LEU B 432 -17.38 -37.86 -47.38
C LEU B 432 -16.25 -37.80 -48.40
N THR B 433 -15.91 -38.96 -48.96
CA THR B 433 -14.88 -39.08 -49.99
C THR B 433 -15.55 -39.51 -51.30
N GLY B 434 -15.04 -38.99 -52.40
CA GLY B 434 -15.64 -39.27 -53.70
C GLY B 434 -17.03 -38.69 -53.86
N VAL B 435 -17.22 -37.44 -53.45
CA VAL B 435 -18.51 -36.76 -53.54
C VAL B 435 -18.32 -35.45 -54.29
N LYS B 436 -19.19 -35.19 -55.25
CA LYS B 436 -19.15 -33.95 -56.02
C LYS B 436 -19.88 -32.84 -55.28
N ARG C 6 17.50 43.56 -29.95
CA ARG C 6 17.59 42.38 -30.79
C ARG C 6 18.89 41.63 -30.52
N TYR C 7 18.80 40.30 -30.42
CA TYR C 7 19.95 39.46 -30.12
C TYR C 7 20.01 38.30 -31.10
N THR C 8 21.21 37.91 -31.46
CA THR C 8 21.43 36.79 -32.38
C THR C 8 21.82 35.54 -31.61
N PRO C 9 21.55 34.35 -32.17
CA PRO C 9 21.85 33.12 -31.43
C PRO C 9 23.33 32.81 -31.31
N ASP C 10 24.11 33.73 -30.73
CA ASP C 10 25.51 33.50 -30.45
C ASP C 10 25.87 34.12 -29.12
N TRP C 11 26.86 33.54 -28.46
CA TRP C 11 27.22 33.97 -27.11
C TRP C 11 27.68 35.43 -27.03
N PRO C 12 28.50 35.96 -27.94
CA PRO C 12 28.89 37.38 -27.81
C PRO C 12 27.71 38.34 -27.82
N SER C 13 26.66 38.04 -28.58
CA SER C 13 25.47 38.89 -28.57
C SER C 13 24.64 38.69 -27.31
N LEU C 14 24.48 37.44 -26.89
CA LEU C 14 23.63 37.14 -25.73
C LEU C 14 24.23 37.69 -24.45
N ASP C 15 25.56 37.60 -24.31
CA ASP C 15 26.22 38.08 -23.09
C ASP C 15 26.22 39.59 -22.97
N SER C 16 25.94 40.32 -24.05
CA SER C 16 25.90 41.78 -24.00
C SER C 16 24.60 42.32 -23.44
N ARG C 17 23.61 41.48 -23.19
CA ARG C 17 22.34 41.95 -22.65
C ARG C 17 22.51 42.35 -21.19
N PRO C 18 22.20 43.58 -20.81
CA PRO C 18 22.29 43.96 -19.39
C PRO C 18 21.24 43.26 -18.56
N LEU C 19 21.64 42.88 -17.35
CA LEU C 19 20.69 42.24 -16.44
C LEU C 19 19.69 43.25 -15.90
N PRO C 20 18.42 42.90 -15.81
CA PRO C 20 17.46 43.77 -15.11
C PRO C 20 17.86 43.97 -13.66
N ALA C 21 17.58 45.17 -13.14
CA ALA C 21 18.08 45.57 -11.84
C ALA C 21 17.43 44.81 -10.69
N TRP C 22 16.27 44.18 -10.93
CA TRP C 22 15.57 43.52 -9.83
C TRP C 22 16.40 42.40 -9.24
N PHE C 23 17.14 41.67 -10.06
CA PHE C 23 17.94 40.55 -9.56
C PHE C 23 19.04 41.04 -8.63
N ASP C 24 19.74 42.09 -9.03
CA ASP C 24 20.81 42.62 -8.19
C ASP C 24 20.27 43.28 -6.93
N GLU C 25 19.08 43.88 -7.00
CA GLU C 25 18.49 44.48 -5.81
C GLU C 25 17.80 43.46 -4.91
N ALA C 26 17.57 42.23 -5.39
CA ALA C 26 16.86 41.24 -4.59
C ALA C 26 17.76 40.67 -3.49
N LYS C 27 19.02 40.38 -3.81
CA LYS C 27 20.01 39.90 -2.86
C LYS C 27 19.72 38.50 -2.32
N PHE C 28 18.61 38.34 -1.60
CA PHE C 28 18.32 37.11 -0.91
C PHE C 28 17.20 36.35 -1.60
N GLY C 29 17.42 35.06 -1.83
CA GLY C 29 16.41 34.20 -2.43
C GLY C 29 16.36 32.85 -1.74
N VAL C 30 15.28 32.13 -2.02
CA VAL C 30 15.03 30.83 -1.41
C VAL C 30 14.93 29.78 -2.51
N PHE C 31 15.71 28.71 -2.38
CA PHE C 31 15.73 27.60 -3.31
C PHE C 31 14.87 26.45 -2.76
N ILE C 32 14.08 25.83 -3.63
CA ILE C 32 13.21 24.72 -3.27
C ILE C 32 13.54 23.54 -4.16
N HIS C 33 14.05 22.46 -3.57
CA HIS C 33 14.27 21.20 -4.25
C HIS C 33 13.16 20.25 -3.83
N TRP C 34 12.25 19.96 -4.76
CA TRP C 34 11.05 19.17 -4.46
C TRP C 34 10.72 18.29 -5.65
N GLY C 35 10.44 17.02 -5.39
CA GLY C 35 10.17 16.10 -6.48
C GLY C 35 9.95 14.69 -5.95
N VAL C 36 10.05 13.72 -6.88
CA VAL C 36 9.85 12.33 -6.51
C VAL C 36 10.95 11.83 -5.58
N PHE C 37 12.14 12.44 -5.65
CA PHE C 37 13.22 12.05 -4.74
C PHE C 37 12.87 12.32 -3.28
N SER C 38 11.85 13.14 -3.02
CA SER C 38 11.40 13.38 -1.66
C SER C 38 10.66 12.18 -1.07
N VAL C 39 10.26 11.22 -1.90
CA VAL C 39 9.52 10.06 -1.39
C VAL C 39 10.48 9.13 -0.66
N PRO C 40 11.59 8.68 -1.25
CA PRO C 40 12.57 7.94 -0.43
C PRO C 40 13.17 8.78 0.68
N ALA C 41 13.42 10.06 0.42
CA ALA C 41 13.95 11.00 1.41
C ALA C 41 15.18 10.44 2.12
N TRP C 42 16.10 9.88 1.33
CA TRP C 42 17.26 9.22 1.88
C TRP C 42 18.46 9.49 0.98
N GLY C 43 19.59 9.82 1.61
CA GLY C 43 20.82 10.06 0.88
C GLY C 43 20.92 11.45 0.29
N SER C 44 20.22 11.67 -0.82
CA SER C 44 20.23 12.95 -1.52
C SER C 44 19.18 12.88 -2.63
N GLU C 45 19.03 14.00 -3.34
CA GLU C 45 18.18 14.03 -4.53
C GLU C 45 18.77 13.25 -5.69
N TRP C 46 20.03 12.81 -5.59
CA TRP C 46 20.67 11.95 -6.57
C TRP C 46 20.40 10.47 -6.31
N PHE C 47 19.29 10.16 -5.62
CA PHE C 47 19.00 8.79 -5.21
C PHE C 47 18.96 7.84 -6.40
N TRP C 48 18.27 8.22 -7.47
CA TRP C 48 18.10 7.32 -8.60
C TRP C 48 19.43 6.99 -9.26
N TRP C 49 20.29 7.99 -9.45
CA TRP C 49 21.58 7.73 -10.07
C TRP C 49 22.50 6.93 -9.16
N HIS C 50 22.51 7.23 -7.86
CA HIS C 50 23.35 6.49 -6.93
C HIS C 50 22.88 5.05 -6.77
N TRP C 51 21.59 4.79 -7.00
CA TRP C 51 21.03 3.47 -6.80
C TRP C 51 21.14 2.60 -8.04
N GLN C 52 20.76 3.12 -9.20
CA GLN C 52 20.79 2.37 -10.45
C GLN C 52 21.93 2.74 -11.37
N GLY C 53 22.30 4.02 -11.43
CA GLY C 53 23.40 4.43 -12.29
C GLY C 53 24.74 3.90 -11.82
N GLU C 54 24.98 3.92 -10.52
CA GLU C 54 26.24 3.46 -9.95
C GLU C 54 26.12 2.18 -9.13
N GLY C 55 24.92 1.82 -8.70
CA GLY C 55 24.72 0.61 -7.92
C GLY C 55 25.45 0.63 -6.59
N ARG C 56 25.35 1.74 -5.87
CA ARG C 56 26.01 1.84 -4.57
C ARG C 56 25.38 0.85 -3.60
N PRO C 57 26.20 0.10 -2.85
CA PRO C 57 25.62 -0.95 -1.97
C PRO C 57 24.68 -0.41 -0.90
N GLN C 58 24.92 0.79 -0.38
CA GLN C 58 24.06 1.31 0.67
C GLN C 58 22.66 1.62 0.15
N TYR C 59 22.56 2.14 -1.07
CA TYR C 59 21.24 2.40 -1.65
C TYR C 59 20.51 1.11 -1.97
N GLN C 60 21.23 0.10 -2.45
CA GLN C 60 20.61 -1.20 -2.68
C GLN C 60 20.14 -1.83 -1.38
N ARG C 61 20.91 -1.69 -0.31
CA ARG C 61 20.48 -2.20 1.00
C ARG C 61 19.25 -1.46 1.49
N PHE C 62 19.20 -0.14 1.30
CA PHE C 62 18.02 0.63 1.69
C PHE C 62 16.79 0.17 0.91
N MET C 63 16.94 -0.05 -0.40
CA MET C 63 15.84 -0.52 -1.21
C MET C 63 15.38 -1.91 -0.77
N ARG C 64 16.34 -2.78 -0.46
CA ARG C 64 15.99 -4.13 0.00
C ARG C 64 15.23 -4.10 1.32
N ASP C 65 15.69 -3.30 2.27
CA ASP C 65 15.10 -3.29 3.60
C ASP C 65 13.84 -2.45 3.71
N ASN C 66 13.55 -1.59 2.74
CA ASN C 66 12.40 -0.71 2.85
C ASN C 66 11.28 -0.96 1.85
N TYR C 67 11.53 -1.68 0.77
CA TYR C 67 10.54 -1.86 -0.28
C TYR C 67 10.60 -3.28 -0.81
N PRO C 68 9.51 -3.77 -1.41
CA PRO C 68 9.50 -5.14 -1.91
C PRO C 68 10.50 -5.30 -3.05
N PRO C 69 10.97 -6.53 -3.29
CA PRO C 69 11.93 -6.74 -4.37
C PRO C 69 11.34 -6.38 -5.73
N GLY C 70 12.20 -5.91 -6.62
CA GLY C 70 11.77 -5.46 -7.94
C GLY C 70 11.21 -4.05 -7.97
N PHE C 71 11.11 -3.38 -6.83
CA PHE C 71 10.62 -2.01 -6.78
C PHE C 71 11.46 -1.10 -7.66
N SER C 72 10.80 -0.32 -8.49
CA SER C 72 11.48 0.60 -9.40
C SER C 72 11.25 2.04 -8.96
N TYR C 73 12.05 2.94 -9.52
CA TYR C 73 11.97 4.35 -9.13
C TYR C 73 10.63 4.96 -9.54
N ALA C 74 10.10 4.57 -10.70
CA ALA C 74 8.80 5.08 -11.11
C ALA C 74 7.69 4.67 -10.15
N ASP C 75 7.85 3.56 -9.43
CA ASP C 75 6.88 3.17 -8.42
C ASP C 75 6.82 4.17 -7.27
N PHE C 76 7.84 5.01 -7.11
CA PHE C 76 7.76 6.11 -6.15
C PHE C 76 6.75 7.16 -6.55
N GLY C 77 6.37 7.22 -7.83
CA GLY C 77 5.50 8.27 -8.33
C GLY C 77 4.17 8.40 -7.62
N PRO C 78 3.42 7.31 -7.50
CA PRO C 78 2.13 7.39 -6.79
C PRO C 78 2.25 7.75 -5.31
N GLN C 79 3.41 7.52 -4.70
CA GLN C 79 3.59 7.81 -3.28
C GLN C 79 3.90 9.27 -2.99
N PHE C 80 4.05 10.10 -4.02
CA PHE C 80 4.32 11.53 -3.86
C PHE C 80 2.99 12.27 -3.70
N THR C 81 2.33 11.99 -2.57
CA THR C 81 0.95 12.44 -2.39
C THR C 81 0.86 13.96 -2.25
N ALA C 82 1.75 14.55 -1.45
CA ALA C 82 1.79 16.00 -1.24
C ALA C 82 0.43 16.54 -0.79
N ARG C 83 -0.19 15.82 0.16
CA ARG C 83 -1.53 16.16 0.61
C ARG C 83 -1.56 17.29 1.63
N PHE C 84 -0.42 17.68 2.18
CA PHE C 84 -0.33 18.80 3.10
C PHE C 84 0.32 20.02 2.46
N PHE C 85 0.30 20.10 1.14
CA PHE C 85 0.89 21.23 0.43
C PHE C 85 -0.04 22.43 0.52
N HIS C 86 0.46 23.52 1.09
CA HIS C 86 -0.27 24.78 1.20
C HIS C 86 0.62 25.90 0.69
N PRO C 87 0.53 26.22 -0.60
CA PRO C 87 1.43 27.25 -1.17
C PRO C 87 1.31 28.60 -0.50
N GLU C 88 0.13 28.95 0.03
CA GLU C 88 -0.01 30.23 0.73
C GLU C 88 0.86 30.26 1.98
N GLU C 89 0.89 29.16 2.73
CA GLU C 89 1.77 29.08 3.90
C GLU C 89 3.23 29.18 3.51
N TRP C 90 3.62 28.51 2.41
CA TRP C 90 4.99 28.60 1.93
C TRP C 90 5.35 30.05 1.59
N ALA C 91 4.46 30.73 0.87
CA ALA C 91 4.74 32.10 0.47
C ALA C 91 4.80 33.04 1.66
N ASP C 92 3.93 32.83 2.66
CA ASP C 92 4.00 33.63 3.88
C ASP C 92 5.31 33.40 4.61
N LEU C 93 5.76 32.16 4.68
CA LEU C 93 7.05 31.87 5.32
C LEU C 93 8.20 32.53 4.57
N PHE C 94 8.16 32.49 3.23
CA PHE C 94 9.23 33.08 2.44
C PHE C 94 9.23 34.61 2.58
N GLN C 95 8.05 35.22 2.67
CA GLN C 95 7.99 36.65 2.93
C GLN C 95 8.53 36.99 4.32
N ALA C 96 8.20 36.17 5.32
CA ALA C 96 8.70 36.40 6.67
C ALA C 96 10.21 36.21 6.75
N ALA C 97 10.77 35.35 5.90
CA ALA C 97 12.20 35.11 5.88
C ALA C 97 12.99 36.20 5.18
N GLY C 98 12.32 37.18 4.58
CA GLY C 98 12.99 38.25 3.87
C GLY C 98 13.38 37.93 2.45
N ALA C 99 12.93 36.79 1.92
CA ALA C 99 13.30 36.39 0.57
C ALA C 99 12.62 37.29 -0.45
N LYS C 100 13.38 37.74 -1.44
CA LYS C 100 12.84 38.55 -2.52
C LYS C 100 12.53 37.75 -3.77
N TYR C 101 13.12 36.57 -3.92
CA TYR C 101 12.78 35.67 -5.02
C TYR C 101 12.83 34.23 -4.53
N VAL C 102 12.00 33.39 -5.15
CA VAL C 102 11.90 31.99 -4.81
C VAL C 102 12.06 31.18 -6.08
N VAL C 103 13.01 30.25 -6.08
CA VAL C 103 13.31 29.41 -7.24
C VAL C 103 12.89 27.99 -6.88
N LEU C 104 11.94 27.44 -7.63
CA LEU C 104 11.42 26.10 -7.41
C LEU C 104 11.90 25.17 -8.52
N THR C 105 12.31 23.95 -8.14
CA THR C 105 12.70 22.96 -9.14
C THR C 105 11.45 22.46 -9.86
N THR C 106 11.32 22.79 -11.15
CA THR C 106 10.19 22.31 -11.93
C THR C 106 10.43 20.88 -12.41
N LYS C 107 11.67 20.54 -12.73
CA LYS C 107 12.02 19.18 -13.17
C LYS C 107 13.50 18.96 -12.91
N HIS C 108 13.82 17.92 -12.15
CA HIS C 108 15.19 17.56 -11.81
C HIS C 108 15.68 16.49 -12.77
N HIS C 109 16.85 15.91 -12.47
CA HIS C 109 17.43 14.90 -13.35
C HIS C 109 16.61 13.62 -13.42
N GLU C 110 15.67 13.43 -12.49
CA GLU C 110 14.79 12.26 -12.56
C GLU C 110 13.78 12.37 -13.70
N GLY C 111 13.58 13.56 -14.25
CA GLY C 111 12.67 13.76 -15.36
C GLY C 111 11.23 14.01 -14.98
N PHE C 112 10.90 13.97 -13.70
CA PHE C 112 9.52 14.17 -13.24
C PHE C 112 9.23 15.66 -13.23
N THR C 113 8.33 16.10 -14.10
CA THR C 113 7.96 17.52 -14.16
C THR C 113 6.92 17.83 -13.10
N ASN C 114 7.09 18.96 -12.42
CA ASN C 114 6.16 19.40 -11.40
C ASN C 114 5.01 20.22 -11.95
N TRP C 115 4.74 20.11 -13.24
CA TRP C 115 3.63 20.75 -13.92
C TRP C 115 3.12 19.82 -14.99
N PRO C 116 1.87 20.00 -15.45
CA PRO C 116 1.33 19.10 -16.47
C PRO C 116 1.99 19.27 -17.83
N SER C 117 3.20 18.73 -17.96
CA SER C 117 3.94 18.86 -19.21
C SER C 117 3.35 17.93 -20.27
N PRO C 118 3.02 18.45 -21.46
CA PRO C 118 2.51 17.56 -22.53
C PRO C 118 3.48 16.48 -22.95
N VAL C 119 4.78 16.70 -22.82
CA VAL C 119 5.78 15.74 -23.25
C VAL C 119 6.32 14.93 -22.08
N SER C 120 5.60 14.89 -20.97
CA SER C 120 5.96 14.08 -19.81
C SER C 120 4.73 13.36 -19.28
N TRP C 121 3.98 12.74 -20.20
CA TRP C 121 2.71 12.11 -19.83
C TRP C 121 2.94 10.97 -18.84
N ASN C 122 2.16 10.99 -17.76
CA ASN C 122 2.18 10.00 -16.68
C ASN C 122 3.50 10.00 -15.92
N TRP C 123 4.32 11.03 -16.10
CA TRP C 123 5.52 11.27 -15.30
C TRP C 123 5.57 12.72 -14.89
N ASN C 124 4.42 13.27 -14.52
CA ASN C 124 4.30 14.65 -14.07
C ASN C 124 3.44 14.66 -12.82
N SER C 125 3.39 15.82 -12.17
CA SER C 125 2.69 15.92 -10.88
C SER C 125 1.17 15.88 -11.07
N LYS C 126 0.68 16.24 -12.25
CA LYS C 126 -0.76 16.19 -12.49
C LYS C 126 -1.26 14.77 -12.68
N ASP C 127 -0.53 13.97 -13.46
CA ASP C 127 -0.99 12.63 -13.79
C ASP C 127 -0.85 11.66 -12.62
N VAL C 128 0.27 11.71 -11.91
CA VAL C 128 0.54 10.82 -10.78
C VAL C 128 1.01 11.67 -9.60
N GLY C 129 0.86 11.10 -8.41
CA GLY C 129 1.35 11.71 -7.20
C GLY C 129 0.44 12.80 -6.66
N PRO C 130 0.91 14.04 -6.69
CA PRO C 130 0.12 15.14 -6.13
C PRO C 130 -1.22 15.35 -6.82
N HIS C 131 -1.30 15.07 -8.12
CA HIS C 131 -2.48 15.38 -8.93
C HIS C 131 -2.78 16.87 -8.93
N ARG C 132 -1.73 17.69 -8.86
CA ARG C 132 -1.85 19.14 -8.85
C ARG C 132 -0.82 19.73 -9.79
N ASP C 133 -0.99 21.03 -10.06
CA ASP C 133 0.03 21.82 -10.75
C ASP C 133 0.81 22.57 -9.66
N LEU C 134 1.89 21.96 -9.20
CA LEU C 134 2.66 22.55 -8.12
C LEU C 134 3.31 23.86 -8.54
N VAL C 135 3.85 23.91 -9.76
CA VAL C 135 4.48 25.13 -10.26
C VAL C 135 3.47 26.27 -10.31
N GLY C 136 2.28 25.99 -10.85
CA GLY C 136 1.27 27.03 -10.97
C GLY C 136 0.76 27.52 -9.63
N GLU C 137 0.50 26.59 -8.70
CA GLU C 137 0.00 26.99 -7.38
C GLU C 137 1.03 27.81 -6.63
N LEU C 138 2.29 27.37 -6.64
CA LEU C 138 3.33 28.15 -5.97
C LEU C 138 3.51 29.51 -6.63
N GLY C 139 3.45 29.56 -7.97
CA GLY C 139 3.58 30.83 -8.64
C GLY C 139 2.46 31.79 -8.31
N THR C 140 1.22 31.30 -8.23
CA THR C 140 0.10 32.14 -7.85
C THR C 140 0.29 32.69 -6.44
N ALA C 141 0.68 31.81 -5.51
CA ALA C 141 0.88 32.24 -4.13
C ALA C 141 1.99 33.28 -4.02
N LEU C 142 3.08 33.09 -4.77
CA LEU C 142 4.20 34.03 -4.70
C LEU C 142 3.85 35.35 -5.38
N ARG C 143 3.13 35.30 -6.50
CA ARG C 143 2.77 36.52 -7.21
C ARG C 143 1.79 37.36 -6.41
N LYS C 144 0.90 36.71 -5.63
CA LYS C 144 0.00 37.47 -4.77
C LYS C 144 0.78 38.31 -3.75
N ARG C 145 1.97 37.85 -3.36
CA ARG C 145 2.79 38.55 -2.37
C ARG C 145 3.93 39.34 -3.00
N ASN C 146 3.93 39.50 -4.33
CA ASN C 146 4.95 40.29 -5.03
C ASN C 146 6.35 39.75 -4.82
N ILE C 147 6.48 38.42 -4.85
CA ILE C 147 7.77 37.75 -4.76
C ILE C 147 8.15 37.23 -6.13
N ARG C 148 9.39 37.47 -6.54
CA ARG C 148 9.86 37.04 -7.85
C ARG C 148 9.94 35.53 -7.94
N TYR C 149 9.68 35.00 -9.13
CA TYR C 149 9.56 33.57 -9.35
C TYR C 149 10.69 33.08 -10.27
N GLY C 150 11.34 32.01 -9.85
CA GLY C 150 12.38 31.39 -10.66
C GLY C 150 12.08 29.92 -10.84
N LEU C 151 12.34 29.42 -12.03
CA LEU C 151 12.09 28.03 -12.39
C LEU C 151 13.42 27.33 -12.62
N TYR C 152 13.70 26.32 -11.81
CA TYR C 152 14.87 25.48 -12.01
C TYR C 152 14.52 24.38 -13.00
N HIS C 153 15.33 24.24 -14.04
CA HIS C 153 15.13 23.22 -15.05
C HIS C 153 16.43 22.48 -15.29
N SER C 154 16.39 21.16 -15.19
CA SER C 154 17.54 20.33 -15.49
C SER C 154 17.47 19.88 -16.94
N LEU C 155 18.52 20.18 -17.70
CA LEU C 155 18.54 19.82 -19.11
C LEU C 155 18.59 18.30 -19.29
N LEU C 156 19.51 17.63 -18.61
CA LEU C 156 19.66 16.20 -18.79
C LEU C 156 18.68 15.44 -17.91
N GLU C 157 18.39 14.21 -18.33
CA GLU C 157 17.69 13.23 -17.52
C GLU C 157 18.50 11.95 -17.52
N TRP C 158 18.71 11.39 -16.33
CA TRP C 158 19.65 10.28 -16.18
C TRP C 158 19.30 9.11 -17.09
N PHE C 159 18.05 8.65 -17.03
CA PHE C 159 17.67 7.39 -17.64
C PHE C 159 16.61 7.53 -18.72
N HIS C 160 16.36 8.73 -19.21
CA HIS C 160 15.42 8.90 -20.30
C HIS C 160 15.96 8.20 -21.55
N PRO C 161 15.16 7.37 -22.21
CA PRO C 161 15.69 6.60 -23.35
C PRO C 161 16.23 7.47 -24.48
N LEU C 162 15.60 8.60 -24.77
CA LEU C 162 16.08 9.44 -25.86
C LEU C 162 17.40 10.12 -25.52
N TYR C 163 17.56 10.55 -24.27
CA TYR C 163 18.83 11.12 -23.85
C TYR C 163 19.94 10.07 -23.89
N LEU C 164 19.63 8.84 -23.48
CA LEU C 164 20.61 7.76 -23.56
C LEU C 164 20.97 7.47 -25.01
N LEU C 165 19.98 7.51 -25.91
CA LEU C 165 20.25 7.30 -27.33
C LEU C 165 21.14 8.40 -27.89
N ASP C 166 20.89 9.64 -27.52
CA ASP C 166 21.75 10.74 -27.96
C ASP C 166 23.17 10.59 -27.42
N LYS C 167 23.29 10.16 -26.16
CA LYS C 167 24.61 9.95 -25.58
C LYS C 167 25.35 8.82 -26.29
N LYS C 168 24.64 7.75 -26.65
CA LYS C 168 25.25 6.67 -27.40
C LYS C 168 25.75 7.15 -28.77
N ASN C 169 24.98 8.04 -29.40
CA ASN C 169 25.34 8.58 -30.71
C ASN C 169 26.35 9.71 -30.63
N GLY C 170 27.05 9.86 -29.52
CA GLY C 170 28.02 10.93 -29.39
C GLY C 170 27.43 12.32 -29.36
N PHE C 171 26.14 12.44 -28.98
CA PHE C 171 25.43 13.71 -28.94
C PHE C 171 25.42 14.40 -30.32
N LYS C 172 25.46 13.60 -31.38
CA LYS C 172 25.32 14.12 -32.73
C LYS C 172 23.85 14.27 -33.12
N THR C 173 23.00 13.37 -32.66
CA THR C 173 21.57 13.52 -32.81
C THR C 173 21.01 14.38 -31.66
N GLN C 174 19.82 14.91 -31.88
CA GLN C 174 19.16 15.77 -30.91
C GLN C 174 17.72 15.33 -30.70
N HIS C 175 17.50 14.02 -30.58
CA HIS C 175 16.15 13.49 -30.37
C HIS C 175 15.59 13.95 -29.03
N PHE C 176 16.40 13.86 -27.97
CA PHE C 176 15.96 14.27 -26.64
C PHE C 176 15.66 15.76 -26.58
N VAL C 177 16.52 16.57 -27.20
CA VAL C 177 16.35 18.03 -27.15
C VAL C 177 15.06 18.44 -27.85
N SER C 178 14.79 17.89 -29.03
CA SER C 178 13.60 18.28 -29.76
C SER C 178 12.34 17.64 -29.20
N ALA C 179 12.46 16.49 -28.53
CA ALA C 179 11.29 15.83 -27.99
C ALA C 179 10.88 16.35 -26.62
N LYS C 180 11.84 16.59 -25.73
CA LYS C 180 11.54 16.95 -24.36
C LYS C 180 12.05 18.34 -23.96
N THR C 181 13.33 18.62 -24.20
CA THR C 181 13.97 19.78 -23.60
C THR C 181 13.35 21.09 -24.08
N MET C 182 13.45 21.36 -25.39
CA MET C 182 12.94 22.63 -25.92
C MET C 182 11.44 22.81 -25.73
N PRO C 183 10.57 21.83 -26.03
CA PRO C 183 9.14 22.05 -25.75
C PRO C 183 8.86 22.34 -24.29
N GLU C 184 9.57 21.69 -23.37
CA GLU C 184 9.34 21.94 -21.95
C GLU C 184 9.80 23.32 -21.53
N LEU C 185 10.95 23.78 -22.05
CA LEU C 185 11.40 25.13 -21.75
C LEU C 185 10.42 26.17 -22.28
N TYR C 186 9.94 25.97 -23.51
CA TYR C 186 8.97 26.92 -24.08
C TYR C 186 7.67 26.92 -23.29
N ASP C 187 7.21 25.74 -22.85
CA ASP C 187 6.00 25.68 -22.04
C ASP C 187 6.21 26.34 -20.68
N LEU C 188 7.39 26.16 -20.08
CA LEU C 188 7.66 26.77 -18.78
C LEU C 188 7.80 28.28 -18.88
N VAL C 189 8.20 28.80 -20.03
CA VAL C 189 8.31 30.25 -20.19
C VAL C 189 6.97 30.87 -20.58
N ASN C 190 6.27 30.27 -21.54
CA ASN C 190 4.99 30.83 -22.00
C ASN C 190 3.96 30.84 -20.89
N SER C 191 3.90 29.77 -20.10
CA SER C 191 3.07 29.73 -18.90
C SER C 191 3.92 30.05 -17.69
N TYR C 192 3.28 30.58 -16.65
CA TYR C 192 3.88 30.90 -15.36
C TYR C 192 4.80 32.11 -15.41
N LYS C 193 5.12 32.60 -16.62
CA LYS C 193 5.92 33.80 -16.87
C LYS C 193 7.06 33.97 -15.88
N PRO C 194 8.08 33.12 -15.90
CA PRO C 194 9.11 33.18 -14.86
C PRO C 194 9.90 34.48 -14.89
N ASP C 195 10.31 34.91 -13.70
CA ASP C 195 11.27 36.01 -13.59
C ASP C 195 12.71 35.53 -13.67
N LEU C 196 12.97 34.26 -13.37
CA LEU C 196 14.31 33.71 -13.38
C LEU C 196 14.29 32.31 -13.95
N ILE C 197 15.34 31.95 -14.69
CA ILE C 197 15.52 30.59 -15.18
C ILE C 197 16.85 30.07 -14.63
N TRP C 198 16.78 28.98 -13.87
CA TRP C 198 17.93 28.36 -13.23
C TRP C 198 18.19 27.05 -13.96
N SER C 199 19.09 27.08 -14.94
CA SER C 199 19.39 25.89 -15.71
C SER C 199 20.38 25.01 -14.97
N ASP C 200 20.30 23.71 -15.24
CA ASP C 200 21.20 22.74 -14.64
C ASP C 200 21.27 21.52 -15.55
N GLY C 201 22.05 20.53 -15.13
CA GLY C 201 22.18 19.30 -15.88
C GLY C 201 22.80 19.49 -17.25
N GLU C 202 23.90 20.24 -17.31
CA GLU C 202 24.51 20.62 -18.57
C GLU C 202 25.97 20.19 -18.71
N TRP C 203 26.51 19.47 -17.73
CA TRP C 203 27.94 19.17 -17.73
C TRP C 203 28.33 18.06 -18.70
N GLU C 204 27.37 17.42 -19.36
CA GLU C 204 27.66 16.29 -20.24
C GLU C 204 27.70 16.64 -21.71
N CYS C 205 27.06 17.73 -22.13
CA CYS C 205 26.91 18.03 -23.55
C CYS C 205 27.31 19.47 -23.83
N PRO C 206 27.79 19.75 -25.04
CA PRO C 206 28.06 21.13 -25.43
C PRO C 206 26.76 21.92 -25.59
N ASP C 207 26.91 23.26 -25.55
CA ASP C 207 25.75 24.12 -25.72
C ASP C 207 25.13 24.01 -27.11
N THR C 208 25.90 23.56 -28.10
CA THR C 208 25.33 23.35 -29.43
C THR C 208 24.28 22.25 -29.41
N TYR C 209 24.53 21.17 -28.68
CA TYR C 209 23.56 20.09 -28.58
C TYR C 209 22.29 20.55 -27.87
N TRP C 210 22.43 21.34 -26.81
CA TRP C 210 21.29 21.76 -26.01
C TRP C 210 20.47 22.87 -26.65
N ASN C 211 20.93 23.42 -27.78
CA ASN C 211 20.23 24.50 -28.48
C ASN C 211 20.09 25.74 -27.59
N SER C 212 21.06 25.94 -26.68
CA SER C 212 20.95 26.98 -25.67
C SER C 212 20.89 28.38 -26.29
N THR C 213 21.73 28.63 -27.30
CA THR C 213 21.79 29.96 -27.88
C THR C 213 20.48 30.34 -28.56
N ASN C 214 19.87 29.40 -29.28
CA ASN C 214 18.60 29.69 -29.95
C ASN C 214 17.49 29.96 -28.93
N PHE C 215 17.40 29.13 -27.89
CA PHE C 215 16.39 29.35 -26.86
C PHE C 215 16.59 30.67 -26.14
N LEU C 216 17.86 31.02 -25.88
CA LEU C 216 18.13 32.28 -25.19
C LEU C 216 17.83 33.48 -26.08
N SER C 217 18.11 33.38 -27.38
CA SER C 217 17.74 34.45 -28.29
C SER C 217 16.23 34.62 -28.37
N TRP C 218 15.49 33.51 -28.42
CA TRP C 218 14.04 33.60 -28.39
C TRP C 218 13.55 34.22 -27.07
N LEU C 219 14.16 33.83 -25.95
CA LEU C 219 13.75 34.34 -24.65
C LEU C 219 14.00 35.85 -24.56
N TYR C 220 15.13 36.30 -25.09
CA TYR C 220 15.47 37.72 -25.03
C TYR C 220 14.79 38.55 -26.12
N ASN C 221 14.22 37.92 -27.14
CA ASN C 221 13.63 38.65 -28.26
C ASN C 221 12.11 38.58 -28.28
N ASP C 222 11.53 37.38 -28.27
CA ASP C 222 10.09 37.21 -28.51
C ASP C 222 9.36 36.55 -27.35
N SER C 223 9.97 36.47 -26.19
CA SER C 223 9.26 35.78 -25.12
C SER C 223 8.39 36.76 -24.33
N PRO C 224 7.36 36.26 -23.63
CA PRO C 224 6.54 37.16 -22.81
C PRO C 224 7.29 37.80 -21.65
N VAL C 225 8.43 37.25 -21.26
CA VAL C 225 9.22 37.79 -20.16
C VAL C 225 10.54 38.37 -20.65
N LYS C 226 10.58 38.83 -21.90
CA LYS C 226 11.85 39.21 -22.53
C LYS C 226 12.55 40.34 -21.79
N ASP C 227 11.80 41.18 -21.07
CA ASP C 227 12.43 42.32 -20.42
C ASP C 227 13.02 41.96 -19.07
N GLU C 228 12.19 41.52 -18.12
CA GLU C 228 12.63 41.26 -16.75
C GLU C 228 12.82 39.77 -16.51
N VAL C 229 13.81 39.19 -17.20
CA VAL C 229 14.16 37.79 -17.01
C VAL C 229 15.68 37.68 -16.90
N VAL C 230 16.14 36.80 -16.02
CA VAL C 230 17.56 36.54 -15.82
C VAL C 230 17.78 35.03 -15.87
N VAL C 231 18.95 34.62 -16.37
CA VAL C 231 19.31 33.21 -16.43
C VAL C 231 20.69 33.04 -15.83
N ASN C 232 20.99 31.81 -15.42
CA ASN C 232 22.28 31.47 -14.85
C ASN C 232 23.22 31.01 -15.98
N ASP C 233 24.34 30.41 -15.61
CA ASP C 233 25.42 30.11 -16.55
C ASP C 233 25.50 28.65 -16.94
N ARG C 234 24.51 27.83 -16.58
CA ARG C 234 24.58 26.38 -16.81
C ARG C 234 23.80 26.03 -18.07
N TRP C 235 24.39 26.35 -19.22
CA TRP C 235 23.74 26.13 -20.51
C TRP C 235 24.54 25.22 -21.43
N GLY C 236 25.49 24.48 -20.90
CA GLY C 236 26.28 23.57 -21.71
C GLY C 236 27.63 23.32 -21.09
N GLN C 237 28.39 22.46 -21.74
CA GLN C 237 29.75 22.19 -21.29
C GLN C 237 30.62 23.43 -21.46
N ASN C 238 31.46 23.69 -20.45
CA ASN C 238 32.36 24.84 -20.43
C ASN C 238 31.61 26.17 -20.49
N CYS C 239 30.30 26.16 -20.25
CA CYS C 239 29.51 27.38 -20.22
C CYS C 239 29.36 27.95 -18.82
N SER C 240 29.63 27.15 -17.79
CA SER C 240 29.51 27.61 -16.42
C SER C 240 30.54 28.69 -16.14
N CYS C 241 30.11 29.78 -15.50
CA CYS C 241 30.97 30.88 -15.09
C CYS C 241 31.64 31.57 -16.28
N HIS C 242 31.14 31.33 -17.50
CA HIS C 242 31.68 31.95 -18.70
C HIS C 242 30.61 32.62 -19.55
N HIS C 243 29.43 32.00 -19.63
CA HIS C 243 28.35 32.48 -20.49
C HIS C 243 27.05 32.51 -19.71
N GLY C 244 26.25 33.56 -19.92
CA GLY C 244 24.95 33.65 -19.30
C GLY C 244 24.66 34.99 -18.65
N GLY C 245 23.51 35.10 -17.98
CA GLY C 245 23.15 36.32 -17.29
C GLY C 245 24.02 36.58 -16.08
N TYR C 246 23.89 35.74 -15.06
CA TYR C 246 24.75 35.77 -13.90
C TYR C 246 25.47 34.42 -13.78
N TYR C 247 26.48 34.39 -12.93
CA TYR C 247 27.37 33.22 -12.82
C TYR C 247 27.13 32.52 -11.49
N ASN C 248 26.54 31.32 -11.55
CA ASN C 248 26.57 30.45 -10.39
C ASN C 248 27.94 29.78 -10.23
N CYS C 249 28.66 29.62 -11.35
CA CYS C 249 29.92 28.89 -11.40
C CYS C 249 29.78 27.54 -10.72
N GLU C 250 30.47 27.33 -9.60
CA GLU C 250 30.36 26.08 -8.86
C GLU C 250 29.35 26.22 -7.73
N ASP C 251 28.81 25.08 -7.31
CA ASP C 251 27.87 25.07 -6.20
C ASP C 251 28.57 25.53 -4.92
N LYS C 252 27.85 26.29 -4.10
CA LYS C 252 28.38 26.87 -2.88
C LYS C 252 29.65 27.67 -3.16
N PHE C 253 29.57 28.52 -4.18
CA PHE C 253 30.73 29.30 -4.63
C PHE C 253 31.10 30.34 -3.58
N LYS C 254 32.36 30.32 -3.14
CA LYS C 254 32.87 31.23 -2.12
C LYS C 254 34.11 31.92 -2.65
N PRO C 255 33.94 32.96 -3.46
CA PRO C 255 35.10 33.67 -4.01
C PRO C 255 35.85 34.42 -2.92
N GLN C 256 37.16 34.58 -3.14
CA GLN C 256 38.01 35.33 -2.22
C GLN C 256 38.06 36.80 -2.56
N SER C 257 38.19 37.14 -3.84
CA SER C 257 38.21 38.52 -4.30
C SER C 257 36.88 38.87 -4.96
N LEU C 258 36.73 40.15 -5.28
CA LEU C 258 35.49 40.64 -5.87
C LEU C 258 35.40 40.21 -7.32
N PRO C 259 34.38 39.46 -7.72
CA PRO C 259 34.23 39.12 -9.14
C PRO C 259 33.79 40.33 -9.96
N ASP C 260 34.11 40.28 -11.25
CA ASP C 260 33.76 41.36 -12.17
C ASP C 260 32.42 41.14 -12.86
N HIS C 261 31.71 40.07 -12.52
CA HIS C 261 30.40 39.77 -13.09
C HIS C 261 29.43 39.43 -11.98
N LYS C 262 28.16 39.74 -12.21
CA LYS C 262 27.12 39.41 -11.24
C LYS C 262 27.08 37.90 -11.03
N TRP C 263 27.07 37.48 -9.76
CA TRP C 263 27.14 36.08 -9.42
C TRP C 263 26.13 35.77 -8.33
N GLU C 264 25.97 34.48 -8.06
CA GLU C 264 25.00 34.03 -7.06
C GLU C 264 25.58 32.83 -6.33
N MET C 265 25.40 32.81 -5.02
CA MET C 265 25.81 31.68 -4.19
C MET C 265 24.59 30.83 -3.87
N CYS C 266 24.65 29.56 -4.22
CA CYS C 266 23.59 28.61 -3.90
C CYS C 266 24.10 27.67 -2.80
N THR C 267 23.40 27.66 -1.67
CA THR C 267 23.76 26.81 -0.55
C THR C 267 22.51 26.19 0.04
N SER C 268 22.69 25.06 0.71
CA SER C 268 21.58 24.30 1.28
C SER C 268 21.70 24.27 2.79
N ILE C 269 20.56 24.38 3.47
CA ILE C 269 20.54 24.26 4.92
C ILE C 269 21.02 22.88 5.35
N ASP C 270 20.56 21.84 4.66
CA ASP C 270 21.09 20.50 4.84
C ASP C 270 22.43 20.40 4.09
N LYS C 271 23.51 20.17 4.83
CA LYS C 271 24.84 20.21 4.23
C LYS C 271 25.12 19.02 3.32
N PHE C 272 24.32 17.97 3.39
CA PHE C 272 24.60 16.75 2.64
C PHE C 272 23.52 16.40 1.63
N SER C 273 22.55 17.28 1.40
CA SER C 273 21.50 17.01 0.43
C SER C 273 20.74 18.29 0.13
N TRP C 274 20.44 18.52 -1.15
CA TRP C 274 19.52 19.58 -1.52
C TRP C 274 18.08 19.14 -1.33
N GLY C 275 17.79 17.86 -1.54
CA GLY C 275 16.47 17.33 -1.25
C GLY C 275 16.28 16.98 0.20
N TYR C 276 15.02 16.81 0.59
CA TYR C 276 14.70 16.48 1.97
C TYR C 276 15.20 15.08 2.33
N ARG C 277 15.70 14.95 3.56
CA ARG C 277 16.13 13.67 4.11
C ARG C 277 15.39 13.42 5.41
N ARG C 278 14.73 12.27 5.52
CA ARG C 278 13.94 11.97 6.71
C ARG C 278 14.82 11.81 7.94
N ASP C 279 16.02 11.25 7.79
CA ASP C 279 16.92 11.00 8.90
C ASP C 279 17.98 12.08 9.06
N MET C 280 17.63 13.32 8.72
CA MET C 280 18.54 14.44 8.91
C MET C 280 18.91 14.59 10.38
N ALA C 281 20.20 14.71 10.66
CA ALA C 281 20.67 14.93 12.01
C ALA C 281 20.76 16.43 12.30
N LEU C 282 20.79 16.76 13.59
CA LEU C 282 20.94 18.16 13.98
C LEU C 282 22.30 18.71 13.56
N SER C 283 23.33 17.86 13.54
CA SER C 283 24.64 18.28 13.08
C SER C 283 24.71 18.48 11.57
N ASP C 284 23.74 17.95 10.83
CA ASP C 284 23.69 18.16 9.38
C ASP C 284 23.04 19.47 8.99
N VAL C 285 22.40 20.17 9.93
CA VAL C 285 21.71 21.41 9.65
C VAL C 285 22.68 22.57 9.86
N THR C 286 22.78 23.44 8.85
CA THR C 286 23.66 24.60 8.95
C THR C 286 23.15 25.55 10.03
N GLU C 287 24.06 26.02 10.87
CA GLU C 287 23.69 26.95 11.93
C GLU C 287 23.31 28.30 11.36
N GLU C 288 22.47 29.01 12.11
CA GLU C 288 21.96 30.36 11.73
C GLU C 288 23.11 31.36 11.69
N SER C 289 24.13 31.15 12.54
CA SER C 289 25.31 32.06 12.56
C SER C 289 26.08 31.89 11.25
N GLU C 290 26.23 30.64 10.79
CA GLU C 290 26.95 30.33 9.54
C GLU C 290 26.13 30.79 8.33
N ILE C 291 24.80 30.68 8.42
CA ILE C 291 23.92 31.10 7.29
C ILE C 291 24.02 32.63 7.13
N ILE C 292 23.88 33.36 8.23
CA ILE C 292 23.95 34.86 8.20
C ILE C 292 25.35 35.29 7.75
N SER C 293 26.39 34.57 8.20
CA SER C 293 27.79 34.89 7.84
C SER C 293 28.02 34.77 6.33
N GLU C 294 27.57 33.66 5.73
CA GLU C 294 27.74 33.44 4.26
C GLU C 294 26.95 34.49 3.48
N LEU C 295 25.77 34.86 3.98
CA LEU C 295 24.91 35.87 3.29
C LEU C 295 25.63 37.21 3.30
N VAL C 296 26.20 37.59 4.44
CA VAL C 296 26.93 38.89 4.58
C VAL C 296 28.15 38.88 3.64
N GLN C 297 28.91 37.79 3.61
CA GLN C 297 30.07 37.73 2.72
C GLN C 297 29.65 37.75 1.26
N THR C 298 28.56 37.07 0.92
CA THR C 298 28.09 37.05 -0.47
C THR C 298 27.62 38.43 -0.92
N VAL C 299 26.84 39.11 -0.08
CA VAL C 299 26.33 40.44 -0.45
C VAL C 299 27.47 41.44 -0.52
N SER C 300 28.43 41.34 0.41
CA SER C 300 29.56 42.27 0.41
C SER C 300 30.37 42.14 -0.88
N LEU C 301 30.56 40.92 -1.37
CA LEU C 301 31.31 40.67 -2.59
C LEU C 301 30.45 40.77 -3.85
N GLY C 302 29.32 41.47 -3.78
CA GLY C 302 28.47 41.68 -4.94
C GLY C 302 27.79 40.44 -5.48
N GLY C 303 27.28 39.58 -4.61
CA GLY C 303 26.60 38.38 -5.04
C GLY C 303 25.21 38.27 -4.43
N ASN C 304 24.44 37.36 -4.99
CA ASN C 304 23.10 37.02 -4.49
C ASN C 304 23.18 35.74 -3.68
N TYR C 305 22.36 35.64 -2.65
CA TYR C 305 22.36 34.51 -1.74
C TYR C 305 21.10 33.69 -1.95
N LEU C 306 21.27 32.43 -2.35
CA LEU C 306 20.16 31.53 -2.64
C LEU C 306 20.22 30.36 -1.65
N LEU C 307 19.34 30.37 -0.66
CA LEU C 307 19.30 29.36 0.39
C LEU C 307 18.28 28.29 0.04
N ASN C 308 18.67 27.02 0.19
CA ASN C 308 17.86 25.90 -0.29
C ASN C 308 17.19 25.17 0.88
N ILE C 309 15.93 24.81 0.68
CA ILE C 309 15.20 23.96 1.61
C ILE C 309 14.60 22.80 0.81
N GLY C 310 14.35 21.68 1.50
CA GLY C 310 13.76 20.54 0.87
C GLY C 310 12.47 20.12 1.56
N PRO C 311 11.34 20.30 0.87
CA PRO C 311 10.06 19.88 1.44
C PRO C 311 9.92 18.36 1.45
N THR C 312 9.07 17.89 2.37
CA THR C 312 8.79 16.47 2.44
C THR C 312 7.86 16.05 1.30
N LYS C 313 7.69 14.74 1.14
CA LYS C 313 6.80 14.22 0.12
C LYS C 313 5.34 14.59 0.38
N ASP C 314 5.01 15.04 1.58
CA ASP C 314 3.67 15.52 1.91
C ASP C 314 3.51 17.01 1.70
N GLY C 315 4.53 17.70 1.20
CA GLY C 315 4.44 19.13 0.98
C GLY C 315 4.64 19.98 2.21
N LEU C 316 5.42 19.50 3.18
CA LEU C 316 5.64 20.21 4.42
C LEU C 316 7.09 20.66 4.53
N ILE C 317 7.28 21.85 5.11
CA ILE C 317 8.60 22.36 5.45
C ILE C 317 8.81 22.13 6.94
N VAL C 318 9.84 21.36 7.28
CA VAL C 318 10.05 20.89 8.65
C VAL C 318 10.35 22.06 9.57
N PRO C 319 10.05 21.96 10.87
CA PRO C 319 10.22 23.13 11.76
C PRO C 319 11.64 23.65 11.85
N ILE C 320 12.66 22.81 11.62
CA ILE C 320 14.03 23.30 11.70
C ILE C 320 14.33 24.24 10.54
N PHE C 321 13.86 23.91 9.34
CA PHE C 321 14.02 24.81 8.20
C PHE C 321 13.27 26.11 8.42
N GLN C 322 12.06 26.02 8.97
CA GLN C 322 11.31 27.22 9.30
C GLN C 322 12.06 28.08 10.32
N GLU C 323 12.67 27.44 11.32
CA GLU C 323 13.43 28.19 12.32
C GLU C 323 14.62 28.92 11.69
N ARG C 324 15.36 28.23 10.82
CA ARG C 324 16.48 28.88 10.15
C ARG C 324 16.02 30.05 9.29
N LEU C 325 14.97 29.84 8.50
CA LEU C 325 14.48 30.90 7.62
C LEU C 325 13.95 32.09 8.42
N LEU C 326 13.24 31.83 9.53
CA LEU C 326 12.70 32.90 10.33
C LEU C 326 13.80 33.65 11.09
N ALA C 327 14.87 32.96 11.49
CA ALA C 327 15.99 33.65 12.09
C ALA C 327 16.66 34.58 11.08
N VAL C 328 16.79 34.10 9.83
CA VAL C 328 17.39 34.93 8.74
C VAL C 328 16.48 36.15 8.51
N GLY C 329 15.16 35.95 8.52
CA GLY C 329 14.24 37.06 8.34
C GLY C 329 14.26 38.04 9.50
N LYS C 330 14.41 37.54 10.72
CA LYS C 330 14.49 38.42 11.89
C LYS C 330 15.76 39.26 11.83
N TRP C 331 16.85 38.65 11.37
CA TRP C 331 18.13 39.39 11.24
C TRP C 331 17.98 40.45 10.15
N LEU C 332 17.30 40.10 9.05
CA LEU C 332 17.09 41.03 7.95
C LEU C 332 16.14 42.16 8.31
N SER C 333 15.13 41.93 9.15
CA SER C 333 14.22 43.01 9.54
C SER C 333 14.97 44.15 10.21
N ILE C 334 16.14 43.88 10.77
CA ILE C 334 16.97 44.90 11.39
C ILE C 334 18.04 45.42 10.42
N ASN C 335 18.70 44.53 9.69
CA ASN C 335 19.86 44.90 8.89
C ASN C 335 19.58 44.89 7.38
N GLY C 336 18.33 45.08 6.97
CA GLY C 336 18.02 45.02 5.55
C GLY C 336 18.59 46.18 4.75
N GLU C 337 18.57 47.39 5.32
CA GLU C 337 19.02 48.56 4.59
C GLU C 337 20.51 48.51 4.27
N ALA C 338 21.25 47.60 4.89
CA ALA C 338 22.64 47.35 4.52
C ALA C 338 22.78 46.23 3.51
N ILE C 339 21.68 45.60 3.10
CA ILE C 339 21.74 44.44 2.22
C ILE C 339 20.96 44.70 0.95
N TYR C 340 19.67 44.98 1.07
CA TYR C 340 18.81 45.14 -0.09
C TYR C 340 19.20 46.37 -0.90
N ALA C 341 19.32 46.20 -2.22
CA ALA C 341 19.64 47.29 -3.14
C ALA C 341 20.96 47.97 -2.77
N SER C 342 21.91 47.19 -2.29
CA SER C 342 23.24 47.68 -1.94
C SER C 342 24.25 47.25 -2.99
N LYS C 343 25.42 47.88 -2.93
CA LYS C 343 26.51 47.57 -3.85
C LYS C 343 27.81 47.44 -3.08
N PRO C 344 28.77 46.67 -3.59
CA PRO C 344 30.05 46.53 -2.89
C PRO C 344 30.80 47.86 -2.82
N TRP C 345 31.53 48.03 -1.72
CA TRP C 345 32.35 49.21 -1.52
C TRP C 345 33.71 49.01 -2.20
N ARG C 346 34.67 49.90 -1.90
CA ARG C 346 35.98 49.82 -2.52
C ARG C 346 36.93 48.86 -1.82
N VAL C 347 36.57 48.36 -0.63
CA VAL C 347 37.42 47.46 0.13
C VAL C 347 36.74 46.11 0.33
N GLN C 348 35.47 46.12 0.75
CA GLN C 348 34.60 44.96 0.90
C GLN C 348 34.94 44.08 2.10
N TRP C 349 36.09 44.31 2.74
CA TRP C 349 36.39 43.66 4.01
C TRP C 349 37.68 44.24 4.57
N GLU C 350 37.72 44.41 5.89
CA GLU C 350 38.94 44.82 6.57
C GLU C 350 39.87 43.62 6.69
N LYS C 351 41.12 43.78 6.24
CA LYS C 351 42.10 42.71 6.26
C LYS C 351 42.85 42.62 7.58
N ASN C 352 42.53 43.50 8.54
CA ASN C 352 43.23 43.50 9.82
C ASN C 352 42.33 43.54 11.04
N THR C 353 41.01 43.49 10.89
CA THR C 353 40.10 43.59 12.02
C THR C 353 39.30 42.29 12.17
N THR C 354 38.34 42.31 13.09
CA THR C 354 37.59 41.11 13.47
C THR C 354 36.44 40.90 12.48
N SER C 355 36.80 40.41 11.30
CA SER C 355 35.86 39.95 10.28
C SER C 355 34.77 41.00 10.00
N VAL C 356 35.20 42.13 9.45
CA VAL C 356 34.30 43.22 9.08
C VAL C 356 34.17 43.24 7.56
N TRP C 357 32.93 43.28 7.08
CA TRP C 357 32.62 43.32 5.67
C TRP C 357 31.89 44.61 5.33
N TYR C 358 32.05 45.09 4.11
CA TYR C 358 31.59 46.41 3.72
C TYR C 358 30.55 46.34 2.63
N THR C 359 29.43 47.04 2.83
CA THR C 359 28.47 47.33 1.79
C THR C 359 28.32 48.84 1.67
N SER C 360 27.73 49.30 0.57
CA SER C 360 27.52 50.72 0.38
C SER C 360 26.18 50.96 -0.30
N LYS C 361 25.45 51.96 0.19
CA LYS C 361 24.18 52.37 -0.42
C LYS C 361 24.17 53.89 -0.46
N GLY C 362 24.16 54.46 -1.66
CA GLY C 362 24.21 55.90 -1.78
C GLY C 362 25.50 56.43 -1.21
N SER C 363 25.39 57.37 -0.26
CA SER C 363 26.54 57.90 0.46
C SER C 363 26.80 57.18 1.77
N ALA C 364 25.98 56.21 2.13
CA ALA C 364 26.13 55.48 3.39
C ALA C 364 26.99 54.25 3.20
N VAL C 365 27.87 54.00 4.16
CA VAL C 365 28.76 52.85 4.16
C VAL C 365 28.41 51.99 5.37
N TYR C 366 28.16 50.71 5.14
CA TYR C 366 27.77 49.80 6.20
C TYR C 366 28.91 48.81 6.46
N ALA C 367 29.33 48.73 7.71
CA ALA C 367 30.31 47.76 8.16
C ALA C 367 29.59 46.70 8.98
N ILE C 368 29.46 45.51 8.43
CA ILE C 368 28.81 44.39 9.09
C ILE C 368 29.91 43.53 9.70
N PHE C 369 29.90 43.41 11.03
CA PHE C 369 30.89 42.61 11.73
C PHE C 369 30.19 41.45 12.43
N LEU C 370 30.85 40.29 12.38
CA LEU C 370 30.30 39.05 12.91
C LEU C 370 30.89 38.67 14.26
N HIS C 371 31.92 39.36 14.73
CA HIS C 371 32.55 39.10 16.01
C HIS C 371 32.53 40.37 16.84
N TRP C 372 31.93 40.30 18.02
CA TRP C 372 31.90 41.44 18.92
C TRP C 372 33.26 41.58 19.60
N PRO C 373 33.93 42.72 19.48
CA PRO C 373 35.24 42.86 20.12
C PRO C 373 35.13 42.76 21.63
N GLU C 374 36.11 42.10 22.24
CA GLU C 374 36.11 41.92 23.69
C GLU C 374 36.26 43.25 24.41
N ASN C 375 37.09 44.14 23.87
CA ASN C 375 37.37 45.41 24.52
C ASN C 375 36.31 46.47 24.24
N GLY C 376 35.37 46.20 23.34
CA GLY C 376 34.22 47.06 23.14
C GLY C 376 34.39 48.19 22.15
N VAL C 377 35.56 48.31 21.51
CA VAL C 377 35.81 49.34 20.51
C VAL C 377 36.12 48.66 19.18
N LEU C 378 35.42 49.09 18.13
CA LEU C 378 35.61 48.54 16.79
C LEU C 378 36.59 49.40 16.01
N ASN C 379 37.64 48.76 15.50
CA ASN C 379 38.65 49.45 14.71
C ASN C 379 38.32 49.30 13.23
N LEU C 380 38.30 50.42 12.52
CA LEU C 380 37.98 50.48 11.09
C LEU C 380 39.05 51.30 10.40
N GLU C 381 40.01 50.64 9.77
CA GLU C 381 41.11 51.35 9.12
C GLU C 381 40.69 51.96 7.79
N SER C 382 39.86 51.26 7.03
CA SER C 382 39.53 51.70 5.66
C SER C 382 38.80 53.03 5.59
N PRO C 383 37.73 53.28 6.36
CA PRO C 383 36.96 54.52 6.13
C PRO C 383 37.78 55.78 6.40
N ILE C 384 37.50 56.81 5.63
CA ILE C 384 38.10 58.13 5.80
C ILE C 384 37.05 59.04 6.40
N THR C 385 37.33 59.59 7.58
CA THR C 385 36.35 60.38 8.31
C THR C 385 36.36 61.82 7.83
N THR C 386 35.16 62.38 7.67
CA THR C 386 34.98 63.79 7.38
C THR C 386 34.35 64.48 8.59
N SER C 387 34.24 65.81 8.52
CA SER C 387 33.69 66.57 9.63
C SER C 387 32.21 66.32 9.86
N THR C 388 31.52 65.69 8.91
CA THR C 388 30.10 65.38 9.02
C THR C 388 29.87 63.87 9.14
N THR C 389 30.74 63.19 9.89
CA THR C 389 30.66 61.74 10.04
C THR C 389 29.78 61.38 11.23
N LYS C 390 28.87 60.44 11.02
CA LYS C 390 27.96 59.98 12.07
C LYS C 390 27.92 58.46 12.08
N ILE C 391 28.03 57.88 13.27
CA ILE C 391 27.95 56.43 13.47
C ILE C 391 26.58 56.11 14.04
N THR C 392 25.92 55.10 13.48
CA THR C 392 24.52 54.83 13.79
C THR C 392 24.27 53.54 14.53
N MET C 393 24.98 52.45 14.20
CA MET C 393 24.78 51.14 14.83
C MET C 393 23.33 50.68 14.65
N LEU C 394 23.03 50.34 13.39
CA LEU C 394 21.71 49.86 12.97
C LEU C 394 21.07 48.96 14.01
N GLY C 395 19.82 49.28 14.36
CA GLY C 395 19.08 48.57 15.37
C GLY C 395 19.04 49.27 16.71
N ILE C 396 19.92 50.22 16.95
CA ILE C 396 19.97 50.99 18.19
C ILE C 396 19.87 52.47 17.85
N GLN C 397 18.93 53.16 18.50
CA GLN C 397 18.78 54.60 18.32
C GLN C 397 19.85 55.34 19.11
N GLY C 398 20.49 56.31 18.48
CA GLY C 398 21.53 57.08 19.14
C GLY C 398 22.89 56.94 18.49
N ASP C 399 23.61 58.05 18.38
CA ASP C 399 24.93 58.03 17.75
C ASP C 399 25.94 57.33 18.66
N LEU C 400 27.09 57.02 18.08
CA LEU C 400 28.17 56.35 18.79
C LEU C 400 29.39 57.27 18.88
N LYS C 401 30.12 57.14 19.98
CA LYS C 401 31.37 57.87 20.14
C LYS C 401 32.43 57.26 19.23
N TRP C 402 33.21 58.11 18.57
CA TRP C 402 34.26 57.65 17.68
C TRP C 402 35.43 58.62 17.69
N SER C 403 36.64 58.05 17.65
CA SER C 403 37.88 58.82 17.64
C SER C 403 38.71 58.41 16.43
N THR C 404 39.22 59.39 15.70
CA THR C 404 40.02 59.15 14.50
C THR C 404 41.50 59.23 14.85
N ASP C 405 42.14 58.08 14.92
CA ASP C 405 43.58 58.03 15.14
C ASP C 405 44.31 58.48 13.87
N PRO C 406 45.31 59.35 13.98
CA PRO C 406 46.06 59.76 12.78
C PRO C 406 46.82 58.60 12.13
N ASP C 407 47.68 57.94 12.91
CA ASP C 407 48.47 56.84 12.37
C ASP C 407 47.62 55.59 12.16
N LYS C 408 46.76 55.26 13.12
CA LYS C 408 45.89 54.11 13.04
C LYS C 408 44.58 54.51 12.34
N GLY C 409 43.58 53.64 12.42
CA GLY C 409 42.29 53.89 11.81
C GLY C 409 41.29 54.48 12.77
N LEU C 410 40.02 54.45 12.36
CA LEU C 410 38.93 54.93 13.19
C LEU C 410 38.63 53.94 14.31
N PHE C 411 38.20 54.47 15.46
CA PHE C 411 37.84 53.67 16.62
C PHE C 411 36.43 54.06 17.04
N ILE C 412 35.49 53.14 16.94
CA ILE C 412 34.09 53.38 17.25
C ILE C 412 33.76 52.74 18.58
N SER C 413 33.20 53.52 19.50
CA SER C 413 32.79 53.02 20.80
C SER C 413 31.43 52.34 20.65
N LEU C 414 31.40 51.01 20.80
CA LEU C 414 30.18 50.25 20.66
C LEU C 414 29.31 50.40 21.90
N PRO C 415 27.98 50.30 21.75
CA PRO C 415 27.09 50.37 22.92
C PRO C 415 27.20 49.11 23.76
N GLN C 416 27.53 49.27 25.04
CA GLN C 416 27.68 48.14 25.95
C GLN C 416 26.29 47.73 26.42
N LEU C 417 25.70 46.77 25.70
CA LEU C 417 24.35 46.31 25.99
C LEU C 417 24.38 45.10 26.90
N PRO C 418 23.44 45.01 27.84
CA PRO C 418 23.35 43.83 28.69
C PRO C 418 22.83 42.63 27.89
N PRO C 419 23.00 41.41 28.41
CA PRO C 419 22.48 40.25 27.70
C PRO C 419 20.97 40.32 27.55
N SER C 420 20.47 39.72 26.45
CA SER C 420 19.06 39.75 26.08
C SER C 420 18.57 41.16 25.80
N ALA C 421 19.47 42.02 25.29
CA ALA C 421 19.11 43.37 24.88
C ALA C 421 19.67 43.77 23.54
N VAL C 422 20.56 42.99 22.95
CA VAL C 422 21.14 43.28 21.63
C VAL C 422 20.05 43.14 20.57
N PRO C 423 20.06 43.95 19.51
CA PRO C 423 19.05 43.78 18.46
C PRO C 423 19.16 42.44 17.75
N ALA C 424 20.33 42.12 17.22
CA ALA C 424 20.59 40.84 16.60
C ALA C 424 21.42 39.97 17.55
N GLU C 425 21.75 38.76 17.10
CA GLU C 425 22.47 37.82 17.95
C GLU C 425 23.80 37.34 17.39
N PHE C 426 24.06 37.48 16.08
CA PHE C 426 25.28 36.95 15.49
C PHE C 426 26.04 37.90 14.59
N ALA C 427 25.36 38.93 14.06
CA ALA C 427 26.03 39.90 13.16
C ALA C 427 25.44 41.29 13.40
N TRP C 428 26.28 42.34 13.41
CA TRP C 428 25.82 43.68 13.68
C TRP C 428 26.32 44.63 12.61
N THR C 429 25.55 45.69 12.36
CA THR C 429 25.83 46.62 11.28
C THR C 429 26.08 48.02 11.84
N ILE C 430 27.17 48.63 11.42
CA ILE C 430 27.51 50.01 11.74
C ILE C 430 27.30 50.84 10.48
N LYS C 431 26.51 51.90 10.59
CA LYS C 431 26.21 52.78 9.47
C LYS C 431 27.01 54.06 9.60
N LEU C 432 27.77 54.40 8.55
CA LEU C 432 28.59 55.59 8.50
C LEU C 432 28.08 56.51 7.39
N THR C 433 27.79 57.75 7.75
CA THR C 433 27.33 58.77 6.82
C THR C 433 28.41 59.85 6.70
N GLY C 434 28.56 60.38 5.50
CA GLY C 434 29.62 61.37 5.25
C GLY C 434 31.01 60.81 5.37
N VAL C 435 31.25 59.63 4.80
CA VAL C 435 32.55 58.97 4.85
C VAL C 435 32.98 58.65 3.42
N LYS C 436 34.22 58.98 3.10
CA LYS C 436 34.78 58.69 1.79
C LYS C 436 35.32 57.26 1.74
N ARG D 6 -31.88 -34.45 29.96
CA ARG D 6 -30.77 -34.03 30.79
C ARG D 6 -29.54 -34.89 30.52
N TYR D 7 -28.38 -34.24 30.43
CA TYR D 7 -27.13 -34.92 30.12
C TYR D 7 -26.06 -34.47 31.10
N THR D 8 -25.18 -35.39 31.46
CA THR D 8 -24.09 -35.12 32.37
C THR D 8 -22.78 -34.93 31.61
N PRO D 9 -21.82 -34.18 32.17
CA PRO D 9 -20.58 -33.92 31.43
C PRO D 9 -19.67 -35.13 31.31
N ASP D 10 -20.17 -36.22 30.73
CA ASP D 10 -19.36 -37.40 30.45
C ASP D 10 -19.77 -37.98 29.12
N TRP D 11 -18.82 -38.63 28.45
CA TRP D 11 -19.06 -39.14 27.10
C TRP D 11 -20.18 -40.18 27.02
N PRO D 12 -20.31 -41.15 27.94
CA PRO D 12 -21.42 -42.11 27.81
C PRO D 12 -22.79 -41.45 27.81
N SER D 13 -22.97 -40.37 28.58
CA SER D 13 -24.25 -39.66 28.57
C SER D 13 -24.42 -38.83 27.31
N LEU D 14 -23.36 -38.14 26.89
CA LEU D 14 -23.46 -37.25 25.73
C LEU D 14 -23.70 -38.02 24.45
N ASP D 15 -23.06 -39.19 24.30
CA ASP D 15 -23.20 -39.99 23.09
C ASP D 15 -24.57 -40.64 22.97
N SER D 16 -25.35 -40.69 24.05
CA SER D 16 -26.68 -41.28 24.00
C SER D 16 -27.73 -40.34 23.44
N ARG D 17 -27.39 -39.08 23.19
CA ARG D 17 -28.36 -38.14 22.65
C ARG D 17 -28.65 -38.46 21.19
N PRO D 18 -29.90 -38.70 20.81
CA PRO D 18 -30.20 -38.95 19.40
C PRO D 18 -30.02 -37.70 18.56
N LEU D 19 -29.51 -37.90 17.35
CA LEU D 19 -29.33 -36.77 16.44
C LEU D 19 -30.68 -36.30 15.90
N PRO D 20 -30.90 -35.00 15.82
CA PRO D 20 -32.09 -34.50 15.12
C PRO D 20 -32.10 -34.94 13.67
N ALA D 21 -33.31 -35.20 13.16
CA ALA D 21 -33.46 -35.83 11.85
C ALA D 21 -33.06 -34.91 10.70
N TRP D 22 -32.98 -33.60 10.94
CA TRP D 22 -32.68 -32.67 9.84
C TRP D 22 -31.32 -32.95 9.24
N PHE D 23 -30.34 -33.31 10.07
CA PHE D 23 -28.99 -33.55 9.57
C PHE D 23 -28.96 -34.76 8.63
N ASP D 24 -29.61 -35.84 9.03
CA ASP D 24 -29.63 -37.04 8.20
C ASP D 24 -30.45 -36.82 6.94
N GLU D 25 -31.51 -36.01 7.01
CA GLU D 25 -32.31 -35.72 5.82
C GLU D 25 -31.68 -34.67 4.91
N ALA D 26 -30.67 -33.94 5.40
CA ALA D 26 -30.07 -32.87 4.59
C ALA D 26 -29.18 -33.44 3.49
N LYS D 27 -28.38 -34.46 3.81
CA LYS D 27 -27.52 -35.15 2.86
C LYS D 27 -26.38 -34.29 2.32
N PHE D 28 -26.71 -33.21 1.60
CA PHE D 28 -25.72 -32.42 0.91
C PHE D 28 -25.51 -31.08 1.60
N GLY D 29 -24.25 -30.73 1.83
CA GLY D 29 -23.91 -29.45 2.43
C GLY D 29 -22.71 -28.83 1.74
N VAL D 30 -22.51 -27.55 2.02
CA VAL D 30 -21.45 -26.77 1.41
C VAL D 30 -20.54 -26.23 2.51
N PHE D 31 -19.24 -26.47 2.38
CA PHE D 31 -18.23 -26.01 3.31
C PHE D 31 -17.56 -24.75 2.76
N ILE D 32 -17.34 -23.77 3.64
CA ILE D 32 -16.71 -22.51 3.27
C ILE D 32 -15.50 -22.30 4.16
N HIS D 33 -14.30 -22.30 3.57
CA HIS D 33 -13.07 -21.96 4.25
C HIS D 33 -12.68 -20.55 3.83
N TRP D 34 -12.80 -19.60 4.76
CA TRP D 34 -12.60 -18.19 4.46
C TRP D 34 -11.95 -17.51 5.65
N GLY D 35 -10.92 -16.72 5.39
CA GLY D 35 -10.20 -16.07 6.47
C GLY D 35 -9.02 -15.28 5.95
N VAL D 36 -8.11 -14.95 6.87
CA VAL D 36 -6.92 -14.17 6.52
C VAL D 36 -6.01 -14.96 5.58
N PHE D 37 -6.05 -16.29 5.64
CA PHE D 37 -5.24 -17.10 4.73
C PHE D 37 -5.64 -16.90 3.28
N SER D 38 -6.81 -16.33 3.02
CA SER D 38 -7.22 -16.02 1.65
C SER D 38 -6.46 -14.85 1.07
N VAL D 39 -5.76 -14.07 1.90
CA VAL D 39 -5.03 -12.91 1.40
C VAL D 39 -3.77 -13.38 0.66
N PRO D 40 -2.89 -14.19 1.25
CA PRO D 40 -1.81 -14.76 0.43
C PRO D 40 -2.31 -15.66 -0.68
N ALA D 41 -3.36 -16.43 -0.43
CA ALA D 41 -3.98 -17.31 -1.42
C ALA D 41 -2.95 -18.19 -2.13
N TRP D 42 -2.06 -18.77 -1.34
CA TRP D 42 -0.96 -19.55 -1.89
C TRP D 42 -0.69 -20.75 -0.99
N GLY D 43 -0.50 -21.91 -1.62
CA GLY D 43 -0.19 -23.12 -0.89
C GLY D 43 -1.41 -23.81 -0.30
N SER D 44 -1.91 -23.27 0.81
CA SER D 44 -3.06 -23.82 1.51
C SER D 44 -3.45 -22.84 2.62
N GLU D 45 -4.52 -23.19 3.34
CA GLU D 45 -4.91 -22.43 4.52
C GLU D 45 -3.95 -22.63 5.69
N TRP D 46 -3.01 -23.58 5.58
CA TRP D 46 -1.96 -23.80 6.56
C TRP D 46 -0.75 -22.92 6.29
N PHE D 47 -0.94 -21.78 5.61
CA PHE D 47 0.18 -20.93 5.20
C PHE D 47 1.02 -20.50 6.39
N TRP D 48 0.38 -20.03 7.46
CA TRP D 48 1.13 -19.49 8.59
C TRP D 48 2.00 -20.56 9.24
N TRP D 49 1.46 -21.76 9.44
CA TRP D 49 2.24 -22.82 10.06
C TRP D 49 3.37 -23.31 9.13
N HIS D 50 3.09 -23.45 7.84
CA HIS D 50 4.12 -23.89 6.92
C HIS D 50 5.22 -22.85 6.75
N TRP D 51 4.90 -21.57 6.98
CA TRP D 51 5.85 -20.50 6.78
C TRP D 51 6.69 -20.22 8.02
N GLN D 52 6.06 -20.11 9.19
CA GLN D 52 6.75 -19.81 10.43
C GLN D 52 6.90 -21.00 11.35
N GLY D 53 5.90 -21.89 11.41
CA GLY D 53 6.00 -23.05 12.27
C GLY D 53 7.06 -24.04 11.81
N GLU D 54 7.14 -24.27 10.50
CA GLU D 54 8.09 -25.21 9.94
C GLU D 54 9.20 -24.55 9.11
N GLY D 55 9.01 -23.31 8.68
CA GLY D 55 10.02 -22.62 7.90
C GLY D 55 10.31 -23.28 6.57
N ARG D 56 9.27 -23.67 5.84
CA ARG D 56 9.46 -24.30 4.55
C ARG D 56 10.08 -23.31 3.58
N PRO D 57 11.11 -23.72 2.82
CA PRO D 57 11.81 -22.76 1.94
C PRO D 57 10.92 -22.14 0.88
N GLN D 58 9.93 -22.87 0.36
CA GLN D 58 9.09 -22.31 -0.69
C GLN D 58 8.21 -21.18 -0.17
N TYR D 59 7.70 -21.31 1.06
CA TYR D 59 6.90 -20.24 1.65
C TYR D 59 7.76 -19.01 1.95
N GLN D 60 8.98 -19.23 2.43
CA GLN D 60 9.90 -18.12 2.67
C GLN D 60 10.26 -17.42 1.36
N ARG D 61 10.46 -18.18 0.29
CA ARG D 61 10.74 -17.58 -1.01
C ARG D 61 9.54 -16.78 -1.50
N PHE D 62 8.33 -17.30 -1.32
CA PHE D 62 7.13 -16.56 -1.70
C PHE D 62 7.02 -15.25 -0.92
N MET D 63 7.28 -15.30 0.38
CA MET D 63 7.24 -14.10 1.20
C MET D 63 8.30 -13.09 0.76
N ARG D 64 9.50 -13.58 0.44
CA ARG D 64 10.57 -12.69 -0.01
C ARG D 64 10.22 -12.01 -1.33
N ASP D 65 9.69 -12.77 -2.28
CA ASP D 65 9.43 -12.25 -3.62
C ASP D 65 8.13 -11.46 -3.73
N ASN D 66 7.23 -11.57 -2.75
CA ASN D 66 5.94 -10.90 -2.86
C ASN D 66 5.68 -9.79 -1.86
N TYR D 67 6.45 -9.70 -0.77
CA TYR D 67 6.19 -8.74 0.28
C TYR D 67 7.50 -8.18 0.80
N PRO D 68 7.47 -6.99 1.40
CA PRO D 68 8.71 -6.40 1.90
C PRO D 68 9.28 -7.23 3.04
N PRO D 69 10.59 -7.13 3.28
CA PRO D 69 11.20 -7.91 4.36
C PRO D 69 10.61 -7.53 5.72
N GLY D 70 10.56 -8.51 6.61
CA GLY D 70 9.97 -8.31 7.92
C GLY D 70 8.46 -8.40 7.96
N PHE D 71 7.81 -8.60 6.82
CA PHE D 71 6.36 -8.74 6.77
C PHE D 71 5.90 -9.90 7.65
N SER D 72 4.91 -9.64 8.49
CA SER D 72 4.37 -10.64 9.39
C SER D 72 2.97 -11.05 8.95
N TYR D 73 2.50 -12.16 9.52
CA TYR D 73 1.19 -12.68 9.13
C TYR D 73 0.07 -11.73 9.53
N ALA D 74 0.19 -11.08 10.69
CA ALA D 74 -0.82 -10.13 11.11
C ALA D 74 -0.93 -8.95 10.15
N ASP D 75 0.14 -8.63 9.42
CA ASP D 75 0.08 -7.58 8.42
C ASP D 75 -0.85 -7.95 7.26
N PHE D 76 -1.18 -9.23 7.11
CA PHE D 76 -2.20 -9.64 6.15
C PHE D 76 -3.59 -9.16 6.55
N GLY D 77 -3.80 -8.85 7.82
CA GLY D 77 -5.12 -8.51 8.33
C GLY D 77 -5.81 -7.36 7.62
N PRO D 78 -5.14 -6.22 7.50
CA PRO D 78 -5.76 -5.09 6.79
C PRO D 78 -6.04 -5.35 5.32
N GLN D 79 -5.34 -6.30 4.70
CA GLN D 79 -5.53 -6.58 3.28
C GLN D 79 -6.72 -7.49 2.99
N PHE D 80 -7.40 -7.98 4.02
CA PHE D 80 -8.57 -8.83 3.86
C PHE D 80 -9.81 -7.95 3.70
N THR D 81 -9.85 -7.23 2.58
CA THR D 81 -10.84 -6.18 2.40
C THR D 81 -12.25 -6.74 2.26
N ALA D 82 -12.41 -7.80 1.46
CA ALA D 82 -13.70 -8.46 1.25
C ALA D 82 -14.77 -7.45 0.80
N ARG D 83 -14.39 -6.59 -0.15
CA ARG D 83 -15.26 -5.52 -0.60
C ARG D 83 -16.30 -5.98 -1.62
N PHE D 84 -16.16 -7.18 -2.17
CA PHE D 84 -17.14 -7.73 -3.09
C PHE D 84 -17.96 -8.84 -2.45
N PHE D 85 -18.04 -8.86 -1.13
CA PHE D 85 -18.81 -9.87 -0.42
C PHE D 85 -20.30 -9.55 -0.50
N HIS D 86 -21.07 -10.47 -1.08
CA HIS D 86 -22.52 -10.34 -1.19
C HIS D 86 -23.15 -11.63 -0.67
N PRO D 87 -23.47 -11.68 0.62
CA PRO D 87 -24.02 -12.94 1.18
C PRO D 87 -25.30 -13.41 0.51
N GLU D 88 -26.12 -12.50 -0.02
CA GLU D 88 -27.33 -12.91 -0.71
C GLU D 88 -26.99 -13.71 -1.97
N GLU D 89 -25.98 -13.27 -2.71
CA GLU D 89 -25.54 -14.02 -3.89
C GLU D 89 -25.01 -15.39 -3.49
N TRP D 90 -24.23 -15.45 -2.41
CA TRP D 90 -23.73 -16.74 -1.92
C TRP D 90 -24.88 -17.67 -1.59
N ALA D 91 -25.88 -17.16 -0.86
CA ALA D 91 -27.00 -18.01 -0.45
C ALA D 91 -27.83 -18.46 -1.65
N ASP D 92 -28.01 -17.58 -2.64
CA ASP D 92 -28.70 -17.98 -3.86
C ASP D 92 -27.93 -19.07 -4.60
N LEU D 93 -26.61 -18.95 -4.67
CA LEU D 93 -25.81 -19.99 -5.31
C LEU D 93 -25.91 -21.31 -4.56
N PHE D 94 -25.88 -21.26 -3.23
CA PHE D 94 -25.97 -22.48 -2.44
C PHE D 94 -27.35 -23.14 -2.57
N GLN D 95 -28.40 -22.33 -2.66
CA GLN D 95 -29.72 -22.89 -2.92
C GLN D 95 -29.80 -23.51 -4.31
N ALA D 96 -29.20 -22.86 -5.30
CA ALA D 96 -29.19 -23.42 -6.66
C ALA D 96 -28.38 -24.70 -6.74
N ALA D 97 -27.36 -24.84 -5.89
CA ALA D 97 -26.53 -26.03 -5.88
C ALA D 97 -27.18 -27.21 -5.17
N GLY D 98 -28.35 -27.03 -4.57
CA GLY D 98 -29.03 -28.09 -3.87
C GLY D 98 -28.57 -28.30 -2.45
N ALA D 99 -27.73 -27.41 -1.91
CA ALA D 99 -27.22 -27.58 -0.56
C ALA D 99 -28.32 -27.35 0.46
N LYS D 100 -28.40 -28.22 1.45
CA LYS D 100 -29.36 -28.09 2.53
C LYS D 100 -28.77 -27.46 3.78
N TYR D 101 -27.45 -27.49 3.93
CA TYR D 101 -26.78 -26.80 5.03
C TYR D 101 -25.46 -26.23 4.53
N VAL D 102 -25.06 -25.12 5.16
CA VAL D 102 -23.83 -24.43 4.81
C VAL D 102 -23.03 -24.23 6.09
N VAL D 103 -21.78 -24.70 6.09
CA VAL D 103 -20.89 -24.60 7.24
C VAL D 103 -19.79 -23.62 6.88
N LEU D 104 -19.70 -22.53 7.63
CA LEU D 104 -18.71 -21.49 7.42
C LEU D 104 -17.66 -21.52 8.52
N THR D 105 -16.39 -21.38 8.15
CA THR D 105 -15.32 -21.30 9.14
C THR D 105 -15.41 -19.96 9.86
N THR D 106 -15.76 -19.98 11.15
CA THR D 106 -15.80 -18.76 11.93
C THR D 106 -14.40 -18.36 12.41
N LYS D 107 -13.57 -19.34 12.73
CA LYS D 107 -12.19 -19.08 13.17
C LYS D 107 -11.36 -20.32 12.91
N HIS D 108 -10.29 -20.16 12.15
CA HIS D 108 -9.38 -21.24 11.81
C HIS D 108 -8.20 -21.23 12.77
N HIS D 109 -7.17 -22.04 12.47
CA HIS D 109 -6.01 -22.13 13.34
C HIS D 109 -5.21 -20.85 13.41
N GLU D 110 -5.43 -19.91 12.49
CA GLU D 110 -4.76 -18.62 12.55
C GLU D 110 -5.28 -17.75 13.70
N GLY D 111 -6.45 -18.08 14.25
CA GLY D 111 -7.02 -17.35 15.36
C GLY D 111 -7.85 -16.15 14.98
N PHE D 112 -7.96 -15.83 13.70
CA PHE D 112 -8.73 -14.67 13.24
C PHE D 112 -10.21 -15.04 13.23
N THR D 113 -10.99 -14.42 14.10
CA THR D 113 -12.42 -14.69 14.16
C THR D 113 -13.15 -13.88 13.10
N ASN D 114 -14.10 -14.51 12.43
CA ASN D 114 -14.90 -13.87 11.40
C ASN D 114 -16.13 -13.18 11.96
N TRP D 115 -16.14 -12.88 13.25
CA TRP D 115 -17.20 -12.16 13.92
C TRP D 115 -16.57 -11.30 15.00
N PRO D 116 -17.27 -10.24 15.46
CA PRO D 116 -16.69 -9.37 16.48
C PRO D 116 -16.55 -10.04 17.84
N SER D 117 -15.55 -10.91 17.97
CA SER D 117 -15.35 -11.63 19.22
C SER D 117 -14.77 -10.70 20.28
N PRO D 118 -15.37 -10.62 21.47
CA PRO D 118 -14.79 -9.78 22.53
C PRO D 118 -13.40 -10.20 22.96
N VAL D 119 -13.04 -11.47 22.82
CA VAL D 119 -11.74 -11.96 23.26
C VAL D 119 -10.78 -12.11 22.08
N SER D 120 -11.05 -11.44 20.97
CA SER D 120 -10.17 -11.42 19.81
C SER D 120 -10.04 -10.00 19.28
N TRP D 121 -9.80 -9.05 20.20
CA TRP D 121 -9.77 -7.64 19.83
C TRP D 121 -8.65 -7.36 18.84
N ASN D 122 -9.00 -6.66 17.77
CA ASN D 122 -8.10 -6.26 16.69
C ASN D 122 -7.53 -7.44 15.92
N TRP D 123 -8.11 -8.63 16.10
CA TRP D 123 -7.82 -9.81 15.30
C TRP D 123 -9.10 -10.48 14.89
N ASN D 124 -10.10 -9.68 14.53
CA ASN D 124 -11.39 -10.15 14.07
C ASN D 124 -11.77 -9.38 12.82
N SER D 125 -12.85 -9.83 12.17
CA SER D 125 -13.23 -9.24 10.90
C SER D 125 -13.84 -7.85 11.07
N LYS D 126 -14.38 -7.56 12.26
CA LYS D 126 -14.96 -6.24 12.50
C LYS D 126 -13.88 -5.18 12.69
N ASP D 127 -12.84 -5.50 13.47
CA ASP D 127 -11.83 -4.50 13.79
C ASP D 127 -10.89 -4.22 12.63
N VAL D 128 -10.46 -5.26 11.91
CA VAL D 128 -9.55 -5.12 10.79
C VAL D 128 -10.11 -5.90 9.61
N GLY D 129 -9.66 -5.52 8.41
CA GLY D 129 -10.00 -6.23 7.21
C GLY D 129 -11.38 -5.87 6.66
N PRO D 130 -12.30 -6.83 6.70
CA PRO D 130 -13.63 -6.58 6.14
C PRO D 130 -14.40 -5.47 6.83
N HIS D 131 -14.17 -5.26 8.13
CA HIS D 131 -14.95 -4.33 8.94
C HIS D 131 -16.43 -4.70 8.94
N ARG D 132 -16.72 -6.00 8.87
CA ARG D 132 -18.09 -6.51 8.86
C ARG D 132 -18.18 -7.69 9.80
N ASP D 133 -19.42 -8.10 10.07
CA ASP D 133 -19.71 -9.36 10.76
C ASP D 133 -20.05 -10.38 9.67
N LEU D 134 -19.04 -11.09 9.21
CA LEU D 134 -19.24 -12.05 8.13
C LEU D 134 -20.15 -13.19 8.55
N VAL D 135 -19.96 -13.70 9.77
CA VAL D 135 -20.80 -14.79 10.27
C VAL D 135 -22.26 -14.37 10.32
N GLY D 136 -22.51 -13.18 10.86
CA GLY D 136 -23.88 -12.71 10.99
C GLY D 136 -24.54 -12.44 9.64
N GLU D 137 -23.82 -11.82 8.72
CA GLU D 137 -24.39 -11.53 7.40
C GLU D 137 -24.70 -12.82 6.64
N LEU D 138 -23.76 -13.77 6.65
CA LEU D 138 -24.03 -15.04 5.98
C LEU D 138 -25.17 -15.79 6.64
N GLY D 139 -25.24 -15.75 7.98
CA GLY D 139 -26.34 -16.42 8.66
C GLY D 139 -27.69 -15.82 8.32
N THR D 140 -27.77 -14.49 8.25
CA THR D 140 -29.01 -13.83 7.87
C THR D 140 -29.42 -14.24 6.45
N ALA D 141 -28.46 -14.21 5.52
CA ALA D 141 -28.77 -14.58 4.15
C ALA D 141 -29.24 -16.02 4.03
N LEU D 142 -28.59 -16.93 4.78
CA LEU D 142 -28.97 -18.34 4.71
C LEU D 142 -30.31 -18.59 5.39
N ARG D 143 -30.57 -17.92 6.51
CA ARG D 143 -31.83 -18.12 7.23
C ARG D 143 -33.01 -17.58 6.43
N LYS D 144 -32.80 -16.51 5.65
CA LYS D 144 -33.88 -16.02 4.78
C LYS D 144 -34.30 -17.07 3.77
N ARG D 145 -33.38 -17.96 3.38
CA ARG D 145 -33.66 -19.00 2.39
C ARG D 145 -33.89 -20.37 3.02
N ASN D 146 -34.03 -20.44 4.34
CA ASN D 146 -34.31 -21.69 5.05
C ASN D 146 -33.21 -22.73 4.83
N ILE D 147 -31.96 -22.28 4.87
CA ILE D 147 -30.80 -23.16 4.77
C ILE D 147 -30.17 -23.28 6.15
N ARG D 148 -29.85 -24.51 6.55
CA ARG D 148 -29.27 -24.75 7.86
C ARG D 148 -27.87 -24.17 7.95
N TYR D 149 -27.49 -23.72 9.14
CA TYR D 149 -26.26 -23.00 9.36
C TYR D 149 -25.34 -23.81 10.28
N GLY D 150 -24.08 -23.94 9.86
CA GLY D 150 -23.08 -24.62 10.66
C GLY D 150 -21.88 -23.71 10.84
N LEU D 151 -21.31 -23.74 12.04
CA LEU D 151 -20.17 -22.92 12.39
C LEU D 151 -18.96 -23.82 12.62
N TYR D 152 -17.93 -23.64 11.81
CA TYR D 152 -16.67 -24.34 12.01
C TYR D 152 -15.82 -23.55 13.00
N HIS D 153 -15.35 -24.23 14.04
CA HIS D 153 -14.51 -23.60 15.06
C HIS D 153 -13.29 -24.47 15.29
N SER D 154 -12.11 -23.86 15.19
CA SER D 154 -10.86 -24.55 15.49
C SER D 154 -10.50 -24.31 16.94
N LEU D 155 -10.31 -25.38 17.70
CA LEU D 155 -9.98 -25.24 19.11
C LEU D 155 -8.59 -24.64 19.28
N LEU D 156 -7.59 -25.19 18.61
CA LEU D 156 -6.23 -24.71 18.78
C LEU D 156 -5.95 -23.49 17.91
N GLU D 157 -4.97 -22.71 18.32
CA GLU D 157 -4.39 -21.66 17.51
C GLU D 157 -2.89 -21.84 17.51
N TRP D 158 -2.28 -21.79 16.32
CA TRP D 158 -0.88 -22.17 16.17
C TRP D 158 0.03 -21.35 17.07
N PHE D 159 -0.09 -20.03 17.02
CA PHE D 159 0.88 -19.14 17.63
C PHE D 159 0.31 -18.24 18.71
N HIS D 160 -0.89 -18.54 19.20
CA HIS D 160 -1.44 -17.75 20.29
C HIS D 160 -0.58 -17.94 21.54
N PRO D 161 -0.17 -16.86 22.20
CA PRO D 161 0.75 -17.02 23.35
C PRO D 161 0.21 -17.88 24.47
N LEU D 162 -1.09 -17.79 24.76
CA LEU D 162 -1.65 -18.58 25.85
C LEU D 162 -1.70 -20.07 25.51
N TYR D 163 -2.02 -20.40 24.26
CA TYR D 163 -1.99 -21.79 23.84
C TYR D 163 -0.56 -22.34 23.88
N LEU D 164 0.42 -21.54 23.47
CA LEU D 164 1.81 -21.96 23.55
C LEU D 164 2.23 -22.16 25.00
N LEU D 165 1.77 -21.29 25.90
CA LEU D 165 2.07 -21.44 27.32
C LEU D 165 1.47 -22.71 27.88
N ASP D 166 0.23 -23.02 27.51
CA ASP D 166 -0.39 -24.27 27.95
C ASP D 166 0.35 -25.48 27.41
N LYS D 167 0.79 -25.41 26.15
CA LYS D 167 1.54 -26.51 25.57
C LYS D 167 2.88 -26.71 26.27
N LYS D 168 3.54 -25.60 26.64
CA LYS D 168 4.79 -25.70 27.39
C LYS D 168 4.56 -26.35 28.75
N ASN D 169 3.44 -26.04 29.39
CA ASN D 169 3.10 -26.59 30.69
C ASN D 169 2.51 -27.98 30.62
N GLY D 170 2.67 -28.69 29.50
CA GLY D 170 2.11 -30.02 29.37
C GLY D 170 0.60 -30.08 29.34
N PHE D 171 -0.05 -28.96 28.96
CA PHE D 171 -1.51 -28.87 28.93
C PHE D 171 -2.12 -29.15 30.30
N LYS D 172 -1.39 -28.85 31.37
CA LYS D 172 -1.92 -28.94 32.72
C LYS D 172 -2.68 -27.68 33.11
N THR D 173 -2.23 -26.52 32.65
CA THR D 173 -2.98 -25.29 32.80
C THR D 173 -4.00 -25.16 31.65
N GLN D 174 -4.99 -24.31 31.88
CA GLN D 174 -6.05 -24.07 30.90
C GLN D 174 -6.26 -22.58 30.69
N HIS D 175 -5.17 -21.83 30.57
CA HIS D 175 -5.27 -20.39 30.36
C HIS D 175 -5.93 -20.07 29.02
N PHE D 176 -5.50 -20.77 27.96
CA PHE D 176 -6.06 -20.54 26.63
C PHE D 176 -7.53 -20.91 26.57
N VAL D 177 -7.90 -22.03 27.20
CA VAL D 177 -9.29 -22.50 27.14
C VAL D 177 -10.21 -21.51 27.84
N SER D 178 -9.83 -21.03 29.03
CA SER D 178 -10.69 -20.12 29.76
C SER D 178 -10.65 -18.71 29.20
N ALA D 179 -9.57 -18.32 28.53
CA ALA D 179 -9.46 -16.98 27.99
C ALA D 179 -10.11 -16.84 26.62
N LYS D 180 -9.92 -17.81 25.73
CA LYS D 180 -10.37 -17.69 24.36
C LYS D 180 -11.41 -18.74 23.96
N THR D 181 -11.12 -20.03 24.20
CA THR D 181 -11.90 -21.10 23.60
C THR D 181 -13.35 -21.09 24.08
N MET D 182 -13.55 -21.30 25.39
CA MET D 182 -14.91 -21.38 25.92
C MET D 182 -15.71 -20.11 25.73
N PRO D 183 -15.20 -18.90 26.03
CA PRO D 183 -16.00 -17.70 25.75
C PRO D 183 -16.40 -17.57 24.29
N GLU D 184 -15.50 -17.94 23.37
CA GLU D 184 -15.82 -17.83 21.95
C GLU D 184 -16.88 -18.84 21.54
N LEU D 185 -16.80 -20.07 22.06
CA LEU D 185 -17.83 -21.05 21.75
C LEU D 185 -19.19 -20.62 22.29
N TYR D 186 -19.21 -20.09 23.51
CA TYR D 186 -20.48 -19.63 24.08
C TYR D 186 -21.04 -18.45 23.30
N ASP D 187 -20.17 -17.53 22.86
CA ASP D 187 -20.63 -16.41 22.05
C ASP D 187 -21.14 -16.88 20.69
N LEU D 188 -20.48 -17.87 20.09
CA LEU D 188 -20.91 -18.38 18.79
C LEU D 188 -22.22 -19.15 18.89
N VAL D 189 -22.51 -19.74 20.04
CA VAL D 189 -23.78 -20.45 20.20
C VAL D 189 -24.91 -19.50 20.59
N ASN D 190 -24.67 -18.61 21.55
CA ASN D 190 -25.72 -17.70 22.01
C ASN D 190 -26.18 -16.77 20.90
N SER D 191 -25.24 -16.26 20.11
CA SER D 191 -25.56 -15.49 18.92
C SER D 191 -25.48 -16.39 17.70
N TYR D 192 -26.24 -16.04 16.66
CA TYR D 192 -26.26 -16.72 15.37
C TYR D 192 -26.97 -18.07 15.42
N LYS D 193 -27.27 -18.57 16.63
CA LYS D 193 -28.02 -19.80 16.89
C LYS D 193 -27.68 -20.90 15.88
N PRO D 194 -26.48 -21.46 15.91
CA PRO D 194 -26.09 -22.43 14.87
C PRO D 194 -26.93 -23.69 14.90
N ASP D 195 -27.14 -24.25 13.71
CA ASP D 195 -27.72 -25.58 13.60
C ASP D 195 -26.68 -26.68 13.68
N LEU D 196 -25.42 -26.37 13.38
CA LEU D 196 -24.35 -27.36 13.39
C LEU D 196 -23.09 -26.73 13.95
N ILE D 197 -22.32 -27.53 14.69
CA ILE D 197 -21.01 -27.11 15.19
C ILE D 197 -19.97 -28.08 14.64
N TRP D 198 -19.02 -27.56 13.87
CA TRP D 198 -17.97 -28.34 13.23
C TRP D 198 -16.67 -28.02 13.96
N SER D 199 -16.32 -28.84 14.94
CA SER D 199 -15.11 -28.60 15.71
C SER D 199 -13.89 -29.12 14.96
N ASP D 200 -12.75 -28.49 15.24
CA ASP D 200 -11.49 -28.89 14.63
C ASP D 200 -10.35 -28.43 15.54
N GLY D 201 -9.12 -28.71 15.12
CA GLY D 201 -7.95 -28.31 15.87
C GLY D 201 -7.86 -28.95 17.24
N GLU D 202 -8.07 -30.26 17.30
CA GLU D 202 -8.16 -30.98 18.56
C GLU D 202 -7.15 -32.12 18.70
N TRP D 203 -6.26 -32.30 17.72
CA TRP D 203 -5.38 -33.46 17.72
C TRP D 203 -4.20 -33.34 18.68
N GLU D 204 -4.04 -32.20 19.35
CA GLU D 204 -2.89 -31.98 20.22
C GLU D 204 -3.19 -32.17 21.70
N CYS D 205 -4.45 -32.05 22.12
CA CYS D 205 -4.78 -32.05 23.53
C CYS D 205 -5.91 -33.03 23.82
N PRO D 206 -5.96 -33.58 25.03
CA PRO D 206 -7.09 -34.41 25.42
C PRO D 206 -8.36 -33.58 25.58
N ASP D 207 -9.51 -34.28 25.54
CA ASP D 207 -10.78 -33.61 25.72
C ASP D 207 -10.94 -32.99 27.10
N THR D 208 -10.21 -33.50 28.09
CA THR D 208 -10.26 -32.89 29.42
C THR D 208 -9.72 -31.48 29.41
N TYR D 209 -8.63 -31.24 28.67
CA TYR D 209 -8.07 -29.90 28.57
C TYR D 209 -9.03 -28.95 27.86
N TRP D 210 -9.69 -29.41 26.80
CA TRP D 210 -10.55 -28.55 26.00
C TRP D 210 -11.90 -28.29 26.65
N ASN D 211 -12.21 -28.95 27.77
CA ASN D 211 -13.49 -28.77 28.47
C ASN D 211 -14.67 -29.18 27.58
N SER D 212 -14.43 -30.14 26.68
CA SER D 212 -15.42 -30.48 25.67
C SER D 212 -16.70 -31.03 26.29
N THR D 213 -16.58 -31.90 27.29
CA THR D 213 -17.75 -32.52 27.87
C THR D 213 -18.66 -31.50 28.56
N ASN D 214 -18.06 -30.54 29.28
CA ASN D 214 -18.87 -29.52 29.95
C ASN D 214 -19.59 -28.63 28.93
N PHE D 215 -18.87 -28.20 27.89
CA PHE D 215 -19.51 -27.37 26.86
C PHE D 215 -20.62 -28.12 26.15
N LEU D 216 -20.40 -29.42 25.88
CA LEU D 216 -21.41 -30.20 25.20
C LEU D 216 -22.63 -30.44 26.08
N SER D 217 -22.42 -30.65 27.38
CA SER D 217 -23.54 -30.78 28.30
C SER D 217 -24.34 -29.48 28.37
N TRP D 218 -23.65 -28.34 28.42
CA TRP D 218 -24.36 -27.06 28.39
C TRP D 218 -25.12 -26.89 27.08
N LEU D 219 -24.51 -27.26 25.96
CA LEU D 219 -25.15 -27.12 24.66
C LEU D 219 -26.41 -27.99 24.57
N TYR D 220 -26.33 -29.21 25.09
CA TYR D 220 -27.47 -30.12 25.04
C TYR D 220 -28.51 -29.86 26.12
N ASN D 221 -28.19 -29.07 27.14
CA ASN D 221 -29.09 -28.85 28.27
C ASN D 221 -29.68 -27.45 28.29
N ASP D 222 -28.84 -26.41 28.27
CA ASP D 222 -29.31 -25.05 28.52
C ASP D 222 -29.03 -24.10 27.36
N SER D 223 -28.69 -24.61 26.20
CA SER D 223 -28.37 -23.68 25.14
C SER D 223 -29.63 -23.31 24.35
N PRO D 224 -29.62 -22.17 23.64
CA PRO D 224 -30.78 -21.80 22.82
C PRO D 224 -31.04 -22.76 21.67
N VAL D 225 -30.06 -23.56 21.27
CA VAL D 225 -30.21 -24.50 20.17
C VAL D 225 -30.17 -25.94 20.66
N LYS D 226 -30.57 -26.17 21.91
CA LYS D 226 -30.37 -27.48 22.54
C LYS D 226 -31.09 -28.60 21.80
N ASP D 227 -32.16 -28.28 21.09
CA ASP D 227 -32.94 -29.34 20.42
C ASP D 227 -32.35 -29.71 19.07
N GLU D 228 -32.31 -28.78 18.13
CA GLU D 228 -31.89 -29.06 16.76
C GLU D 228 -30.46 -28.60 16.52
N VAL D 229 -29.52 -29.24 17.21
CA VAL D 229 -28.10 -28.97 17.01
C VAL D 229 -27.35 -30.29 16.91
N VAL D 230 -26.36 -30.32 16.02
CA VAL D 230 -25.52 -31.50 15.83
C VAL D 230 -24.06 -31.05 15.87
N VAL D 231 -23.19 -31.94 16.37
CA VAL D 231 -21.76 -31.66 16.43
C VAL D 231 -21.02 -32.84 15.83
N ASN D 232 -19.77 -32.58 15.41
CA ASN D 232 -18.92 -33.60 14.85
C ASN D 232 -18.09 -34.24 15.98
N ASP D 233 -17.08 -35.01 15.60
CA ASP D 233 -16.35 -35.86 16.54
C ASP D 233 -14.99 -35.30 16.94
N ARG D 234 -14.67 -34.06 16.57
CA ARG D 234 -13.33 -33.51 16.80
C ARG D 234 -13.34 -32.65 18.06
N TRP D 235 -13.38 -33.32 19.21
CA TRP D 235 -13.46 -32.64 20.50
C TRP D 235 -12.29 -32.98 21.42
N GLY D 236 -11.22 -33.52 20.89
CA GLY D 236 -10.06 -33.84 21.70
C GLY D 236 -9.26 -34.96 21.08
N GLN D 237 -8.15 -35.28 21.72
CA GLN D 237 -7.33 -36.39 21.27
C GLN D 237 -8.08 -37.71 21.45
N ASN D 238 -7.96 -38.58 20.44
CA ASN D 238 -8.61 -39.89 20.41
C ASN D 238 -10.13 -39.77 20.48
N CYS D 239 -10.68 -38.58 20.24
CA CYS D 239 -12.12 -38.39 20.21
C CYS D 239 -12.70 -38.50 18.81
N SER D 240 -11.87 -38.40 17.78
CA SER D 240 -12.34 -38.49 16.41
C SER D 240 -12.87 -39.88 16.13
N CYS D 241 -14.04 -39.95 15.49
CA CYS D 241 -14.67 -41.21 15.08
C CYS D 241 -15.00 -42.11 16.27
N HIS D 242 -15.00 -41.55 17.49
CA HIS D 242 -15.33 -42.30 18.69
C HIS D 242 -16.39 -41.63 19.55
N HIS D 243 -16.34 -40.29 19.62
CA HIS D 243 -17.23 -39.52 20.48
C HIS D 243 -17.82 -38.36 19.70
N GLY D 244 -19.11 -38.09 19.91
CA GLY D 244 -19.74 -36.94 19.29
C GLY D 244 -21.08 -37.26 18.65
N GLY D 245 -21.67 -36.27 17.98
CA GLY D 245 -22.93 -36.46 17.29
C GLY D 245 -22.79 -37.36 16.08
N TYR D 246 -22.09 -36.88 15.06
CA TYR D 246 -21.75 -37.67 13.90
C TYR D 246 -20.23 -37.74 13.78
N TYR D 247 -19.76 -38.64 12.93
CA TYR D 247 -18.33 -38.95 12.81
C TYR D 247 -17.80 -38.43 11.48
N ASN D 248 -16.96 -37.39 11.54
CA ASN D 248 -16.17 -37.04 10.38
C ASN D 248 -14.98 -37.99 10.23
N CYS D 249 -14.52 -38.58 11.34
CA CYS D 249 -13.33 -39.40 11.39
C CYS D 249 -12.16 -38.70 10.71
N GLU D 250 -11.68 -39.23 9.59
CA GLU D 250 -10.59 -38.60 8.85
C GLU D 250 -11.16 -37.75 7.72
N ASP D 251 -10.36 -36.76 7.30
CA ASP D 251 -10.75 -35.91 6.19
C ASP D 251 -10.87 -36.75 4.91
N LYS D 252 -11.86 -36.41 4.09
CA LYS D 252 -12.16 -37.15 2.87
C LYS D 252 -12.35 -38.63 3.15
N PHE D 253 -13.15 -38.93 4.17
CA PHE D 253 -13.35 -40.30 4.62
C PHE D 253 -14.13 -41.08 3.57
N LYS D 254 -13.58 -42.22 3.14
CA LYS D 254 -14.18 -43.06 2.11
C LYS D 254 -14.28 -44.48 2.64
N PRO D 255 -15.29 -44.77 3.45
CA PRO D 255 -15.43 -46.13 4.00
C PRO D 255 -15.80 -47.13 2.91
N GLN D 256 -15.38 -48.37 3.12
CA GLN D 256 -15.69 -49.46 2.21
C GLN D 256 -17.01 -50.14 2.55
N SER D 257 -17.25 -50.40 3.83
CA SER D 257 -18.49 -51.01 4.29
C SER D 257 -19.37 -49.95 4.95
N LEU D 258 -20.59 -50.37 5.27
CA LEU D 258 -21.57 -49.46 5.86
C LEU D 258 -21.22 -49.19 7.32
N PRO D 259 -20.98 -47.95 7.72
CA PRO D 259 -20.73 -47.67 9.13
C PRO D 259 -22.01 -47.78 9.95
N ASP D 260 -21.83 -48.06 11.25
CA ASP D 260 -22.95 -48.20 12.17
C ASP D 260 -23.33 -46.90 12.85
N HIS D 261 -22.67 -45.80 12.51
CA HIS D 261 -22.95 -44.49 13.09
C HIS D 261 -23.06 -43.47 11.97
N LYS D 262 -23.88 -42.45 12.20
CA LYS D 262 -24.03 -41.36 11.24
C LYS D 262 -22.68 -40.68 11.03
N TRP D 263 -22.31 -40.50 9.76
CA TRP D 263 -21.01 -39.96 9.42
C TRP D 263 -21.16 -38.92 8.34
N GLU D 264 -20.07 -38.22 8.05
CA GLU D 264 -20.08 -37.15 7.06
C GLU D 264 -18.75 -37.16 6.33
N MET D 265 -18.81 -36.98 5.01
CA MET D 265 -17.61 -36.87 4.18
C MET D 265 -17.36 -35.41 3.86
N CYS D 266 -16.18 -34.92 4.21
CA CYS D 266 -15.78 -33.55 3.90
C CYS D 266 -14.72 -33.61 2.80
N THR D 267 -15.00 -32.98 1.67
CA THR D 267 -14.08 -32.94 0.55
C THR D 267 -14.06 -31.54 -0.04
N SER D 268 -12.96 -31.22 -0.72
CA SER D 268 -12.74 -29.89 -1.28
C SER D 268 -12.67 -29.99 -2.80
N ILE D 269 -13.26 -29.00 -3.47
CA ILE D 269 -13.16 -28.94 -4.93
C ILE D 269 -11.71 -28.78 -5.36
N ASP D 270 -10.96 -27.92 -4.67
CA ASP D 270 -9.52 -27.83 -4.85
C ASP D 270 -8.86 -28.99 -4.10
N LYS D 271 -8.19 -29.87 -4.84
CA LYS D 271 -7.66 -31.09 -4.24
C LYS D 271 -6.47 -30.84 -3.33
N PHE D 272 -5.85 -29.66 -3.40
CA PHE D 272 -4.63 -29.39 -2.65
C PHE D 272 -4.78 -28.27 -1.64
N SER D 273 -5.99 -27.77 -1.41
CA SER D 273 -6.19 -26.71 -0.44
C SER D 273 -7.68 -26.57 -0.14
N TRP D 274 -8.01 -26.39 1.14
CA TRP D 274 -9.36 -26.01 1.51
C TRP D 274 -9.58 -24.52 1.33
N GLY D 275 -8.54 -23.71 1.54
CA GLY D 275 -8.63 -22.30 1.25
C GLY D 275 -8.39 -21.98 -0.21
N TYR D 276 -8.77 -20.77 -0.59
CA TYR D 276 -8.62 -20.33 -1.97
C TYR D 276 -7.14 -20.19 -2.34
N ARG D 277 -6.81 -20.58 -3.57
CA ARG D 277 -5.47 -20.42 -4.12
C ARG D 277 -5.56 -19.65 -5.42
N ARG D 278 -4.80 -18.56 -5.52
CA ARG D 278 -4.87 -17.72 -6.72
C ARG D 278 -4.35 -18.44 -7.95
N ASP D 279 -3.33 -19.29 -7.79
CA ASP D 279 -2.71 -20.00 -8.90
C ASP D 279 -3.24 -21.41 -9.07
N MET D 280 -4.52 -21.63 -8.73
CA MET D 280 -5.14 -22.93 -8.92
C MET D 280 -5.12 -23.32 -10.39
N ALA D 281 -4.67 -24.54 -10.67
CA ALA D 281 -4.67 -25.06 -12.02
C ALA D 281 -5.99 -25.78 -12.31
N LEU D 282 -6.28 -25.95 -13.60
CA LEU D 282 -7.48 -26.69 -13.99
C LEU D 282 -7.39 -28.15 -13.57
N SER D 283 -6.18 -28.72 -13.55
CA SER D 283 -6.01 -30.09 -13.09
C SER D 283 -6.15 -30.23 -11.59
N ASP D 284 -6.10 -29.13 -10.84
CA ASP D 284 -6.30 -29.17 -9.39
C ASP D 284 -7.76 -29.14 -9.00
N VAL D 285 -8.67 -28.87 -9.94
CA VAL D 285 -10.09 -28.78 -9.66
C VAL D 285 -10.72 -30.14 -9.86
N THR D 286 -11.46 -30.61 -8.86
CA THR D 286 -12.13 -31.90 -8.96
C THR D 286 -13.21 -31.84 -10.04
N GLU D 287 -13.25 -32.87 -10.87
CA GLU D 287 -14.25 -32.93 -11.94
C GLU D 287 -15.64 -33.16 -11.36
N GLU D 288 -16.64 -32.70 -12.11
CA GLU D 288 -18.07 -32.82 -11.73
C GLU D 288 -18.48 -34.29 -11.70
N SER D 289 -17.86 -35.12 -12.55
CA SER D 289 -18.18 -36.58 -12.56
C SER D 289 -17.70 -37.20 -11.25
N GLU D 290 -16.50 -36.81 -10.80
CA GLU D 290 -15.91 -37.33 -9.53
C GLU D 290 -16.67 -36.78 -8.33
N ILE D 291 -17.14 -35.52 -8.42
CA ILE D 291 -17.90 -34.91 -7.29
C ILE D 291 -19.24 -35.65 -7.13
N ILE D 292 -19.96 -35.85 -8.23
CA ILE D 292 -21.28 -36.55 -8.21
C ILE D 292 -21.08 -38.00 -7.75
N SER D 293 -19.98 -38.63 -8.20
CA SER D 293 -19.68 -40.03 -7.84
C SER D 293 -19.47 -40.19 -6.33
N GLU D 294 -18.65 -39.31 -5.73
CA GLU D 294 -18.38 -39.37 -4.27
C GLU D 294 -19.67 -39.11 -3.49
N LEU D 295 -20.50 -38.19 -3.98
CA LEU D 295 -21.78 -37.85 -3.30
C LEU D 295 -22.69 -39.07 -3.30
N VAL D 296 -22.79 -39.76 -4.45
CA VAL D 296 -23.65 -40.96 -4.59
C VAL D 296 -23.13 -42.06 -3.64
N GLN D 297 -21.81 -42.28 -3.61
CA GLN D 297 -21.26 -43.30 -2.73
C GLN D 297 -21.46 -42.95 -1.26
N THR D 298 -21.31 -41.66 -0.92
CA THR D 298 -21.49 -41.23 0.46
C THR D 298 -22.94 -41.39 0.91
N VAL D 299 -23.89 -40.98 0.08
CA VAL D 299 -25.30 -41.09 0.45
C VAL D 299 -25.73 -42.54 0.52
N SER D 300 -25.22 -43.37 -0.41
CA SER D 300 -25.58 -44.79 -0.41
C SER D 300 -25.12 -45.47 0.88
N LEU D 301 -23.93 -45.12 1.37
CA LEU D 301 -23.39 -45.69 2.59
C LEU D 301 -23.84 -44.95 3.85
N GLY D 302 -24.96 -44.23 3.78
CA GLY D 302 -25.51 -43.55 4.93
C GLY D 302 -24.68 -42.41 5.48
N GLY D 303 -24.12 -41.58 4.60
CA GLY D 303 -23.33 -40.46 5.04
C GLY D 303 -23.82 -39.15 4.43
N ASN D 304 -23.32 -38.06 4.98
CA ASN D 304 -23.59 -36.71 4.50
C ASN D 304 -22.40 -36.23 3.68
N TYR D 305 -22.66 -35.45 2.65
CA TYR D 305 -21.64 -34.97 1.74
C TYR D 305 -21.43 -33.47 1.95
N LEU D 306 -20.22 -33.09 2.35
CA LEU D 306 -19.89 -31.70 2.64
C LEU D 306 -18.81 -31.27 1.64
N LEU D 307 -19.19 -30.46 0.66
CA LEU D 307 -18.29 -30.00 -0.39
C LEU D 307 -17.77 -28.61 -0.04
N ASN D 308 -16.45 -28.43 -0.19
CA ASN D 308 -15.78 -27.22 0.28
C ASN D 308 -15.41 -26.30 -0.88
N ILE D 309 -15.62 -25.00 -0.68
CA ILE D 309 -15.16 -23.98 -1.61
C ILE D 309 -14.38 -22.94 -0.81
N GLY D 310 -13.47 -22.24 -1.50
CA GLY D 310 -12.69 -21.21 -0.87
C GLY D 310 -12.86 -19.87 -1.56
N PRO D 311 -13.51 -18.93 -0.87
CA PRO D 311 -13.67 -17.59 -1.44
C PRO D 311 -12.37 -16.81 -1.45
N THR D 312 -12.30 -15.85 -2.36
CA THR D 312 -11.13 -14.98 -2.44
C THR D 312 -11.15 -13.96 -1.30
N LYS D 313 -10.04 -13.26 -1.15
CA LYS D 313 -9.95 -12.22 -0.12
C LYS D 313 -10.90 -11.07 -0.37
N ASP D 314 -11.46 -10.95 -1.57
CA ASP D 314 -12.46 -9.95 -1.90
C ASP D 314 -13.88 -10.44 -1.70
N GLY D 315 -14.06 -11.66 -1.19
CA GLY D 315 -15.40 -12.19 -0.98
C GLY D 315 -16.08 -12.73 -2.21
N LEU D 316 -15.32 -13.23 -3.17
CA LEU D 316 -15.86 -13.73 -4.42
C LEU D 316 -15.66 -15.24 -4.52
N ILE D 317 -16.64 -15.92 -5.11
CA ILE D 317 -16.54 -17.33 -5.45
C ILE D 317 -16.24 -17.42 -6.93
N VAL D 318 -15.11 -18.02 -7.28
CA VAL D 318 -14.60 -18.01 -8.65
C VAL D 318 -15.52 -18.78 -9.57
N PRO D 319 -15.57 -18.46 -10.87
CA PRO D 319 -16.55 -19.12 -11.75
C PRO D 319 -16.42 -20.62 -11.85
N ILE D 320 -15.22 -21.19 -11.62
CA ILE D 320 -15.08 -22.64 -11.70
C ILE D 320 -15.80 -23.32 -10.53
N PHE D 321 -15.70 -22.75 -9.34
CA PHE D 321 -16.44 -23.28 -8.20
C PHE D 321 -17.94 -23.16 -8.42
N GLN D 322 -18.38 -22.02 -8.97
CA GLN D 322 -19.79 -21.85 -9.30
C GLN D 322 -20.24 -22.90 -10.31
N GLU D 323 -19.40 -23.18 -11.31
CA GLU D 323 -19.75 -24.18 -12.32
C GLU D 323 -19.90 -25.57 -11.69
N ARG D 324 -18.97 -25.94 -10.82
CA ARG D 324 -19.07 -27.24 -10.15
C ARG D 324 -20.33 -27.32 -9.29
N LEU D 325 -20.59 -26.28 -8.49
CA LEU D 325 -21.76 -26.29 -7.62
C LEU D 325 -23.06 -26.33 -8.42
N LEU D 326 -23.12 -25.57 -9.52
CA LEU D 326 -24.33 -25.54 -10.32
C LEU D 326 -24.53 -26.85 -11.08
N ALA D 327 -23.45 -27.52 -11.49
CA ALA D 327 -23.60 -28.84 -12.08
C ALA D 327 -24.15 -29.83 -11.07
N VAL D 328 -23.66 -29.74 -9.82
CA VAL D 328 -24.15 -30.65 -8.74
C VAL D 328 -25.64 -30.35 -8.51
N GLY D 329 -26.03 -29.07 -8.51
CA GLY D 329 -27.42 -28.71 -8.33
C GLY D 329 -28.30 -29.14 -9.49
N LYS D 330 -27.79 -29.06 -10.71
CA LYS D 330 -28.55 -29.52 -11.88
C LYS D 330 -28.77 -31.02 -11.82
N TRP D 331 -27.75 -31.75 -11.37
CA TRP D 331 -27.88 -33.22 -11.24
C TRP D 331 -28.90 -33.54 -10.14
N LEU D 332 -28.87 -32.77 -9.05
CA LEU D 332 -29.79 -32.98 -7.94
C LEU D 332 -31.23 -32.61 -8.30
N SER D 333 -31.45 -31.59 -9.14
CA SER D 333 -32.81 -31.24 -9.53
C SER D 333 -33.52 -32.40 -10.20
N ILE D 334 -32.78 -33.33 -10.76
CA ILE D 334 -33.35 -34.53 -11.38
C ILE D 334 -33.36 -35.72 -10.41
N ASN D 335 -32.27 -35.93 -9.68
CA ASN D 335 -32.11 -37.14 -8.88
C ASN D 335 -32.22 -36.88 -7.38
N GLY D 336 -32.92 -35.83 -6.96
CA GLY D 336 -33.01 -35.53 -5.54
C GLY D 336 -33.81 -36.54 -4.75
N GLU D 337 -34.91 -37.04 -5.31
CA GLU D 337 -35.78 -37.94 -4.58
C GLU D 337 -35.09 -39.27 -4.26
N ALA D 338 -33.96 -39.56 -4.88
CA ALA D 338 -33.13 -40.70 -4.53
C ALA D 338 -32.06 -40.35 -3.50
N ILE D 339 -31.96 -39.09 -3.09
CA ILE D 339 -30.88 -38.65 -2.22
C ILE D 339 -31.45 -38.05 -0.94
N TYR D 340 -32.26 -37.00 -1.07
CA TYR D 340 -32.77 -36.30 0.10
C TYR D 340 -33.71 -37.18 0.90
N ALA D 341 -33.51 -37.21 2.23
CA ALA D 341 -34.36 -37.97 3.15
C ALA D 341 -34.41 -39.45 2.77
N SER D 342 -33.30 -39.98 2.29
CA SER D 342 -33.17 -41.39 1.94
C SER D 342 -32.36 -42.12 2.99
N LYS D 343 -32.42 -43.44 2.94
CA LYS D 343 -31.68 -44.30 3.85
C LYS D 343 -31.00 -45.42 3.07
N PRO D 344 -29.90 -45.95 3.59
CA PRO D 344 -29.22 -47.06 2.89
C PRO D 344 -30.10 -48.30 2.82
N TRP D 345 -29.95 -49.04 1.72
CA TRP D 345 -30.67 -50.29 1.51
C TRP D 345 -29.90 -51.42 2.19
N ARG D 346 -30.29 -52.67 1.90
CA ARG D 346 -29.66 -53.83 2.52
C ARG D 346 -28.39 -54.27 1.82
N VAL D 347 -28.09 -53.74 0.63
CA VAL D 347 -26.91 -54.12 -0.14
C VAL D 347 -25.98 -52.92 -0.34
N GLN D 348 -26.53 -51.78 -0.76
CA GLN D 348 -25.86 -50.49 -0.90
C GLN D 348 -24.92 -50.42 -2.11
N TRP D 349 -24.64 -51.56 -2.75
CA TRP D 349 -23.92 -51.56 -4.02
C TRP D 349 -23.90 -52.98 -4.58
N GLU D 350 -24.04 -53.08 -5.89
CA GLU D 350 -23.89 -54.36 -6.57
C GLU D 350 -22.40 -54.68 -6.70
N LYS D 351 -22.01 -55.89 -6.25
CA LYS D 351 -20.62 -56.31 -6.27
C LYS D 351 -20.23 -56.96 -7.59
N ASN D 352 -21.15 -57.03 -8.56
CA ASN D 352 -20.86 -57.67 -9.83
C ASN D 352 -21.28 -56.87 -11.06
N THR D 353 -21.80 -55.66 -10.90
CA THR D 353 -22.28 -54.88 -12.03
C THR D 353 -21.44 -53.60 -12.18
N THR D 354 -21.87 -52.74 -13.10
CA THR D 354 -21.11 -51.54 -13.47
C THR D 354 -21.42 -50.42 -12.49
N SER D 355 -20.82 -50.54 -11.30
CA SER D 355 -20.80 -49.49 -10.29
C SER D 355 -22.21 -48.95 -10.01
N VAL D 356 -23.05 -49.83 -9.46
CA VAL D 356 -24.42 -49.48 -9.09
C VAL D 356 -24.49 -49.37 -7.57
N TRP D 357 -25.06 -48.27 -7.08
CA TRP D 357 -25.22 -48.01 -5.67
C TRP D 357 -26.71 -47.90 -5.33
N TYR D 358 -27.07 -48.25 -4.11
CA TYR D 358 -28.47 -48.40 -3.73
C TYR D 358 -28.84 -47.42 -2.63
N THR D 359 -29.96 -46.71 -2.83
CA THR D 359 -30.62 -45.97 -1.79
C THR D 359 -32.05 -46.48 -1.67
N SER D 360 -32.72 -46.14 -0.57
CA SER D 360 -34.09 -46.55 -0.37
C SER D 360 -34.88 -45.45 0.30
N LYS D 361 -36.10 -45.21 -0.18
CA LYS D 361 -37.01 -44.25 0.43
C LYS D 361 -38.40 -44.88 0.47
N GLY D 362 -38.91 -45.11 1.67
CA GLY D 362 -40.19 -45.78 1.79
C GLY D 362 -40.12 -47.18 1.22
N SER D 363 -41.02 -47.47 0.27
CA SER D 363 -41.01 -48.74 -0.44
C SER D 363 -40.25 -48.67 -1.76
N ALA D 364 -39.71 -47.50 -2.12
CA ALA D 364 -39.00 -47.33 -3.38
C ALA D 364 -37.51 -47.58 -3.19
N VAL D 365 -36.91 -48.28 -4.16
CA VAL D 365 -35.49 -48.58 -4.15
C VAL D 365 -34.87 -47.90 -5.36
N TYR D 366 -33.82 -47.13 -5.13
CA TYR D 366 -33.16 -46.38 -6.20
C TYR D 366 -31.78 -47.00 -6.45
N ALA D 367 -31.53 -47.34 -7.71
CA ALA D 367 -30.23 -47.81 -8.16
C ALA D 367 -29.59 -46.70 -8.98
N ILE D 368 -28.56 -46.08 -8.43
CA ILE D 368 -27.83 -45.02 -9.09
C ILE D 368 -26.58 -45.64 -9.70
N PHE D 369 -26.48 -45.59 -11.03
CA PHE D 369 -25.33 -46.13 -11.73
C PHE D 369 -24.58 -45.01 -12.44
N LEU D 370 -23.25 -45.10 -12.39
CA LEU D 370 -22.36 -44.08 -12.92
C LEU D 370 -21.77 -44.45 -14.27
N HIS D 371 -21.95 -45.67 -14.73
CA HIS D 371 -21.45 -46.13 -16.02
C HIS D 371 -22.61 -46.65 -16.85
N TRP D 372 -22.80 -46.08 -18.02
CA TRP D 372 -23.85 -46.55 -18.93
C TRP D 372 -23.39 -47.83 -19.61
N PRO D 373 -24.13 -48.93 -19.48
CA PRO D 373 -23.70 -50.17 -20.13
C PRO D 373 -23.66 -50.03 -21.64
N GLU D 374 -22.65 -50.63 -22.25
CA GLU D 374 -22.49 -50.55 -23.70
C GLU D 374 -23.63 -51.26 -24.42
N ASN D 375 -24.07 -52.39 -23.88
CA ASN D 375 -25.11 -53.18 -24.53
C ASN D 375 -26.51 -52.67 -24.25
N GLY D 376 -26.67 -51.71 -23.35
CA GLY D 376 -27.94 -51.04 -23.14
C GLY D 376 -28.88 -51.68 -22.15
N VAL D 377 -28.50 -52.78 -21.52
CA VAL D 377 -29.32 -53.45 -20.52
C VAL D 377 -28.57 -53.45 -19.19
N LEU D 378 -29.26 -53.00 -18.13
CA LEU D 378 -28.68 -52.93 -16.80
C LEU D 378 -29.04 -54.18 -16.02
N ASN D 379 -28.01 -54.86 -15.50
CA ASN D 379 -28.19 -56.07 -14.72
C ASN D 379 -28.20 -55.71 -13.24
N LEU D 380 -29.23 -56.17 -12.53
CA LEU D 380 -29.41 -55.90 -11.09
C LEU D 380 -29.70 -57.22 -10.41
N GLU D 381 -28.69 -57.81 -9.78
CA GLU D 381 -28.86 -59.10 -9.12
C GLU D 381 -29.59 -58.99 -7.79
N SER D 382 -29.32 -57.94 -7.03
CA SER D 382 -29.85 -57.83 -5.67
C SER D 382 -31.37 -57.74 -5.60
N PRO D 383 -32.06 -56.89 -6.36
CA PRO D 383 -33.50 -56.71 -6.14
C PRO D 383 -34.28 -57.99 -6.41
N ILE D 384 -35.34 -58.18 -5.63
CA ILE D 384 -36.27 -59.28 -5.80
C ILE D 384 -37.55 -58.72 -6.40
N THR D 385 -37.92 -59.21 -7.58
CA THR D 385 -39.06 -58.66 -8.31
C THR D 385 -40.36 -59.29 -7.83
N THR D 386 -41.38 -58.44 -7.67
CA THR D 386 -42.73 -58.88 -7.37
C THR D 386 -43.62 -58.61 -8.58
N SER D 387 -44.87 -59.07 -8.51
CA SER D 387 -45.79 -58.91 -9.62
C SER D 387 -46.20 -57.46 -9.85
N THR D 388 -45.93 -56.57 -8.90
CA THR D 388 -46.25 -55.15 -9.01
C THR D 388 -44.99 -54.29 -9.14
N THR D 389 -44.00 -54.79 -9.88
CA THR D 389 -42.73 -54.10 -10.03
C THR D 389 -42.78 -53.15 -11.22
N LYS D 390 -42.32 -51.92 -11.01
CA LYS D 390 -42.29 -50.91 -12.06
C LYS D 390 -40.93 -50.22 -12.08
N ILE D 391 -40.36 -50.07 -13.26
CA ILE D 391 -39.08 -49.38 -13.46
C ILE D 391 -39.38 -48.00 -14.04
N THR D 392 -38.75 -46.98 -13.47
CA THR D 392 -39.10 -45.60 -13.78
C THR D 392 -38.04 -44.81 -14.52
N MET D 393 -36.76 -44.99 -14.19
CA MET D 393 -35.66 -44.25 -14.82
C MET D 393 -35.85 -42.75 -14.64
N LEU D 394 -35.68 -42.33 -13.39
CA LEU D 394 -35.81 -40.93 -12.96
C LEU D 394 -35.26 -39.97 -14.00
N GLY D 395 -36.09 -38.97 -14.36
CA GLY D 395 -35.77 -38.00 -15.36
C GLY D 395 -36.42 -38.26 -16.70
N ILE D 396 -36.91 -39.47 -16.94
CA ILE D 396 -37.58 -39.84 -18.18
C ILE D 396 -38.96 -40.38 -17.84
N GLN D 397 -39.98 -39.82 -18.49
CA GLN D 397 -41.35 -40.30 -18.31
C GLN D 397 -41.56 -41.58 -19.10
N GLY D 398 -42.17 -42.58 -18.47
CA GLY D 398 -42.41 -43.85 -19.13
C GLY D 398 -41.71 -45.02 -18.48
N ASP D 399 -42.40 -46.15 -18.36
CA ASP D 399 -41.82 -47.33 -17.74
C ASP D 399 -40.76 -47.95 -18.65
N LEU D 400 -39.98 -48.85 -18.07
CA LEU D 400 -38.92 -49.54 -18.79
C LEU D 400 -39.23 -51.04 -18.87
N LYS D 401 -38.81 -51.64 -19.98
CA LYS D 401 -38.93 -53.09 -20.13
C LYS D 401 -37.92 -53.79 -19.23
N TRP D 402 -38.36 -54.85 -18.57
CA TRP D 402 -37.49 -55.61 -17.68
C TRP D 402 -37.87 -57.08 -17.69
N SER D 403 -36.84 -57.92 -17.65
CA SER D 403 -37.00 -59.37 -17.64
C SER D 403 -36.27 -59.95 -16.43
N THR D 404 -36.94 -60.84 -15.70
CA THR D 404 -36.39 -61.45 -14.50
C THR D 404 -35.82 -62.83 -14.85
N ASP D 405 -34.51 -62.92 -14.92
CA ASP D 405 -33.85 -64.20 -15.15
C ASP D 405 -33.94 -65.05 -13.88
N PRO D 406 -34.30 -66.32 -13.98
CA PRO D 406 -34.35 -67.18 -12.79
C PRO D 406 -32.98 -67.37 -12.14
N ASP D 407 -32.02 -67.86 -12.91
CA ASP D 407 -30.68 -68.11 -12.38
C ASP D 407 -29.91 -66.81 -12.17
N LYS D 408 -29.99 -65.89 -13.13
CA LYS D 408 -29.32 -64.61 -13.05
C LYS D 408 -30.24 -63.59 -12.35
N GLY D 409 -29.88 -62.32 -12.43
CA GLY D 409 -30.65 -61.26 -11.82
C GLY D 409 -31.62 -60.60 -12.77
N LEU D 410 -32.13 -59.45 -12.36
CA LEU D 410 -33.03 -58.66 -13.19
C LEU D 410 -32.26 -57.97 -14.32
N PHE D 411 -32.93 -57.81 -15.46
CA PHE D 411 -32.36 -57.14 -16.62
C PHE D 411 -33.32 -56.03 -17.04
N ILE D 412 -32.89 -54.78 -16.94
CA ILE D 412 -33.70 -53.62 -17.24
C ILE D 412 -33.27 -53.05 -18.59
N SER D 413 -34.21 -52.88 -19.50
CA SER D 413 -33.94 -52.29 -20.80
C SER D 413 -33.90 -50.78 -20.65
N LEU D 414 -32.72 -50.18 -20.80
CA LEU D 414 -32.55 -48.75 -20.66
C LEU D 414 -33.06 -48.02 -21.90
N PRO D 415 -33.54 -46.78 -21.75
CA PRO D 415 -33.99 -46.01 -22.92
C PRO D 415 -32.79 -45.57 -23.75
N GLN D 416 -32.80 -45.93 -25.03
CA GLN D 416 -31.72 -45.59 -25.95
C GLN D 416 -31.93 -44.15 -26.42
N LEU D 417 -31.32 -43.21 -25.70
CA LEU D 417 -31.49 -41.80 -25.98
C LEU D 417 -30.38 -41.30 -26.89
N PRO D 418 -30.69 -40.42 -27.83
CA PRO D 418 -29.67 -39.82 -28.68
C PRO D 418 -28.81 -38.84 -27.89
N PRO D 419 -27.63 -38.48 -28.41
CA PRO D 419 -26.80 -37.51 -27.70
C PRO D 419 -27.50 -36.17 -27.54
N SER D 420 -27.18 -35.47 -26.45
CA SER D 420 -27.81 -34.20 -26.08
C SER D 420 -29.30 -34.37 -25.80
N ALA D 421 -29.69 -35.55 -25.29
CA ALA D 421 -31.06 -35.80 -24.88
C ALA D 421 -31.18 -36.48 -23.53
N VAL D 422 -30.09 -36.95 -22.94
CA VAL D 422 -30.11 -37.59 -21.63
C VAL D 422 -30.44 -36.55 -20.57
N PRO D 423 -31.17 -36.90 -19.50
CA PRO D 423 -31.45 -35.92 -18.45
C PRO D 423 -30.19 -35.45 -17.74
N ALA D 424 -29.40 -36.37 -17.21
CA ALA D 424 -28.13 -36.06 -16.60
C ALA D 424 -27.00 -36.44 -17.54
N GLU D 425 -25.76 -36.22 -17.10
CA GLU D 425 -24.60 -36.47 -17.94
C GLU D 425 -23.60 -37.47 -17.39
N PHE D 426 -23.62 -37.76 -16.08
CA PHE D 426 -22.61 -38.64 -15.50
C PHE D 426 -23.15 -39.73 -14.59
N ALA D 427 -24.37 -39.56 -14.06
CA ALA D 427 -24.96 -40.58 -13.16
C ALA D 427 -26.47 -40.64 -13.40
N TRP D 428 -27.06 -41.85 -13.41
CA TRP D 428 -28.47 -42.00 -13.68
C TRP D 428 -29.11 -42.86 -12.60
N THR D 429 -30.40 -42.62 -12.35
CA THR D 429 -31.12 -43.27 -11.28
C THR D 429 -32.28 -44.09 -11.84
N ILE D 430 -32.36 -45.34 -11.41
CA ILE D 430 -33.46 -46.24 -11.74
C ILE D 430 -34.31 -46.40 -10.48
N LYS D 431 -35.60 -46.14 -10.60
CA LYS D 431 -36.52 -46.25 -9.47
C LYS D 431 -37.34 -47.52 -9.59
N LEU D 432 -37.32 -48.35 -8.54
CA LEU D 432 -38.05 -49.60 -8.50
C LEU D 432 -39.09 -49.53 -7.39
N THR D 433 -40.34 -49.80 -7.75
CA THR D 433 -41.46 -49.83 -6.81
C THR D 433 -41.97 -51.26 -6.69
N GLY D 434 -42.39 -51.63 -5.48
CA GLY D 434 -42.83 -52.99 -5.25
C GLY D 434 -41.72 -54.02 -5.37
N VAL D 435 -40.56 -53.74 -4.80
CA VAL D 435 -39.41 -54.62 -4.85
C VAL D 435 -38.93 -54.88 -3.43
N LYS D 436 -38.70 -56.15 -3.10
CA LYS D 436 -38.19 -56.53 -1.79
C LYS D 436 -36.67 -56.41 -1.74
C1 NAG E . -6.43 -8.23 42.70
C2 NAG E . -6.91 -9.38 41.81
C3 NAG E . -7.00 -10.71 42.55
C4 NAG E . -5.80 -10.93 43.45
C5 NAG E . -5.52 -9.68 44.27
C6 NAG E . -4.34 -9.88 45.22
C7 NAG E . -8.33 -8.80 39.93
C8 NAG E . -9.65 -8.25 39.48
N2 NAG E . -8.20 -9.04 41.23
O3 NAG E . -7.04 -11.77 41.59
O4 NAG E . -6.04 -12.05 44.31
O5 NAG E . -5.25 -8.62 43.38
O6 NAG E . -3.15 -10.08 44.46
O7 NAG E . -7.44 -9.01 39.14
C1 NAG F . 4.66 9.35 -42.70
C2 NAG F . 5.49 10.27 -41.81
C3 NAG F . 6.66 10.92 -42.55
C4 NAG F . 7.37 9.93 -43.45
C5 NAG F . 6.36 9.15 -44.28
C6 NAG F . 7.04 8.16 -45.22
C7 NAG F . 4.36 11.31 -39.93
C8 NAG F . 3.30 12.27 -39.48
N2 NAG F . 4.63 11.29 -41.23
O3 NAG F . 7.60 11.41 -41.59
O4 NAG F . 8.28 10.64 -44.32
O5 NAG F . 5.52 8.45 -43.38
O6 NAG F . 7.73 7.18 -44.46
O7 NAG F . 4.93 10.59 -39.14
C1 NAG G . 16.92 24.78 -32.13
C2 NAG G . 15.98 23.69 -32.66
C3 NAG G . 15.43 24.02 -34.05
C4 NAG G . 15.01 25.47 -34.17
C5 NAG G . 16.10 26.38 -33.61
C6 NAG G . 15.73 27.85 -33.74
C7 NAG G . 16.34 21.43 -31.86
C8 NAG G . 17.26 20.25 -31.82
N2 NAG G . 16.68 22.42 -32.68
O3 NAG G . 14.28 23.20 -34.29
O4 NAG G . 14.76 25.78 -35.54
O5 NAG G . 16.30 26.04 -32.25
O6 NAG G . 14.59 28.12 -32.93
O7 NAG G . 15.34 21.48 -31.17
C1 NAG H . -15.14 -25.90 32.12
C2 NAG H . -14.56 -24.59 32.66
C3 NAG H . -15.09 -24.23 34.05
C4 NAG H . -16.58 -24.47 34.17
C5 NAG H . -16.94 -25.84 33.61
C6 NAG H . -18.43 -26.14 33.74
C7 NAG H . -12.37 -23.95 31.86
C8 NAG H . -10.90 -24.27 31.82
N2 NAG H . -13.11 -24.67 32.68
O3 NAG H . -14.84 -22.84 34.29
O4 NAG H . -16.97 -24.38 35.53
O5 NAG H . -16.55 -25.88 32.25
O6 NAG H . -19.17 -25.22 32.93
O7 NAG H . -12.84 -23.07 31.17
#